data_6V9U
#
_entry.id   6V9U
#
_cell.length_a   163.590
_cell.length_b   86.753
_cell.length_c   151.399
_cell.angle_alpha   90.000
_cell.angle_beta   119.800
_cell.angle_gamma   90.000
#
_symmetry.space_group_name_H-M   'C 1 2 1'
#
loop_
_entity.id
_entity.type
_entity.pdbx_description
1 polymer 'Toll-like receptor 8'
2 branched alpha-D-mannopyranose-(1-3)-[alpha-D-mannopyranose-(1-6)]beta-D-mannopyranose-(1-4)-2-acetamido-2-deoxy-beta-D-glucopyranose-(1-4)-2-acetamido-2-deoxy-beta-D-glucopyranose
3 branched 2-acetamido-2-deoxy-beta-D-glucopyranose-(1-4)-2-acetamido-2-deoxy-beta-D-glucopyranose
4 branched beta-D-mannopyranose-(1-4)-2-acetamido-2-deoxy-beta-D-glucopyranose-(1-4)-2-acetamido-2-deoxy-beta-D-glucopyranose
5 branched alpha-D-mannopyranose-(1-3)-alpha-D-mannopyranose-(1-6)-beta-D-mannopyranose-(1-4)-2-acetamido-2-deoxy-beta-D-glucopyranose-(1-4)-2-acetamido-2-deoxy-beta-D-glucopyranose
6 non-polymer 2-acetamido-2-deoxy-beta-D-glucopyranose
7 non-polymer 2-(3,4-dimethoxyphenyl)-5-(piperidin-4-yl)-3-(propan-2-yl)-1H-indole
8 water water
#
_entity_poly.entity_id   1
_entity_poly.type   'polypeptide(L)'
_entity_poly.pdbx_seq_one_letter_code
;RSPWEENFSRSYPCDEKKQNDSVIAECSNRRLQEVPQTVGKYVTELDLSDNFITHITNESFQGLQNLTKINLNHNPNVQH
QNGNPGIQSNGLNITDGAFLNLKNLRELLLEDNQLPQIPSGLPESLTELSLIQNNIYNITKEGISRLINLKNLYLAWNCY
FNKVCEKTNIEDGVFETLTNLELLSLSFNSLSHVPPKLPSSLRKLFLSNTQIKYISEEDFKGLINLTLLDLSGNCPRCFN
APFPCVPCDGGASINIDRFAFQNLTQLRYLNLSSTSLRKINAAWFKNMPHLKVLDLEFNYLVGEIASGAFLTMLPRLEIL
DLSFNYIKGSYPQHINISRNFSKLLSLRALHLRGYVFQELREDDFQPLMQLPNLSTINLGINFIKQIDFKLFQNFSNLEI
IYLSENRISPLVKDTRQSYANSSSFQRHIRKRRSTDFEFDPHSNFYHFTRPLIKPQCAAYGKALDLSLNSIFFIGPNQFE
NLPDIACLNLSANSNAQVLSGTEFSAIPHVKYLDLTNNRLDFDNASALTELSDLEVLDLSYNSHYFRIAGVTHHLEFIQN
FTNLKVLNLSHNNIYTLTDKYNLESKSLVELVFSGNRLDILWNDDDNRYISIFKGLKNLTRLDLSLNRLKHIPNEAFLNL
PASLTELHINDNMLKFFNWTLLQQFPRLELLDLRGNKLLFLTDSLSDFTSSLRTLLLSHNRISHLPSGFLSEVSSLKHLD
LSSNLLKTINKSALETKTTTKLSMLELHGNPFECTCDIGDFRRWMDEHLNVKIPRLVDVICASPGDQRGKSIVSLELTTC
VSDVTEFLVPR
;
_entity_poly.pdbx_strand_id   A,B
#
# COMPACT_ATOMS: atom_id res chain seq x y z
N ARG A 10 -17.07 5.22 -44.09
CA ARG A 10 -16.74 5.00 -42.68
C ARG A 10 -17.46 6.01 -41.79
N SER A 11 -18.06 5.53 -40.69
CA SER A 11 -18.80 6.36 -39.74
C SER A 11 -17.86 7.13 -38.80
N TYR A 12 -18.03 8.47 -38.77
CA TYR A 12 -17.22 9.37 -37.95
C TYR A 12 -18.06 10.56 -37.44
N PRO A 13 -17.97 10.95 -36.13
CA PRO A 13 -17.13 10.40 -35.06
C PRO A 13 -17.74 9.20 -34.31
N CYS A 14 -19.06 8.99 -34.44
CA CYS A 14 -19.81 7.93 -33.78
C CYS A 14 -19.60 6.58 -34.46
N ASP A 15 -19.50 5.50 -33.65
CA ASP A 15 -19.32 4.14 -34.14
C ASP A 15 -20.66 3.41 -34.28
N GLU A 16 -21.03 3.06 -35.52
CA GLU A 16 -22.29 2.38 -35.84
C GLU A 16 -22.24 0.89 -35.49
N LYS A 17 -23.30 0.40 -34.83
CA LYS A 17 -23.46 -1.01 -34.42
C LYS A 17 -24.94 -1.38 -34.36
N SER A 22 -32.46 -2.80 -35.02
CA SER A 22 -32.12 -1.49 -34.45
C SER A 22 -30.60 -1.25 -34.47
N VAL A 23 -30.19 -0.07 -34.98
CA VAL A 23 -28.78 0.34 -35.06
C VAL A 23 -28.46 1.42 -34.01
N ILE A 24 -27.35 1.23 -33.26
CA ILE A 24 -26.91 2.14 -32.20
C ILE A 24 -25.56 2.78 -32.59
N ALA A 25 -25.48 4.12 -32.49
CA ALA A 25 -24.27 4.88 -32.79
C ALA A 25 -23.65 5.46 -31.51
N GLU A 26 -22.56 4.83 -31.03
CA GLU A 26 -21.85 5.22 -29.81
C GLU A 26 -20.89 6.38 -30.09
N CYS A 27 -21.19 7.55 -29.51
CA CYS A 27 -20.41 8.79 -29.64
C CYS A 27 -19.93 9.28 -28.27
N SER A 28 -19.74 8.34 -27.31
CA SER A 28 -19.32 8.61 -25.94
C SER A 28 -17.84 8.89 -25.81
N ASN A 29 -17.49 10.00 -25.10
CA ASN A 29 -16.13 10.46 -24.82
C ASN A 29 -15.25 10.55 -26.08
N ARG A 30 -15.51 11.57 -26.91
CA ARG A 30 -14.80 11.80 -28.18
C ARG A 30 -14.34 13.27 -28.34
N ARG A 31 -14.39 14.06 -27.24
CA ARG A 31 -14.01 15.48 -27.13
C ARG A 31 -14.84 16.41 -28.04
N LEU A 32 -16.10 16.04 -28.30
CA LEU A 32 -17.01 16.81 -29.15
C LEU A 32 -17.51 18.10 -28.47
N GLN A 33 -17.26 19.26 -29.12
CA GLN A 33 -17.67 20.57 -28.64
C GLN A 33 -19.11 20.92 -29.04
N GLU A 34 -19.61 20.27 -30.11
CA GLU A 34 -20.96 20.45 -30.64
C GLU A 34 -21.53 19.13 -31.18
N VAL A 35 -22.85 19.10 -31.48
CA VAL A 35 -23.56 17.92 -32.00
C VAL A 35 -23.13 17.67 -33.47
N PRO A 36 -22.62 16.45 -33.81
CA PRO A 36 -22.19 16.21 -35.20
C PRO A 36 -23.34 16.00 -36.17
N GLN A 37 -23.22 16.61 -37.37
CA GLN A 37 -24.20 16.52 -38.44
C GLN A 37 -23.95 15.32 -39.38
N THR A 38 -22.79 14.66 -39.21
CA THR A 38 -22.36 13.49 -40.00
C THR A 38 -23.12 12.19 -39.65
N VAL A 39 -23.94 12.22 -38.58
CA VAL A 39 -24.74 11.09 -38.09
C VAL A 39 -25.83 10.75 -39.12
N GLY A 40 -25.90 9.47 -39.51
CA GLY A 40 -26.87 8.95 -40.47
C GLY A 40 -28.30 8.99 -39.99
N LYS A 41 -29.25 9.11 -40.94
CA LYS A 41 -30.69 9.18 -40.69
C LYS A 41 -31.29 7.86 -40.16
N TYR A 42 -30.69 6.72 -40.52
CA TYR A 42 -31.11 5.38 -40.11
C TYR A 42 -30.91 5.08 -38.62
N VAL A 43 -30.04 5.86 -37.94
CA VAL A 43 -29.68 5.74 -36.52
C VAL A 43 -30.92 5.91 -35.61
N THR A 44 -31.19 4.87 -34.78
CA THR A 44 -32.32 4.83 -33.84
C THR A 44 -31.90 5.26 -32.43
N GLU A 45 -30.66 4.92 -32.02
CA GLU A 45 -30.12 5.25 -30.69
C GLU A 45 -28.80 6.01 -30.80
N LEU A 46 -28.72 7.20 -30.19
CA LEU A 46 -27.54 8.05 -30.19
C LEU A 46 -27.12 8.42 -28.76
N ASP A 47 -25.87 8.07 -28.39
CA ASP A 47 -25.31 8.31 -27.07
C ASP A 47 -24.16 9.32 -27.16
N LEU A 48 -24.43 10.58 -26.77
CA LEU A 48 -23.47 11.69 -26.79
C LEU A 48 -22.98 12.03 -25.37
N SER A 49 -22.74 11.00 -24.53
CA SER A 49 -22.29 11.15 -23.15
C SER A 49 -20.79 11.49 -23.01
N ASP A 50 -20.42 12.13 -21.87
CA ASP A 50 -19.07 12.53 -21.47
C ASP A 50 -18.34 13.41 -22.53
N ASN A 51 -19.09 14.31 -23.19
CA ASN A 51 -18.54 15.22 -24.21
C ASN A 51 -18.61 16.69 -23.75
N PHE A 52 -17.87 17.58 -24.44
CA PHE A 52 -17.79 19.02 -24.12
C PHE A 52 -18.85 19.88 -24.84
N ILE A 53 -20.03 19.29 -25.15
CA ILE A 53 -21.15 19.98 -25.81
C ILE A 53 -21.80 20.96 -24.82
N THR A 54 -22.02 22.22 -25.26
CA THR A 54 -22.58 23.29 -24.43
C THR A 54 -23.96 23.79 -24.88
N HIS A 55 -24.25 23.74 -26.19
CA HIS A 55 -25.54 24.22 -26.73
C HIS A 55 -26.33 23.15 -27.49
N ILE A 56 -27.65 23.09 -27.22
CA ILE A 56 -28.61 22.17 -27.84
C ILE A 56 -29.74 22.99 -28.48
N THR A 57 -29.85 22.94 -29.83
CA THR A 57 -30.87 23.67 -30.60
C THR A 57 -31.77 22.72 -31.41
N ASN A 58 -32.75 23.29 -32.15
CA ASN A 58 -33.68 22.55 -33.00
C ASN A 58 -33.01 21.98 -34.26
N GLU A 59 -31.87 22.57 -34.67
CA GLU A 59 -31.10 22.15 -35.84
C GLU A 59 -30.13 21.00 -35.54
N SER A 60 -29.83 20.76 -34.23
CA SER A 60 -28.92 19.71 -33.76
C SER A 60 -29.39 18.29 -34.13
N PHE A 61 -30.70 18.03 -34.06
CA PHE A 61 -31.29 16.74 -34.40
C PHE A 61 -32.28 16.85 -35.57
N GLN A 62 -32.01 17.77 -36.51
CA GLN A 62 -32.83 18.03 -37.70
C GLN A 62 -32.76 16.88 -38.70
N GLY A 63 -33.94 16.45 -39.17
CA GLY A 63 -34.09 15.37 -40.13
C GLY A 63 -33.73 14.00 -39.59
N LEU A 64 -33.99 13.78 -38.29
CA LEU A 64 -33.70 12.51 -37.61
C LEU A 64 -34.93 11.96 -36.88
N GLN A 65 -36.00 11.67 -37.65
CA GLN A 65 -37.27 11.14 -37.16
C GLN A 65 -37.17 9.71 -36.63
N ASN A 66 -36.17 8.92 -37.11
CA ASN A 66 -35.95 7.52 -36.71
C ASN A 66 -35.42 7.36 -35.27
N LEU A 67 -34.88 8.43 -34.66
CA LEU A 67 -34.33 8.41 -33.30
C LEU A 67 -35.39 8.19 -32.23
N THR A 68 -35.11 7.24 -31.32
CA THR A 68 -35.98 6.86 -30.19
C THR A 68 -35.32 7.18 -28.85
N LYS A 69 -33.98 7.03 -28.77
CA LYS A 69 -33.21 7.28 -27.55
C LYS A 69 -32.06 8.25 -27.80
N ILE A 70 -31.98 9.30 -26.96
CA ILE A 70 -30.92 10.32 -26.99
C ILE A 70 -30.34 10.48 -25.58
N ASN A 71 -29.01 10.26 -25.46
CA ASN A 71 -28.27 10.36 -24.19
C ASN A 71 -27.34 11.57 -24.25
N LEU A 72 -27.52 12.51 -23.32
CA LEU A 72 -26.70 13.73 -23.22
C LEU A 72 -26.16 13.93 -21.80
N ASN A 73 -25.63 12.85 -21.20
CA ASN A 73 -25.06 12.83 -19.85
C ASN A 73 -23.67 13.43 -19.75
N HIS A 74 -23.41 14.18 -18.66
CA HIS A 74 -22.14 14.84 -18.33
C HIS A 74 -21.66 15.81 -19.43
N ASN A 75 -22.58 16.67 -19.93
CA ASN A 75 -22.31 17.67 -20.97
C ASN A 75 -22.45 19.11 -20.43
N PRO A 76 -21.34 19.88 -20.29
CA PRO A 76 -19.94 19.54 -20.60
C PRO A 76 -19.21 18.83 -19.45
N ASN A 77 -17.94 18.43 -19.70
CA ASN A 77 -17.03 17.75 -18.77
C ASN A 77 -17.59 16.44 -18.22
N GLY A 91 -23.57 25.58 -17.50
CA GLY A 91 -23.67 24.19 -17.96
C GLY A 91 -24.17 24.06 -19.38
N LEU A 92 -25.16 23.18 -19.58
CA LEU A 92 -25.77 22.92 -20.89
C LEU A 92 -26.95 23.88 -21.14
N ASN A 93 -27.01 24.45 -22.36
CA ASN A 93 -28.05 25.40 -22.78
C ASN A 93 -28.98 24.76 -23.80
N ILE A 94 -30.25 24.57 -23.44
CA ILE A 94 -31.27 23.97 -24.30
C ILE A 94 -32.36 25.00 -24.64
N THR A 95 -32.58 25.25 -25.93
CA THR A 95 -33.60 26.19 -26.44
C THR A 95 -35.00 25.56 -26.31
N ASP A 96 -36.04 26.42 -26.30
CA ASP A 96 -37.44 26.00 -26.18
C ASP A 96 -37.91 25.21 -27.40
N GLY A 97 -38.32 23.97 -27.17
CA GLY A 97 -38.79 23.05 -28.20
C GLY A 97 -37.68 22.53 -29.11
N ALA A 98 -36.49 22.30 -28.53
CA ALA A 98 -35.32 21.79 -29.25
C ALA A 98 -35.48 20.33 -29.67
N PHE A 99 -36.19 19.54 -28.84
CA PHE A 99 -36.45 18.11 -29.09
C PHE A 99 -37.86 17.87 -29.65
N LEU A 100 -38.73 18.91 -29.64
CA LEU A 100 -40.12 18.90 -30.10
C LEU A 100 -40.32 18.34 -31.52
N ASN A 101 -39.34 18.54 -32.42
CA ASN A 101 -39.39 18.04 -33.81
C ASN A 101 -39.33 16.51 -33.90
N LEU A 102 -38.70 15.85 -32.90
CA LEU A 102 -38.57 14.39 -32.84
C LEU A 102 -39.90 13.78 -32.39
N LYS A 103 -40.49 12.93 -33.24
CA LYS A 103 -41.78 12.29 -32.98
C LYS A 103 -41.67 10.91 -32.33
N ASN A 104 -40.61 10.14 -32.67
CA ASN A 104 -40.39 8.79 -32.15
C ASN A 104 -39.56 8.74 -30.85
N LEU A 105 -39.14 9.91 -30.32
CA LEU A 105 -38.35 10.01 -29.09
C LEU A 105 -39.12 9.50 -27.87
N ARG A 106 -38.61 8.40 -27.27
CA ARG A 106 -39.20 7.73 -26.11
C ARG A 106 -38.32 7.86 -24.86
N GLU A 107 -36.99 7.81 -25.01
CA GLU A 107 -36.05 7.93 -23.90
C GLU A 107 -35.13 9.13 -24.08
N LEU A 108 -34.97 9.95 -23.02
CA LEU A 108 -34.10 11.13 -23.02
C LEU A 108 -33.34 11.24 -21.70
N LEU A 109 -32.01 11.05 -21.77
CA LEU A 109 -31.12 11.09 -20.61
C LEU A 109 -30.38 12.43 -20.51
N LEU A 110 -30.80 13.28 -19.55
CA LEU A 110 -30.20 14.59 -19.30
C LEU A 110 -29.65 14.68 -17.86
N GLU A 111 -28.52 14.00 -17.62
CA GLU A 111 -27.86 13.95 -16.31
C GLU A 111 -26.55 14.74 -16.26
N ASP A 112 -26.25 15.35 -15.08
CA ASP A 112 -25.06 16.15 -14.78
C ASP A 112 -24.79 17.23 -15.85
N ASN A 113 -25.83 18.02 -16.17
CA ASN A 113 -25.76 19.09 -17.16
C ASN A 113 -25.81 20.49 -16.53
N GLN A 114 -26.02 20.55 -15.19
CA GLN A 114 -26.13 21.77 -14.37
C GLN A 114 -27.28 22.69 -14.83
N LEU A 115 -28.40 22.08 -15.24
CA LEU A 115 -29.61 22.76 -15.72
C LEU A 115 -30.35 23.47 -14.57
N PRO A 116 -30.67 24.77 -14.70
CA PRO A 116 -31.36 25.47 -13.59
C PRO A 116 -32.83 25.08 -13.41
N GLN A 117 -33.49 24.61 -14.48
CA GLN A 117 -34.89 24.18 -14.48
C GLN A 117 -35.17 23.13 -15.57
N ILE A 118 -36.38 22.51 -15.54
CA ILE A 118 -36.82 21.50 -16.52
C ILE A 118 -36.98 22.18 -17.90
N PRO A 119 -36.36 21.65 -18.98
CA PRO A 119 -36.50 22.30 -20.31
C PRO A 119 -37.93 22.34 -20.81
N SER A 120 -38.39 23.54 -21.23
CA SER A 120 -39.75 23.76 -21.72
C SER A 120 -39.81 23.45 -23.22
N GLY A 121 -40.75 22.59 -23.59
CA GLY A 121 -40.96 22.16 -24.96
C GLY A 121 -40.50 20.73 -25.23
N LEU A 122 -40.66 19.85 -24.23
CA LEU A 122 -40.29 18.44 -24.31
C LEU A 122 -41.35 17.64 -25.10
N PRO A 123 -40.97 16.62 -25.91
CA PRO A 123 -41.99 15.87 -26.68
C PRO A 123 -42.86 14.99 -25.79
N GLU A 124 -44.18 15.03 -26.04
CA GLU A 124 -45.20 14.27 -25.31
C GLU A 124 -45.10 12.74 -25.49
N SER A 125 -44.39 12.30 -26.56
CA SER A 125 -44.18 10.89 -26.89
C SER A 125 -43.20 10.17 -25.93
N LEU A 126 -42.52 10.91 -25.04
CA LEU A 126 -41.57 10.38 -24.07
C LEU A 126 -42.18 9.41 -23.06
N THR A 127 -41.46 8.31 -22.80
CA THR A 127 -41.82 7.26 -21.85
C THR A 127 -40.78 7.17 -20.72
N GLU A 128 -39.57 7.73 -20.96
CA GLU A 128 -38.48 7.74 -19.98
C GLU A 128 -37.75 9.09 -19.99
N LEU A 129 -37.64 9.72 -18.82
CA LEU A 129 -36.96 11.01 -18.64
C LEU A 129 -36.19 11.02 -17.32
N SER A 130 -34.87 11.28 -17.39
CA SER A 130 -33.99 11.33 -16.23
C SER A 130 -33.28 12.68 -16.15
N LEU A 131 -33.39 13.36 -15.00
CA LEU A 131 -32.78 14.66 -14.74
C LEU A 131 -32.03 14.66 -13.38
N ILE A 132 -31.04 13.74 -13.27
CA ILE A 132 -30.21 13.56 -12.07
C ILE A 132 -28.95 14.44 -12.14
N GLN A 133 -28.42 14.85 -10.95
CA GLN A 133 -27.21 15.66 -10.75
C GLN A 133 -27.27 17.05 -11.43
N ASN A 134 -28.48 17.62 -11.53
CA ASN A 134 -28.71 18.96 -12.10
C ASN A 134 -29.02 19.96 -10.97
N ASN A 135 -29.24 21.24 -11.31
CA ASN A 135 -29.54 22.29 -10.33
C ASN A 135 -31.03 22.72 -10.39
N ILE A 136 -31.92 21.79 -10.81
CA ILE A 136 -33.36 22.04 -10.92
C ILE A 136 -33.99 22.14 -9.52
N TYR A 137 -34.26 23.38 -9.09
CA TYR A 137 -34.83 23.66 -7.76
C TYR A 137 -36.36 23.79 -7.76
N ASN A 138 -36.99 23.74 -8.96
CA ASN A 138 -38.44 23.86 -9.12
C ASN A 138 -39.01 22.84 -10.11
N ILE A 139 -40.03 22.06 -9.67
CA ILE A 139 -40.72 21.06 -10.50
C ILE A 139 -42.10 21.61 -10.85
N THR A 140 -42.20 22.33 -11.98
CA THR A 140 -43.41 22.98 -12.46
C THR A 140 -44.22 22.14 -13.46
N LYS A 141 -45.52 22.47 -13.61
CA LYS A 141 -46.47 21.81 -14.52
C LYS A 141 -46.17 22.11 -16.00
N GLU A 142 -45.48 23.23 -16.28
CA GLU A 142 -45.10 23.67 -17.62
C GLU A 142 -44.03 22.79 -18.29
N GLY A 143 -43.37 21.93 -17.51
CA GLY A 143 -42.30 21.06 -17.99
C GLY A 143 -42.57 19.57 -18.02
N ILE A 144 -43.28 19.02 -17.00
CA ILE A 144 -43.52 17.56 -16.92
C ILE A 144 -45.00 17.15 -17.03
N SER A 145 -45.96 18.00 -16.59
CA SER A 145 -47.41 17.68 -16.63
C SER A 145 -47.97 17.44 -18.04
N ARG A 146 -47.36 18.09 -19.06
CA ARG A 146 -47.75 17.97 -20.47
C ARG A 146 -47.43 16.56 -20.99
N LEU A 147 -46.35 15.95 -20.48
CA LEU A 147 -45.90 14.61 -20.85
C LEU A 147 -46.69 13.56 -20.06
N ILE A 148 -47.75 13.02 -20.68
CA ILE A 148 -48.67 12.04 -20.07
C ILE A 148 -48.25 10.57 -20.37
N ASN A 149 -47.46 10.35 -21.43
CA ASN A 149 -47.00 9.02 -21.84
C ASN A 149 -45.82 8.48 -21.01
N LEU A 150 -45.29 9.28 -20.05
CA LEU A 150 -44.16 8.90 -19.20
C LEU A 150 -44.44 7.70 -18.31
N LYS A 151 -43.51 6.75 -18.27
CA LYS A 151 -43.55 5.53 -17.47
C LYS A 151 -42.55 5.66 -16.31
N ASN A 152 -41.29 6.06 -16.61
CA ASN A 152 -40.23 6.24 -15.62
C ASN A 152 -39.74 7.68 -15.61
N LEU A 153 -39.76 8.30 -14.41
CA LEU A 153 -39.31 9.68 -14.20
C LEU A 153 -38.30 9.72 -13.06
N TYR A 154 -37.10 10.25 -13.34
CA TYR A 154 -36.01 10.35 -12.37
C TYR A 154 -35.66 11.81 -12.12
N LEU A 155 -35.91 12.28 -10.88
CA LEU A 155 -35.63 13.65 -10.47
C LEU A 155 -34.81 13.64 -9.17
N ALA A 156 -33.64 12.97 -9.22
CA ALA A 156 -32.73 12.82 -8.09
C ALA A 156 -31.55 13.81 -8.13
N TRP A 157 -30.88 14.01 -6.98
CA TRP A 157 -29.70 14.87 -6.78
C TRP A 157 -29.83 16.29 -7.37
N ASN A 158 -31.04 16.87 -7.30
CA ASN A 158 -31.31 18.22 -7.81
C ASN A 158 -31.04 19.28 -6.76
N CYS A 159 -31.89 19.39 -5.71
CA CYS A 159 -31.67 20.34 -4.63
C CYS A 159 -31.19 19.57 -3.41
N TYR A 160 -29.89 19.22 -3.41
CA TYR A 160 -29.22 18.43 -2.39
C TYR A 160 -27.96 19.14 -1.89
N PHE A 161 -28.06 19.78 -0.70
CA PHE A 161 -27.02 20.55 -0.01
C PHE A 161 -26.42 21.68 -0.88
N ASN A 162 -27.27 22.68 -1.19
CA ASN A 162 -26.90 23.85 -1.99
C ASN A 162 -27.14 25.13 -1.22
N CYS A 165 -30.16 24.58 0.31
CA CYS A 165 -31.03 24.21 -0.80
C CYS A 165 -32.11 25.28 -1.11
N GLU A 166 -33.07 25.64 -0.19
CA GLU A 166 -33.35 25.12 1.15
C GLU A 166 -34.35 23.97 1.12
N LYS A 167 -35.34 24.04 0.19
CA LYS A 167 -36.38 23.03 0.00
C LYS A 167 -36.76 22.93 -1.49
N THR A 168 -36.95 21.69 -1.99
CA THR A 168 -37.34 21.42 -3.38
C THR A 168 -38.82 21.77 -3.56
N ASN A 169 -39.11 22.72 -4.47
CA ASN A 169 -40.47 23.18 -4.74
C ASN A 169 -41.22 22.22 -5.67
N ILE A 170 -42.30 21.60 -5.14
CA ILE A 170 -43.15 20.65 -5.86
C ILE A 170 -44.55 21.27 -6.03
N GLU A 171 -45.03 21.34 -7.29
CA GLU A 171 -46.36 21.88 -7.59
C GLU A 171 -47.45 20.89 -7.18
N ASP A 172 -48.60 21.41 -6.72
CA ASP A 172 -49.74 20.62 -6.28
C ASP A 172 -50.39 19.87 -7.46
N GLY A 173 -50.28 18.55 -7.44
CA GLY A 173 -50.81 17.67 -8.47
C GLY A 173 -50.01 17.71 -9.76
N VAL A 174 -48.68 17.86 -9.65
CA VAL A 174 -47.76 17.93 -10.80
C VAL A 174 -47.55 16.51 -11.41
N PHE A 175 -47.72 15.45 -10.59
CA PHE A 175 -47.58 14.05 -11.01
C PHE A 175 -48.95 13.39 -11.25
N GLU A 176 -50.05 14.09 -10.87
CA GLU A 176 -51.43 13.63 -11.01
C GLU A 176 -51.88 13.40 -12.46
N THR A 177 -51.41 14.25 -13.39
CA THR A 177 -51.72 14.14 -14.83
C THR A 177 -51.01 12.94 -15.47
N LEU A 178 -49.85 12.54 -14.91
CA LEU A 178 -49.04 11.40 -15.38
C LEU A 178 -49.69 10.08 -14.93
N THR A 179 -50.75 9.66 -15.66
CA THR A 179 -51.54 8.45 -15.39
C THR A 179 -50.84 7.14 -15.76
N ASN A 180 -49.80 7.20 -16.61
CA ASN A 180 -49.05 6.01 -17.07
C ASN A 180 -47.71 5.82 -16.31
N LEU A 181 -47.50 6.60 -15.24
CA LEU A 181 -46.29 6.56 -14.41
C LEU A 181 -46.21 5.32 -13.54
N GLU A 182 -45.20 4.47 -13.79
CA GLU A 182 -44.93 3.23 -13.06
C GLU A 182 -43.79 3.42 -12.06
N LEU A 183 -42.79 4.24 -12.41
CA LEU A 183 -41.64 4.52 -11.57
C LEU A 183 -41.47 6.02 -11.35
N LEU A 184 -41.22 6.42 -10.10
CA LEU A 184 -40.98 7.80 -9.71
C LEU A 184 -39.88 7.86 -8.66
N SER A 185 -38.80 8.58 -8.97
CA SER A 185 -37.66 8.76 -8.07
C SER A 185 -37.51 10.23 -7.71
N LEU A 186 -37.65 10.54 -6.42
CA LEU A 186 -37.51 11.88 -5.87
C LEU A 186 -36.45 11.87 -4.75
N SER A 187 -35.62 10.81 -4.73
CA SER A 187 -34.53 10.58 -3.78
C SER A 187 -33.47 11.67 -3.83
N PHE A 188 -32.78 11.91 -2.70
CA PHE A 188 -31.71 12.90 -2.53
C PHE A 188 -32.16 14.31 -2.93
N ASN A 189 -33.28 14.76 -2.32
CA ASN A 189 -33.90 16.07 -2.52
C ASN A 189 -34.53 16.49 -1.21
N SER A 190 -34.21 17.72 -0.74
CA SER A 190 -34.75 18.28 0.51
C SER A 190 -36.26 18.54 0.34
N LEU A 191 -37.07 17.51 0.61
CA LEU A 191 -38.54 17.55 0.47
C LEU A 191 -39.27 17.81 1.78
N SER A 192 -38.78 17.22 2.89
CA SER A 192 -39.33 17.30 4.26
C SER A 192 -40.70 16.63 4.44
N HIS A 193 -41.51 16.56 3.37
CA HIS A 193 -42.83 15.95 3.36
C HIS A 193 -43.03 15.11 2.09
N VAL A 194 -43.90 14.08 2.15
CA VAL A 194 -44.23 13.19 1.04
C VAL A 194 -45.07 14.00 0.02
N PRO A 195 -44.70 14.04 -1.30
CA PRO A 195 -45.49 14.85 -2.25
C PRO A 195 -46.94 14.39 -2.42
N PRO A 196 -47.93 15.31 -2.31
CA PRO A 196 -49.34 14.89 -2.45
C PRO A 196 -49.79 14.70 -3.90
N LYS A 197 -50.95 14.04 -4.09
CA LYS A 197 -51.60 13.74 -5.37
C LYS A 197 -50.70 12.88 -6.29
N LEU A 198 -50.48 11.62 -5.88
CA LEU A 198 -49.67 10.64 -6.61
C LEU A 198 -50.53 9.68 -7.43
N PRO A 199 -50.12 9.32 -8.67
CA PRO A 199 -50.96 8.42 -9.49
C PRO A 199 -51.03 6.97 -8.98
N SER A 200 -52.23 6.36 -9.08
CA SER A 200 -52.52 4.99 -8.64
C SER A 200 -51.77 3.89 -9.41
N SER A 201 -51.26 4.22 -10.61
CA SER A 201 -50.51 3.29 -11.48
C SER A 201 -49.08 3.00 -10.99
N LEU A 202 -48.58 3.78 -10.01
CA LEU A 202 -47.23 3.67 -9.43
C LEU A 202 -46.91 2.28 -8.88
N ARG A 203 -45.82 1.67 -9.41
CA ARG A 203 -45.33 0.34 -9.03
C ARG A 203 -44.06 0.44 -8.18
N LYS A 204 -43.19 1.43 -8.47
CA LYS A 204 -41.94 1.66 -7.72
C LYS A 204 -41.80 3.12 -7.31
N LEU A 205 -41.72 3.37 -5.98
CA LEU A 205 -41.58 4.72 -5.44
C LEU A 205 -40.35 4.81 -4.55
N PHE A 206 -39.38 5.64 -4.96
CA PHE A 206 -38.12 5.86 -4.26
C PHE A 206 -38.13 7.22 -3.58
N LEU A 207 -37.91 7.23 -2.25
CA LEU A 207 -37.87 8.44 -1.43
C LEU A 207 -36.73 8.36 -0.40
N SER A 208 -35.50 8.07 -0.88
CA SER A 208 -34.30 7.96 -0.05
C SER A 208 -33.67 9.32 0.22
N ASN A 209 -33.19 9.54 1.48
CA ASN A 209 -32.55 10.78 1.94
C ASN A 209 -33.30 12.05 1.50
N THR A 210 -34.64 12.03 1.68
CA THR A 210 -35.55 13.11 1.29
C THR A 210 -35.88 14.06 2.45
N GLN A 211 -35.25 13.85 3.63
CA GLN A 211 -35.43 14.62 4.87
C GLN A 211 -36.87 14.56 5.41
N ILE A 212 -37.64 13.51 5.02
CA ILE A 212 -39.02 13.29 5.44
C ILE A 212 -39.02 12.58 6.80
N LYS A 213 -39.21 13.36 7.88
CA LYS A 213 -39.21 12.91 9.26
C LYS A 213 -40.51 12.18 9.67
N TYR A 214 -41.66 12.60 9.12
CA TYR A 214 -42.98 12.05 9.45
C TYR A 214 -43.67 11.38 8.27
N ILE A 215 -44.21 10.17 8.50
CA ILE A 215 -44.94 9.36 7.51
C ILE A 215 -46.38 9.15 8.01
N SER A 216 -47.37 9.66 7.26
CA SER A 216 -48.79 9.54 7.59
C SER A 216 -49.53 8.52 6.69
N GLU A 217 -50.77 8.19 7.05
CA GLU A 217 -51.63 7.24 6.33
C GLU A 217 -52.09 7.78 4.97
N GLU A 218 -52.23 9.11 4.84
CA GLU A 218 -52.66 9.78 3.60
C GLU A 218 -51.57 9.86 2.53
N ASP A 219 -50.29 9.61 2.91
CA ASP A 219 -49.13 9.65 2.02
C ASP A 219 -49.17 8.55 0.95
N PHE A 220 -49.44 7.29 1.36
CA PHE A 220 -49.49 6.14 0.45
C PHE A 220 -50.88 5.45 0.47
N LYS A 221 -51.96 6.26 0.49
CA LYS A 221 -53.35 5.79 0.53
C LYS A 221 -53.83 5.23 -0.81
N GLY A 222 -53.72 6.04 -1.87
CA GLY A 222 -54.16 5.67 -3.22
C GLY A 222 -53.08 5.11 -4.12
N LEU A 223 -52.19 4.27 -3.55
CA LEU A 223 -51.08 3.62 -4.28
C LEU A 223 -51.15 2.10 -4.08
N ILE A 224 -52.26 1.48 -4.52
CA ILE A 224 -52.55 0.05 -4.40
C ILE A 224 -51.62 -0.85 -5.25
N ASN A 225 -51.04 -0.31 -6.34
CA ASN A 225 -50.20 -1.05 -7.28
C ASN A 225 -48.69 -1.05 -6.92
N LEU A 226 -48.28 -0.47 -5.77
CA LEU A 226 -46.89 -0.43 -5.33
C LEU A 226 -46.30 -1.78 -4.95
N THR A 227 -45.16 -2.13 -5.58
CA THR A 227 -44.39 -3.36 -5.35
C THR A 227 -43.10 -3.03 -4.57
N LEU A 228 -42.64 -1.77 -4.68
CA LEU A 228 -41.44 -1.27 -4.01
C LEU A 228 -41.68 0.08 -3.33
N LEU A 229 -41.14 0.24 -2.12
CA LEU A 229 -41.18 1.47 -1.36
C LEU A 229 -39.85 1.69 -0.65
N ASP A 230 -39.12 2.74 -1.06
CA ASP A 230 -37.82 3.11 -0.50
C ASP A 230 -37.98 4.35 0.38
N LEU A 231 -37.82 4.17 1.70
CA LEU A 231 -37.93 5.23 2.69
C LEU A 231 -36.63 5.40 3.48
N SER A 232 -35.54 4.87 2.94
CA SER A 232 -34.20 4.91 3.53
C SER A 232 -33.60 6.32 3.64
N GLY A 233 -32.62 6.48 4.53
CA GLY A 233 -31.89 7.73 4.73
C GLY A 233 -32.63 8.88 5.40
N ASN A 234 -33.86 8.66 5.88
CA ASN A 234 -34.65 9.68 6.57
C ASN A 234 -34.41 9.51 8.08
N CYS A 235 -33.77 10.52 8.71
CA CYS A 235 -33.24 10.54 10.10
C CYS A 235 -32.17 9.42 10.12
N PRO A 236 -31.00 9.63 9.45
CA PRO A 236 -30.05 8.52 9.31
C PRO A 236 -28.98 8.39 10.38
N ARG A 237 -28.41 7.17 10.45
CA ARG A 237 -27.29 6.80 11.32
C ARG A 237 -26.09 6.88 10.37
N CYS A 238 -25.30 7.97 10.48
CA CYS A 238 -24.16 8.27 9.60
C CYS A 238 -23.06 7.19 9.63
N PHE A 239 -22.56 6.84 8.43
CA PHE A 239 -21.54 5.83 8.19
C PHE A 239 -20.61 6.25 7.02
N ASN A 240 -19.91 5.27 6.40
CA ASN A 240 -19.02 5.47 5.25
C ASN A 240 -19.92 5.73 4.01
N ALA A 241 -20.38 6.98 3.85
CA ALA A 241 -21.27 7.39 2.77
C ALA A 241 -20.68 8.49 1.86
N PRO A 242 -20.83 8.38 0.51
CA PRO A 242 -20.26 9.42 -0.37
C PRO A 242 -21.10 10.69 -0.45
N PHE A 243 -22.27 10.70 0.20
CA PHE A 243 -23.20 11.83 0.25
C PHE A 243 -23.26 12.43 1.66
N PRO A 244 -23.45 13.77 1.80
CA PRO A 244 -23.51 14.37 3.15
C PRO A 244 -24.65 13.84 4.02
N CYS A 245 -24.29 13.29 5.20
CA CYS A 245 -25.22 12.73 6.18
C CYS A 245 -25.41 13.67 7.36
N VAL A 246 -26.67 14.04 7.62
CA VAL A 246 -27.07 14.91 8.73
C VAL A 246 -28.13 14.16 9.58
N PRO A 247 -27.76 13.68 10.79
CA PRO A 247 -28.75 12.96 11.61
C PRO A 247 -29.77 13.88 12.28
N CYS A 248 -30.94 13.32 12.62
CA CYS A 248 -32.05 14.04 13.26
C CYS A 248 -31.72 14.48 14.70
N ASP A 249 -32.30 15.62 15.12
CA ASP A 249 -32.10 16.27 16.42
C ASP A 249 -32.43 15.38 17.62
N GLY A 250 -31.48 15.29 18.54
CA GLY A 250 -31.57 14.50 19.77
C GLY A 250 -31.64 13.00 19.54
N GLY A 251 -31.06 12.54 18.44
CA GLY A 251 -31.03 11.14 18.04
C GLY A 251 -32.40 10.59 17.72
N ALA A 252 -33.23 11.40 17.05
CA ALA A 252 -34.61 11.06 16.67
C ALA A 252 -34.70 9.97 15.61
N SER A 253 -35.79 9.20 15.65
CA SER A 253 -36.11 8.10 14.72
C SER A 253 -37.25 8.52 13.77
N ILE A 254 -37.44 7.76 12.68
CA ILE A 254 -38.50 8.01 11.69
C ILE A 254 -39.88 7.73 12.30
N ASN A 255 -40.80 8.71 12.24
CA ASN A 255 -42.13 8.55 12.79
C ASN A 255 -43.12 8.07 11.72
N ILE A 256 -43.23 6.73 11.59
CA ILE A 256 -44.12 6.07 10.64
C ILE A 256 -45.39 5.65 11.38
N ASP A 257 -46.56 6.06 10.85
CA ASP A 257 -47.87 5.75 11.41
C ASP A 257 -48.19 4.25 11.29
N ARG A 258 -49.05 3.73 12.18
CA ARG A 258 -49.47 2.32 12.22
C ARG A 258 -50.21 1.90 10.95
N PHE A 259 -51.01 2.82 10.37
CA PHE A 259 -51.81 2.59 9.16
C PHE A 259 -51.20 3.28 7.91
N ALA A 260 -49.88 3.51 7.90
CA ALA A 260 -49.18 4.15 6.78
C ALA A 260 -49.12 3.22 5.56
N PHE A 261 -48.87 1.92 5.80
CA PHE A 261 -48.79 0.89 4.76
C PHE A 261 -50.01 -0.05 4.82
N GLN A 262 -51.21 0.53 5.08
CA GLN A 262 -52.47 -0.22 5.22
C GLN A 262 -52.99 -0.84 3.91
N ASN A 263 -52.78 -0.17 2.75
CA ASN A 263 -53.25 -0.66 1.46
C ASN A 263 -52.12 -1.04 0.49
N LEU A 264 -50.91 -1.30 1.02
CA LEU A 264 -49.76 -1.72 0.23
C LEU A 264 -49.68 -3.25 0.21
N THR A 265 -50.69 -3.87 -0.44
CA THR A 265 -50.89 -5.31 -0.58
C THR A 265 -49.92 -5.99 -1.56
N GLN A 266 -49.57 -5.30 -2.65
CA GLN A 266 -48.68 -5.85 -3.69
C GLN A 266 -47.18 -5.61 -3.44
N LEU A 267 -46.81 -5.07 -2.26
CA LEU A 267 -45.43 -4.76 -1.92
C LEU A 267 -44.57 -6.00 -1.67
N ARG A 268 -43.44 -6.10 -2.42
CA ARG A 268 -42.44 -7.17 -2.36
C ARG A 268 -41.11 -6.64 -1.82
N TYR A 269 -40.80 -5.35 -2.09
CA TYR A 269 -39.55 -4.72 -1.66
C TYR A 269 -39.83 -3.56 -0.72
N LEU A 270 -39.17 -3.57 0.45
CA LEU A 270 -39.28 -2.49 1.44
C LEU A 270 -37.90 -2.13 1.97
N ASN A 271 -37.47 -0.88 1.69
CA ASN A 271 -36.17 -0.37 2.10
C ASN A 271 -36.32 0.65 3.23
N LEU A 272 -36.00 0.25 4.46
CA LEU A 272 -36.07 1.09 5.66
C LEU A 272 -34.68 1.22 6.31
N SER A 273 -33.63 1.32 5.48
CA SER A 273 -32.24 1.45 5.93
C SER A 273 -31.94 2.86 6.40
N SER A 274 -30.98 3.02 7.35
CA SER A 274 -30.56 4.30 7.93
C SER A 274 -31.77 5.19 8.27
N THR A 275 -32.65 4.69 9.13
CA THR A 275 -33.87 5.38 9.57
C THR A 275 -33.89 5.56 11.10
N SER A 276 -32.78 5.18 11.77
CA SER A 276 -32.54 5.26 13.22
C SER A 276 -33.63 4.55 14.05
N LEU A 277 -34.27 3.51 13.47
CA LEU A 277 -35.34 2.73 14.09
C LEU A 277 -34.86 1.93 15.30
N ARG A 278 -35.62 2.02 16.40
CA ARG A 278 -35.36 1.30 17.65
C ARG A 278 -36.37 0.16 17.83
N LYS A 279 -37.58 0.33 17.26
CA LYS A 279 -38.67 -0.64 17.31
C LYS A 279 -39.37 -0.76 15.96
N ILE A 280 -39.85 -1.98 15.64
CA ILE A 280 -40.59 -2.26 14.40
C ILE A 280 -42.02 -2.62 14.76
N ASN A 281 -42.99 -1.80 14.31
CA ASN A 281 -44.40 -2.04 14.55
C ASN A 281 -44.86 -3.16 13.61
N ALA A 282 -45.28 -4.30 14.18
CA ALA A 282 -45.74 -5.48 13.45
C ALA A 282 -47.00 -5.24 12.60
N ALA A 283 -47.75 -4.15 12.88
CA ALA A 283 -48.95 -3.73 12.16
C ALA A 283 -48.64 -3.28 10.72
N TRP A 284 -47.37 -2.89 10.45
CA TRP A 284 -46.89 -2.45 9.13
C TRP A 284 -46.93 -3.59 8.11
N PHE A 285 -46.70 -4.84 8.58
CA PHE A 285 -46.67 -6.05 7.75
C PHE A 285 -47.96 -6.89 7.83
N LYS A 286 -49.03 -6.33 8.40
CA LYS A 286 -50.34 -6.99 8.53
C LYS A 286 -51.00 -7.20 7.17
N ASN A 287 -50.83 -6.23 6.24
CA ASN A 287 -51.38 -6.26 4.89
C ASN A 287 -50.31 -6.54 3.82
N MET A 288 -49.16 -7.15 4.21
CA MET A 288 -48.07 -7.49 3.30
C MET A 288 -47.82 -9.01 3.19
N PRO A 289 -48.65 -9.76 2.42
CA PRO A 289 -48.42 -11.20 2.32
C PRO A 289 -47.37 -11.61 1.29
N HIS A 290 -46.99 -10.70 0.36
CA HIS A 290 -46.04 -10.99 -0.72
C HIS A 290 -44.61 -10.46 -0.50
N LEU A 291 -44.35 -9.70 0.60
CA LEU A 291 -43.02 -9.12 0.88
C LEU A 291 -41.89 -10.15 0.76
N LYS A 292 -41.00 -9.92 -0.22
CA LYS A 292 -39.88 -10.76 -0.61
C LYS A 292 -38.53 -10.25 -0.09
N VAL A 293 -38.29 -8.91 -0.13
CA VAL A 293 -37.02 -8.30 0.31
C VAL A 293 -37.25 -7.18 1.32
N LEU A 294 -36.62 -7.30 2.51
CA LEU A 294 -36.71 -6.32 3.60
C LEU A 294 -35.32 -5.84 4.04
N ASP A 295 -35.09 -4.52 3.88
CA ASP A 295 -33.84 -3.86 4.23
C ASP A 295 -34.01 -3.04 5.52
N LEU A 296 -33.32 -3.45 6.59
CA LEU A 296 -33.36 -2.79 7.90
C LEU A 296 -31.95 -2.49 8.43
N GLU A 297 -30.96 -2.43 7.53
CA GLU A 297 -29.56 -2.13 7.87
C GLU A 297 -29.36 -0.68 8.34
N PHE A 298 -28.32 -0.45 9.17
CA PHE A 298 -27.93 0.86 9.72
C PHE A 298 -29.04 1.49 10.59
N ASN A 299 -29.59 0.70 11.53
CA ASN A 299 -30.61 1.10 12.49
C ASN A 299 -30.17 0.69 13.91
N TYR A 300 -31.02 0.92 14.94
CA TYR A 300 -30.71 0.55 16.33
C TYR A 300 -31.69 -0.56 16.77
N LEU A 301 -31.72 -1.68 16.01
CA LEU A 301 -32.64 -2.78 16.24
C LEU A 301 -32.03 -4.04 16.88
N VAL A 302 -31.10 -3.89 17.84
CA VAL A 302 -30.52 -5.03 18.57
C VAL A 302 -31.62 -5.74 19.40
N GLY A 303 -32.44 -4.94 20.07
CA GLY A 303 -33.56 -5.42 20.87
C GLY A 303 -34.63 -6.12 20.05
N GLU A 304 -34.88 -5.63 18.82
CA GLU A 304 -35.86 -6.22 17.89
C GLU A 304 -35.37 -7.55 17.31
N ILE A 305 -34.04 -7.74 17.17
CA ILE A 305 -33.46 -9.00 16.68
C ILE A 305 -33.60 -10.06 17.78
N ALA A 306 -33.44 -9.64 19.06
CA ALA A 306 -33.56 -10.52 20.23
C ALA A 306 -35.01 -10.93 20.50
N SER A 307 -35.95 -10.00 20.30
CA SER A 307 -37.40 -10.20 20.51
C SER A 307 -38.20 -9.29 19.57
N GLY A 308 -38.57 -9.85 18.42
CA GLY A 308 -39.32 -9.13 17.40
C GLY A 308 -40.60 -9.81 16.97
N ALA A 309 -41.73 -9.09 17.15
CA ALA A 309 -43.07 -9.55 16.77
C ALA A 309 -43.27 -9.53 15.25
N PHE A 310 -42.53 -8.66 14.55
CA PHE A 310 -42.56 -8.49 13.10
C PHE A 310 -42.15 -9.73 12.30
N LEU A 311 -41.28 -10.59 12.89
CA LEU A 311 -40.75 -11.81 12.28
C LEU A 311 -41.82 -12.88 11.99
N THR A 312 -42.94 -12.85 12.75
CA THR A 312 -44.06 -13.78 12.58
C THR A 312 -45.01 -13.30 11.46
N MET A 313 -44.84 -12.04 11.02
CA MET A 313 -45.66 -11.40 9.98
C MET A 313 -45.01 -11.48 8.59
N LEU A 314 -43.84 -12.14 8.48
CA LEU A 314 -43.09 -12.29 7.24
C LEU A 314 -42.95 -13.76 6.79
N PRO A 315 -44.00 -14.39 6.21
CA PRO A 315 -43.87 -15.81 5.81
C PRO A 315 -43.31 -16.07 4.41
N ARG A 316 -43.35 -15.05 3.52
CA ARG A 316 -42.87 -15.16 2.13
C ARG A 316 -41.56 -14.39 1.88
N LEU A 317 -40.91 -13.90 2.95
CA LEU A 317 -39.66 -13.14 2.89
C LEU A 317 -38.49 -14.02 2.46
N GLU A 318 -37.75 -13.59 1.42
CA GLU A 318 -36.60 -14.29 0.85
C GLU A 318 -35.26 -13.64 1.24
N ILE A 319 -35.19 -12.30 1.25
CA ILE A 319 -33.97 -11.57 1.63
C ILE A 319 -34.25 -10.64 2.82
N LEU A 320 -33.49 -10.84 3.92
CA LEU A 320 -33.56 -10.03 5.14
C LEU A 320 -32.17 -9.48 5.42
N ASP A 321 -32.08 -8.17 5.62
CA ASP A 321 -30.83 -7.48 5.90
C ASP A 321 -30.92 -6.68 7.21
N LEU A 322 -30.22 -7.17 8.24
CA LEU A 322 -30.17 -6.54 9.57
C LEU A 322 -28.73 -6.11 9.89
N SER A 323 -27.98 -5.68 8.86
CA SER A 323 -26.58 -5.26 8.98
C SER A 323 -26.37 -3.95 9.74
N PHE A 324 -25.22 -3.85 10.44
CA PHE A 324 -24.76 -2.71 11.23
C PHE A 324 -25.86 -2.12 12.14
N ASN A 325 -26.39 -2.97 13.03
CA ASN A 325 -27.44 -2.62 14.00
C ASN A 325 -26.89 -2.48 15.43
N TYR A 326 -25.58 -2.75 15.62
CA TYR A 326 -24.82 -2.73 16.88
C TYR A 326 -25.07 -1.53 17.79
N ILE A 327 -24.92 -1.76 19.11
CA ILE A 327 -25.02 -0.71 20.13
C ILE A 327 -23.59 -0.17 20.29
N LYS A 328 -23.43 1.17 20.25
CA LYS A 328 -22.16 1.89 20.37
C LYS A 328 -21.47 1.55 21.70
N GLY A 329 -20.24 1.05 21.60
CA GLY A 329 -19.41 0.67 22.74
C GLY A 329 -19.73 -0.67 23.35
N SER A 330 -20.66 -1.43 22.74
CA SER A 330 -21.09 -2.74 23.23
C SER A 330 -20.53 -3.89 22.39
N TYR A 331 -19.79 -4.79 23.04
CA TYR A 331 -19.15 -5.96 22.45
C TYR A 331 -19.66 -7.22 23.17
N PRO A 332 -20.93 -7.65 22.92
CA PRO A 332 -21.47 -8.82 23.65
C PRO A 332 -20.76 -10.15 23.35
N GLN A 333 -20.85 -11.09 24.29
CA GLN A 333 -20.26 -12.43 24.19
C GLN A 333 -20.90 -13.27 23.07
N HIS A 334 -22.24 -13.15 22.89
CA HIS A 334 -23.00 -13.91 21.89
C HIS A 334 -24.05 -13.05 21.19
N ILE A 335 -24.54 -13.52 20.02
CA ILE A 335 -25.61 -12.87 19.25
C ILE A 335 -26.97 -13.33 19.80
N ASN A 336 -27.88 -12.38 20.04
CA ASN A 336 -29.21 -12.71 20.56
C ASN A 336 -30.21 -12.74 19.40
N ILE A 337 -30.48 -13.96 18.90
CA ILE A 337 -31.41 -14.22 17.79
C ILE A 337 -32.76 -14.65 18.35
N SER A 338 -33.84 -13.99 17.90
CA SER A 338 -35.21 -14.29 18.33
C SER A 338 -35.64 -15.67 17.85
N ARG A 339 -36.50 -16.35 18.63
CA ARG A 339 -37.03 -17.67 18.31
C ARG A 339 -37.97 -17.58 17.10
N ASN A 340 -38.60 -16.41 16.90
CA ASN A 340 -39.54 -16.10 15.81
C ASN A 340 -38.88 -16.09 14.41
N PHE A 341 -37.53 -16.21 14.34
CA PHE A 341 -36.74 -16.29 13.09
C PHE A 341 -37.06 -17.59 12.32
N SER A 342 -37.71 -18.57 12.96
CA SER A 342 -38.13 -19.85 12.38
C SER A 342 -39.36 -19.68 11.48
N LYS A 343 -40.14 -18.61 11.69
CA LYS A 343 -41.35 -18.28 10.91
C LYS A 343 -41.02 -17.77 9.50
N LEU A 344 -39.72 -17.45 9.24
CA LEU A 344 -39.23 -16.99 7.94
C LEU A 344 -38.93 -18.21 7.06
N LEU A 345 -40.00 -18.93 6.67
CA LEU A 345 -39.97 -20.17 5.88
C LEU A 345 -39.34 -20.03 4.49
N SER A 346 -39.65 -18.93 3.78
CA SER A 346 -39.15 -18.68 2.43
C SER A 346 -37.74 -18.08 2.36
N LEU A 347 -37.15 -17.68 3.52
CA LEU A 347 -35.83 -17.06 3.64
C LEU A 347 -34.73 -17.80 2.88
N ARG A 348 -34.06 -17.09 1.97
CA ARG A 348 -32.97 -17.60 1.12
C ARG A 348 -31.62 -17.02 1.55
N ALA A 349 -31.57 -15.71 1.80
CA ALA A 349 -30.35 -15.00 2.20
C ALA A 349 -30.58 -14.15 3.45
N LEU A 350 -29.64 -14.23 4.40
CA LEU A 350 -29.69 -13.46 5.65
C LEU A 350 -28.37 -12.74 5.88
N HIS A 351 -28.44 -11.40 5.93
CA HIS A 351 -27.28 -10.53 6.13
C HIS A 351 -27.27 -9.99 7.55
N LEU A 352 -26.37 -10.54 8.40
CA LEU A 352 -26.20 -10.16 9.80
C LEU A 352 -24.84 -9.52 10.06
N ARG A 353 -24.43 -8.58 9.19
CA ARG A 353 -23.17 -7.85 9.33
C ARG A 353 -23.28 -6.82 10.46
N GLY A 354 -22.14 -6.35 10.95
CA GLY A 354 -22.02 -5.32 11.96
C GLY A 354 -22.88 -5.41 13.22
N TYR A 355 -23.16 -6.64 13.71
CA TYR A 355 -23.90 -6.81 14.95
C TYR A 355 -22.88 -6.63 16.09
N VAL A 356 -21.61 -7.00 15.82
CA VAL A 356 -20.43 -6.93 16.69
C VAL A 356 -20.61 -7.83 17.91
N PHE A 357 -20.09 -9.07 17.83
CA PHE A 357 -20.16 -10.06 18.91
C PHE A 357 -18.90 -10.92 18.97
N GLN A 358 -18.57 -11.42 20.17
CA GLN A 358 -17.35 -12.19 20.47
C GLN A 358 -17.36 -13.66 20.03
N GLU A 359 -18.45 -14.40 20.31
CA GLU A 359 -18.56 -15.83 20.02
C GLU A 359 -19.92 -16.22 19.42
N LEU A 360 -19.91 -17.20 18.51
CA LEU A 360 -21.11 -17.75 17.87
C LEU A 360 -21.26 -19.22 18.26
N ARG A 361 -22.33 -19.53 19.02
CA ARG A 361 -22.63 -20.87 19.51
C ARG A 361 -23.68 -21.56 18.63
N GLU A 362 -23.86 -22.88 18.82
CA GLU A 362 -24.81 -23.71 18.11
C GLU A 362 -26.26 -23.34 18.48
N ASP A 363 -26.51 -23.03 19.78
CA ASP A 363 -27.83 -22.64 20.30
C ASP A 363 -28.29 -21.27 19.78
N ASP A 364 -27.33 -20.36 19.51
CA ASP A 364 -27.60 -19.00 19.01
C ASP A 364 -28.27 -18.99 17.63
N PHE A 365 -27.86 -19.91 16.73
CA PHE A 365 -28.40 -20.02 15.37
C PHE A 365 -29.41 -21.17 15.19
N GLN A 366 -30.02 -21.63 16.30
CA GLN A 366 -31.01 -22.72 16.32
C GLN A 366 -32.32 -22.41 15.52
N PRO A 367 -32.93 -21.19 15.54
CA PRO A 367 -34.18 -21.00 14.76
C PRO A 367 -33.99 -20.94 13.25
N LEU A 368 -32.75 -20.69 12.78
CA LEU A 368 -32.40 -20.58 11.37
C LEU A 368 -32.12 -21.94 10.70
N MET A 369 -31.87 -22.98 11.52
CA MET A 369 -31.55 -24.33 11.05
C MET A 369 -32.75 -25.02 10.39
N GLN A 370 -33.99 -24.69 10.83
CA GLN A 370 -35.25 -25.25 10.34
C GLN A 370 -35.79 -24.56 9.07
N LEU A 371 -34.95 -23.76 8.38
CA LEU A 371 -35.35 -23.07 7.16
C LEU A 371 -34.82 -23.82 5.93
N PRO A 372 -35.71 -24.33 5.04
CA PRO A 372 -35.23 -25.13 3.91
C PRO A 372 -34.56 -24.36 2.76
N ASN A 373 -34.97 -23.11 2.51
CA ASN A 373 -34.44 -22.30 1.40
C ASN A 373 -33.17 -21.50 1.72
N LEU A 374 -32.81 -21.36 3.03
CA LEU A 374 -31.64 -20.59 3.48
C LEU A 374 -30.33 -21.16 2.93
N SER A 375 -29.73 -20.44 1.97
CA SER A 375 -28.49 -20.81 1.30
C SER A 375 -27.34 -19.84 1.58
N THR A 376 -27.66 -18.59 1.98
CA THR A 376 -26.67 -17.56 2.23
C THR A 376 -26.76 -16.99 3.66
N ILE A 377 -25.62 -17.02 4.37
CA ILE A 377 -25.46 -16.46 5.72
C ILE A 377 -24.26 -15.49 5.70
N ASN A 378 -24.55 -14.20 5.89
CA ASN A 378 -23.54 -13.14 5.87
C ASN A 378 -23.22 -12.64 7.29
N LEU A 379 -22.07 -13.09 7.83
CA LEU A 379 -21.61 -12.70 9.16
C LEU A 379 -20.34 -11.83 9.12
N GLY A 380 -20.17 -11.10 8.02
CA GLY A 380 -19.03 -10.21 7.80
C GLY A 380 -18.98 -9.00 8.73
N ILE A 381 -17.77 -8.56 9.10
CA ILE A 381 -17.51 -7.40 9.99
C ILE A 381 -18.31 -7.53 11.31
N ASN A 382 -18.04 -8.60 12.06
CA ASN A 382 -18.70 -8.87 13.33
C ASN A 382 -17.69 -9.07 14.45
N PHE A 383 -16.39 -9.14 14.08
CA PHE A 383 -15.23 -9.32 14.95
C PHE A 383 -15.35 -10.56 15.85
N ILE A 384 -15.92 -11.66 15.29
CA ILE A 384 -16.11 -12.91 16.03
C ILE A 384 -14.76 -13.59 16.25
N LYS A 385 -14.41 -13.81 17.53
CA LYS A 385 -13.15 -14.45 17.94
C LYS A 385 -13.22 -15.97 17.85
N GLN A 386 -14.41 -16.56 18.10
CA GLN A 386 -14.60 -18.01 18.10
C GLN A 386 -15.96 -18.40 17.52
N ILE A 387 -15.98 -19.42 16.65
CA ILE A 387 -17.19 -19.96 16.04
C ILE A 387 -17.23 -21.49 16.24
N ASP A 388 -18.35 -22.02 16.76
CA ASP A 388 -18.53 -23.46 16.94
C ASP A 388 -19.02 -24.01 15.59
N PHE A 389 -18.08 -24.22 14.66
CA PHE A 389 -18.29 -24.66 13.26
C PHE A 389 -19.18 -25.91 13.06
N LYS A 390 -19.49 -26.64 14.15
CA LYS A 390 -20.35 -27.83 14.12
C LYS A 390 -21.79 -27.49 13.69
N LEU A 391 -22.22 -26.22 13.90
CA LEU A 391 -23.56 -25.75 13.59
C LEU A 391 -23.85 -25.64 12.07
N PHE A 392 -22.83 -25.35 11.23
CA PHE A 392 -23.00 -25.16 9.78
C PHE A 392 -23.40 -26.43 9.02
N GLN A 393 -22.94 -27.61 9.45
CA GLN A 393 -23.32 -28.88 8.82
C GLN A 393 -24.76 -29.26 9.22
N ASN A 394 -25.24 -28.68 10.34
CA ASN A 394 -26.59 -28.85 10.87
C ASN A 394 -27.51 -27.78 10.23
N PHE A 395 -27.49 -27.69 8.89
CA PHE A 395 -28.29 -26.77 8.08
C PHE A 395 -28.84 -27.53 6.87
N SER A 396 -30.04 -27.16 6.39
CA SER A 396 -30.71 -27.84 5.28
C SER A 396 -30.01 -27.70 3.93
N ASN A 397 -29.81 -26.45 3.43
CA ASN A 397 -29.19 -26.21 2.13
C ASN A 397 -28.23 -25.01 2.09
N LEU A 398 -27.18 -25.01 2.94
CA LEU A 398 -26.20 -23.93 2.95
C LEU A 398 -25.28 -23.98 1.73
N GLU A 399 -25.18 -22.86 1.00
CA GLU A 399 -24.38 -22.74 -0.21
C GLU A 399 -23.25 -21.70 -0.06
N ILE A 400 -23.53 -20.61 0.68
CA ILE A 400 -22.59 -19.52 0.93
C ILE A 400 -22.51 -19.24 2.44
N ILE A 401 -21.29 -19.30 3.01
CA ILE A 401 -20.99 -19.03 4.42
C ILE A 401 -19.89 -17.96 4.42
N TYR A 402 -20.28 -16.68 4.54
CA TYR A 402 -19.38 -15.52 4.53
C TYR A 402 -19.01 -15.08 5.94
N LEU A 403 -17.79 -15.41 6.38
CA LEU A 403 -17.28 -15.06 7.71
C LEU A 403 -16.05 -14.13 7.61
N SER A 404 -15.96 -13.36 6.51
CA SER A 404 -14.86 -12.44 6.25
C SER A 404 -14.85 -11.22 7.19
N GLU A 405 -13.66 -10.63 7.39
CA GLU A 405 -13.40 -9.46 8.26
C GLU A 405 -13.83 -9.72 9.72
N ASN A 406 -13.47 -10.91 10.24
CA ASN A 406 -13.71 -11.35 11.61
C ASN A 406 -12.37 -11.62 12.33
N ARG A 407 -12.41 -12.16 13.57
CA ARG A 407 -11.23 -12.42 14.39
C ARG A 407 -10.98 -13.92 14.69
N ILE A 408 -11.25 -14.81 13.71
CA ILE A 408 -11.06 -16.25 13.87
C ILE A 408 -9.57 -16.59 13.85
N SER A 409 -9.05 -17.12 14.98
CA SER A 409 -7.65 -17.49 15.16
C SER A 409 -7.40 -19.01 14.96
N PRO A 410 -6.14 -19.53 14.91
CA PRO A 410 -5.94 -20.98 14.71
C PRO A 410 -6.53 -21.86 15.80
N LEU A 411 -7.22 -22.93 15.38
CA LEU A 411 -7.88 -23.90 16.26
C LEU A 411 -6.94 -25.05 16.61
N VAL A 412 -6.65 -25.21 17.92
CA VAL A 412 -5.74 -26.24 18.45
C VAL A 412 -6.46 -27.17 19.47
N LYS A 413 -5.83 -28.30 19.81
CA LYS A 413 -6.35 -29.30 20.76
C LYS A 413 -6.46 -28.76 22.19
N PHE A 439 -18.45 8.10 -7.81
CA PHE A 439 -19.61 7.31 -7.41
C PHE A 439 -20.81 7.51 -8.36
N ASP A 440 -21.65 6.47 -8.53
CA ASP A 440 -22.82 6.53 -9.40
C ASP A 440 -24.15 6.60 -8.62
N PRO A 441 -25.13 7.43 -9.06
CA PRO A 441 -26.41 7.51 -8.33
C PRO A 441 -27.38 6.36 -8.65
N HIS A 442 -27.05 5.53 -9.67
CA HIS A 442 -27.86 4.38 -10.12
C HIS A 442 -27.44 3.08 -9.43
N SER A 443 -27.05 3.17 -8.14
CA SER A 443 -26.61 2.02 -7.35
C SER A 443 -27.18 2.02 -5.93
N ASN A 444 -27.30 0.83 -5.34
CA ASN A 444 -27.78 0.63 -3.97
C ASN A 444 -26.67 1.08 -3.01
N PHE A 445 -26.97 2.09 -2.18
CA PHE A 445 -26.02 2.67 -1.23
C PHE A 445 -25.95 1.98 0.16
N TYR A 446 -26.96 1.15 0.49
CA TYR A 446 -27.01 0.45 1.79
C TYR A 446 -26.87 -1.08 1.70
N HIS A 447 -26.98 -1.65 0.47
CA HIS A 447 -26.84 -3.08 0.16
C HIS A 447 -25.77 -3.27 -0.92
N PHE A 448 -24.84 -4.21 -0.71
CA PHE A 448 -23.82 -4.54 -1.73
C PHE A 448 -24.48 -5.50 -2.74
N THR A 449 -24.72 -5.02 -3.97
CA THR A 449 -25.35 -5.80 -5.03
C THR A 449 -24.42 -6.90 -5.57
N ARG A 450 -23.09 -6.67 -5.50
CA ARG A 450 -22.03 -7.59 -5.93
C ARG A 450 -22.06 -8.90 -5.11
N PRO A 451 -21.71 -10.07 -5.69
CA PRO A 451 -21.76 -11.32 -4.90
C PRO A 451 -20.69 -11.39 -3.82
N LEU A 452 -21.03 -12.02 -2.68
CA LEU A 452 -20.15 -12.20 -1.51
C LEU A 452 -18.93 -13.05 -1.86
N ILE A 453 -19.14 -14.11 -2.67
CA ILE A 453 -18.09 -15.01 -3.16
C ILE A 453 -18.08 -14.86 -4.68
N LYS A 454 -16.90 -14.98 -5.33
CA LYS A 454 -16.77 -14.91 -6.78
C LYS A 454 -17.62 -16.03 -7.41
N PRO A 455 -18.40 -15.76 -8.49
CA PRO A 455 -19.25 -16.81 -9.08
C PRO A 455 -18.51 -18.09 -9.51
N GLN A 456 -17.26 -17.95 -9.97
CA GLN A 456 -16.38 -19.05 -10.40
C GLN A 456 -16.06 -20.02 -9.24
N CYS A 457 -16.01 -19.49 -8.00
CA CYS A 457 -15.74 -20.24 -6.78
C CYS A 457 -17.02 -20.96 -6.34
N ALA A 458 -18.13 -20.20 -6.18
CA ALA A 458 -19.45 -20.68 -5.75
C ALA A 458 -20.11 -21.72 -6.68
N ALA A 459 -19.67 -21.77 -7.96
CA ALA A 459 -20.17 -22.70 -8.97
C ALA A 459 -19.84 -24.17 -8.66
N TYR A 460 -18.72 -24.41 -7.94
CA TYR A 460 -18.28 -25.75 -7.56
C TYR A 460 -19.12 -26.39 -6.46
N GLY A 461 -19.66 -25.57 -5.54
CA GLY A 461 -20.50 -26.03 -4.45
C GLY A 461 -20.51 -25.12 -3.23
N LYS A 462 -20.50 -25.73 -2.02
CA LYS A 462 -20.53 -25.05 -0.73
C LYS A 462 -19.30 -24.15 -0.53
N ALA A 463 -19.54 -22.83 -0.46
CA ALA A 463 -18.52 -21.80 -0.32
C ALA A 463 -18.35 -21.29 1.11
N LEU A 464 -17.11 -21.32 1.62
CA LEU A 464 -16.76 -20.83 2.96
C LEU A 464 -15.72 -19.72 2.83
N ASP A 465 -16.02 -18.54 3.37
CA ASP A 465 -15.13 -17.38 3.30
C ASP A 465 -14.55 -17.03 4.68
N LEU A 466 -13.27 -17.32 4.89
CA LEU A 466 -12.54 -17.02 6.13
C LEU A 466 -11.42 -15.99 5.87
N SER A 467 -11.59 -15.17 4.81
CA SER A 467 -10.63 -14.14 4.45
C SER A 467 -10.63 -12.99 5.46
N LEU A 468 -9.47 -12.31 5.61
CA LEU A 468 -9.27 -11.18 6.53
C LEU A 468 -9.62 -11.54 8.00
N ASN A 469 -9.09 -12.69 8.46
CA ASN A 469 -9.25 -13.22 9.81
C ASN A 469 -7.87 -13.31 10.50
N SER A 470 -7.78 -13.95 11.70
CA SER A 470 -6.52 -14.08 12.45
C SER A 470 -5.84 -15.46 12.32
N ILE A 471 -6.14 -16.21 11.23
CA ILE A 471 -5.56 -17.52 10.97
C ILE A 471 -4.10 -17.33 10.47
N PHE A 472 -3.16 -17.16 11.42
CA PHE A 472 -1.73 -16.93 11.12
C PHE A 472 -0.99 -18.24 10.78
N PHE A 473 -1.67 -19.39 10.94
CA PHE A 473 -1.24 -20.75 10.60
C PHE A 473 -2.48 -21.66 10.64
N ILE A 474 -2.52 -22.71 9.80
CA ILE A 474 -3.66 -23.61 9.77
C ILE A 474 -3.50 -24.66 10.88
N GLY A 475 -4.33 -24.55 11.91
CA GLY A 475 -4.34 -25.45 13.06
C GLY A 475 -4.85 -26.84 12.74
N PRO A 476 -4.60 -27.84 13.63
CA PRO A 476 -5.06 -29.21 13.34
C PRO A 476 -6.58 -29.41 13.40
N ASN A 477 -7.30 -28.55 14.15
CA ASN A 477 -8.76 -28.62 14.31
C ASN A 477 -9.48 -27.46 13.60
N GLN A 478 -8.77 -26.76 12.68
CA GLN A 478 -9.25 -25.61 11.91
C GLN A 478 -10.52 -25.87 11.10
N PHE A 479 -10.65 -27.06 10.49
CA PHE A 479 -11.80 -27.41 9.67
C PHE A 479 -12.58 -28.63 10.21
N GLU A 480 -12.48 -28.87 11.52
CA GLU A 480 -13.17 -29.96 12.22
C GLU A 480 -14.67 -29.69 12.27
N ASN A 481 -15.49 -30.74 11.99
CA ASN A 481 -16.97 -30.74 11.98
C ASN A 481 -17.57 -29.69 11.00
N LEU A 482 -16.93 -29.55 9.84
CA LEU A 482 -17.29 -28.62 8.77
C LEU A 482 -18.11 -29.33 7.66
N PRO A 483 -19.02 -28.63 6.93
CA PRO A 483 -19.75 -29.30 5.83
C PRO A 483 -18.85 -29.58 4.63
N ASP A 484 -19.36 -30.33 3.62
CA ASP A 484 -18.61 -30.66 2.40
C ASP A 484 -18.37 -29.41 1.54
N ILE A 485 -17.31 -28.66 1.87
CA ILE A 485 -16.88 -27.41 1.26
C ILE A 485 -16.13 -27.64 -0.06
N ALA A 486 -16.55 -26.95 -1.14
CA ALA A 486 -15.95 -27.03 -2.46
C ALA A 486 -15.16 -25.75 -2.79
N CYS A 487 -15.57 -24.61 -2.21
CA CYS A 487 -14.94 -23.30 -2.38
C CYS A 487 -14.50 -22.76 -1.01
N LEU A 488 -13.20 -22.48 -0.86
CA LEU A 488 -12.64 -21.96 0.39
C LEU A 488 -11.76 -20.73 0.16
N ASN A 489 -12.01 -19.66 0.92
CA ASN A 489 -11.23 -18.43 0.85
C ASN A 489 -10.51 -18.17 2.17
N LEU A 490 -9.17 -18.15 2.11
CA LEU A 490 -8.31 -17.87 3.26
C LEU A 490 -7.40 -16.66 2.98
N SER A 491 -7.90 -15.72 2.16
CA SER A 491 -7.20 -14.50 1.74
C SER A 491 -6.88 -13.54 2.89
N ALA A 492 -5.79 -12.76 2.76
CA ALA A 492 -5.31 -11.74 3.70
C ALA A 492 -5.45 -12.14 5.18
N ASN A 493 -4.91 -13.31 5.52
CA ASN A 493 -4.92 -13.88 6.87
C ASN A 493 -3.53 -13.79 7.51
N SER A 494 -2.51 -13.38 6.70
CA SER A 494 -1.09 -13.28 7.05
C SER A 494 -0.53 -14.68 7.42
N ASN A 495 -1.13 -15.74 6.85
CA ASN A 495 -0.82 -17.15 7.07
C ASN A 495 0.60 -17.51 6.63
N ALA A 496 1.44 -18.00 7.58
CA ALA A 496 2.83 -18.38 7.33
C ALA A 496 3.09 -19.88 7.53
N GLN A 497 2.04 -20.70 7.39
CA GLN A 497 2.07 -22.16 7.53
C GLN A 497 2.98 -22.84 6.50
N VAL A 498 3.79 -23.81 6.98
CA VAL A 498 4.64 -24.65 6.14
C VAL A 498 3.75 -25.84 5.78
N LEU A 499 3.10 -25.77 4.61
CA LEU A 499 2.16 -26.78 4.13
C LEU A 499 2.79 -28.16 3.94
N SER A 500 2.28 -29.15 4.69
CA SER A 500 2.77 -30.54 4.66
C SER A 500 1.80 -31.47 3.93
N GLY A 501 0.49 -31.22 4.06
CA GLY A 501 -0.55 -32.02 3.42
C GLY A 501 -1.46 -32.76 4.38
N THR A 502 -1.80 -32.11 5.51
CA THR A 502 -2.67 -32.64 6.57
C THR A 502 -3.68 -31.55 6.97
N GLU A 503 -3.32 -30.29 6.69
CA GLU A 503 -4.06 -29.06 6.97
C GLU A 503 -5.49 -29.01 6.45
N PHE A 504 -5.74 -29.59 5.26
CA PHE A 504 -7.04 -29.59 4.58
C PHE A 504 -7.69 -30.99 4.46
N SER A 505 -7.30 -31.93 5.35
CA SER A 505 -7.81 -33.31 5.36
C SER A 505 -9.29 -33.44 5.75
N ALA A 506 -9.81 -32.50 6.58
CA ALA A 506 -11.20 -32.51 7.03
C ALA A 506 -12.18 -32.07 5.93
N ILE A 507 -11.69 -31.25 4.97
CA ILE A 507 -12.43 -30.77 3.80
C ILE A 507 -11.61 -31.07 2.53
N PRO A 508 -11.54 -32.35 2.07
CA PRO A 508 -10.69 -32.66 0.91
C PRO A 508 -11.35 -32.54 -0.46
N HIS A 509 -12.57 -32.00 -0.52
CA HIS A 509 -13.31 -31.86 -1.77
C HIS A 509 -13.30 -30.41 -2.31
N VAL A 510 -12.34 -29.59 -1.82
CA VAL A 510 -12.15 -28.19 -2.23
C VAL A 510 -11.60 -28.17 -3.66
N LYS A 511 -12.41 -27.67 -4.60
CA LYS A 511 -12.08 -27.58 -6.03
C LYS A 511 -11.52 -26.20 -6.39
N TYR A 512 -11.93 -25.16 -5.63
CA TYR A 512 -11.45 -23.78 -5.83
C TYR A 512 -10.93 -23.29 -4.48
N LEU A 513 -9.61 -23.01 -4.40
CA LEU A 513 -8.96 -22.54 -3.17
C LEU A 513 -8.23 -21.23 -3.40
N ASP A 514 -8.58 -20.20 -2.60
CA ASP A 514 -8.02 -18.87 -2.66
C ASP A 514 -7.12 -18.63 -1.42
N LEU A 515 -5.79 -18.60 -1.63
CA LEU A 515 -4.79 -18.39 -0.57
C LEU A 515 -4.02 -17.07 -0.73
N THR A 516 -4.63 -16.09 -1.42
CA THR A 516 -4.04 -14.78 -1.73
C THR A 516 -3.72 -13.92 -0.50
N ASN A 517 -2.76 -12.98 -0.66
CA ASN A 517 -2.29 -12.00 0.34
C ASN A 517 -1.85 -12.65 1.67
N ASN A 518 -1.03 -13.70 1.59
CA ASN A 518 -0.51 -14.41 2.76
C ASN A 518 1.04 -14.47 2.71
N ARG A 519 1.65 -15.36 3.52
CA ARG A 519 3.10 -15.57 3.59
C ARG A 519 3.44 -17.07 3.74
N LEU A 520 2.60 -17.94 3.12
CA LEU A 520 2.68 -19.40 3.10
C LEU A 520 3.98 -19.98 2.53
N ASP A 521 4.36 -21.17 3.00
CA ASP A 521 5.53 -21.95 2.61
C ASP A 521 5.03 -23.30 2.07
N PHE A 522 5.36 -23.62 0.80
CA PHE A 522 4.94 -24.87 0.16
C PHE A 522 6.11 -25.55 -0.57
N ASP A 523 7.17 -25.85 0.20
CA ASP A 523 8.38 -26.52 -0.26
C ASP A 523 8.20 -28.04 -0.27
N ASN A 524 7.24 -28.56 0.52
CA ASN A 524 6.94 -29.99 0.61
C ASN A 524 6.27 -30.48 -0.69
N ALA A 525 6.64 -31.69 -1.13
CA ALA A 525 6.09 -32.30 -2.34
C ALA A 525 4.62 -32.72 -2.11
N SER A 526 4.26 -32.98 -0.83
CA SER A 526 2.91 -33.37 -0.42
C SER A 526 2.03 -32.19 0.01
N ALA A 527 2.50 -30.93 -0.21
CA ALA A 527 1.77 -29.70 0.12
C ALA A 527 0.52 -29.55 -0.75
N LEU A 528 -0.65 -29.34 -0.12
CA LEU A 528 -1.97 -29.17 -0.76
C LEU A 528 -2.46 -30.43 -1.53
N THR A 529 -1.66 -31.53 -1.56
CA THR A 529 -1.97 -32.78 -2.26
C THR A 529 -3.14 -33.56 -1.65
N GLU A 530 -3.51 -33.28 -0.38
CA GLU A 530 -4.66 -33.92 0.29
C GLU A 530 -5.97 -33.52 -0.39
N LEU A 531 -5.91 -32.44 -1.20
CA LEU A 531 -7.02 -31.91 -1.99
C LEU A 531 -6.86 -32.45 -3.42
N SER A 532 -7.19 -33.73 -3.60
CA SER A 532 -7.08 -34.45 -4.87
C SER A 532 -7.98 -33.92 -5.99
N ASP A 533 -9.16 -33.37 -5.63
CA ASP A 533 -10.15 -32.84 -6.59
C ASP A 533 -9.90 -31.39 -7.01
N LEU A 534 -8.95 -30.68 -6.34
CA LEU A 534 -8.60 -29.28 -6.59
C LEU A 534 -8.37 -28.95 -8.06
N GLU A 535 -9.14 -27.98 -8.57
CA GLU A 535 -9.11 -27.50 -9.95
C GLU A 535 -8.50 -26.09 -10.06
N VAL A 536 -8.91 -25.16 -9.18
CA VAL A 536 -8.41 -23.77 -9.20
C VAL A 536 -7.64 -23.43 -7.91
N LEU A 537 -6.39 -22.94 -8.07
CA LEU A 537 -5.53 -22.55 -6.95
C LEU A 537 -4.96 -21.15 -7.15
N ASP A 538 -5.31 -20.22 -6.24
CA ASP A 538 -4.88 -18.84 -6.28
C ASP A 538 -3.84 -18.57 -5.17
N LEU A 539 -2.55 -18.55 -5.54
CA LEU A 539 -1.44 -18.33 -4.61
C LEU A 539 -0.83 -16.93 -4.78
N SER A 540 -1.65 -15.96 -5.24
CA SER A 540 -1.23 -14.58 -5.48
C SER A 540 -0.83 -13.85 -4.20
N TYR A 541 0.11 -12.89 -4.35
CA TYR A 541 0.63 -12.01 -3.29
C TYR A 541 1.13 -12.77 -2.04
N ASN A 542 1.93 -13.82 -2.28
CA ASN A 542 2.54 -14.67 -1.25
CA ASN A 542 2.55 -14.65 -1.24
C ASN A 542 4.06 -14.41 -1.26
N SER A 543 4.46 -13.25 -1.82
CA SER A 543 5.79 -12.69 -2.04
C SER A 543 6.85 -13.07 -1.00
N HIS A 544 6.58 -12.82 0.30
CA HIS A 544 7.46 -13.04 1.45
C HIS A 544 8.33 -14.31 1.39
N TYR A 545 7.76 -15.46 1.01
CA TYR A 545 8.49 -16.73 0.92
C TYR A 545 9.55 -16.76 -0.19
N PHE A 546 9.15 -16.46 -1.44
CA PHE A 546 10.06 -16.49 -2.60
C PHE A 546 11.10 -15.37 -2.62
N ARG A 547 10.78 -14.21 -2.02
CA ARG A 547 11.67 -13.04 -1.95
C ARG A 547 12.88 -13.28 -1.04
N ILE A 548 12.68 -13.97 0.11
CA ILE A 548 13.71 -14.27 1.10
C ILE A 548 14.66 -15.37 0.57
N ALA A 549 15.99 -15.11 0.66
CA ALA A 549 17.04 -16.04 0.20
C ALA A 549 17.37 -17.16 1.21
N GLY A 550 16.81 -17.06 2.42
CA GLY A 550 17.00 -18.02 3.49
C GLY A 550 16.08 -19.24 3.46
N VAL A 551 15.72 -19.72 2.24
CA VAL A 551 14.87 -20.89 2.02
C VAL A 551 15.34 -21.70 0.80
N THR A 552 14.42 -22.44 0.11
CA THR A 552 14.78 -23.31 -1.01
C THR A 552 13.93 -23.11 -2.28
N HIS A 553 12.62 -22.82 -2.13
CA HIS A 553 11.64 -22.61 -3.24
C HIS A 553 11.49 -23.88 -4.12
N HIS A 554 10.44 -24.67 -3.87
CA HIS A 554 10.15 -25.92 -4.56
C HIS A 554 8.74 -25.91 -5.13
N LEU A 555 8.56 -26.43 -6.37
CA LEU A 555 7.26 -26.51 -7.05
C LEU A 555 7.01 -27.91 -7.62
N GLU A 556 7.04 -28.94 -6.75
CA GLU A 556 6.83 -30.34 -7.11
C GLU A 556 5.40 -30.79 -6.76
N PHE A 557 4.73 -30.06 -5.84
CA PHE A 557 3.38 -30.35 -5.37
C PHE A 557 2.32 -30.34 -6.49
N ILE A 558 2.56 -29.53 -7.55
CA ILE A 558 1.69 -29.38 -8.73
C ILE A 558 1.54 -30.72 -9.50
N GLN A 559 2.63 -31.52 -9.56
CA GLN A 559 2.68 -32.82 -10.25
C GLN A 559 1.63 -33.83 -9.75
N ASN A 560 1.40 -33.89 -8.43
CA ASN A 560 0.48 -34.82 -7.78
C ASN A 560 -1.00 -34.56 -8.12
N PHE A 561 -1.35 -33.32 -8.50
CA PHE A 561 -2.73 -32.93 -8.86
C PHE A 561 -3.14 -33.48 -10.22
N THR A 562 -4.20 -34.31 -10.23
CA THR A 562 -4.75 -34.95 -11.43
C THR A 562 -5.88 -34.16 -12.09
N ASN A 563 -6.40 -33.11 -11.41
CA ASN A 563 -7.51 -32.30 -11.91
C ASN A 563 -7.28 -30.78 -11.89
N LEU A 564 -6.11 -30.30 -11.40
CA LEU A 564 -5.78 -28.88 -11.32
C LEU A 564 -5.70 -28.24 -12.71
N LYS A 565 -6.67 -27.36 -13.03
CA LYS A 565 -6.79 -26.69 -14.33
C LYS A 565 -6.26 -25.24 -14.34
N VAL A 566 -6.57 -24.45 -13.30
CA VAL A 566 -6.16 -23.04 -13.19
C VAL A 566 -5.24 -22.81 -11.98
N LEU A 567 -4.08 -22.17 -12.21
CA LEU A 567 -3.10 -21.82 -11.17
C LEU A 567 -2.61 -20.38 -11.33
N ASN A 568 -2.65 -19.60 -10.24
CA ASN A 568 -2.19 -18.22 -10.23
C ASN A 568 -1.05 -18.02 -9.24
N LEU A 569 0.14 -17.71 -9.79
CA LEU A 569 1.36 -17.46 -9.05
C LEU A 569 1.82 -15.96 -9.17
N SER A 570 0.84 -15.04 -9.35
CA SER A 570 1.09 -13.60 -9.52
C SER A 570 1.61 -12.89 -8.28
N HIS A 571 2.61 -12.01 -8.49
CA HIS A 571 3.26 -11.14 -7.49
C HIS A 571 3.84 -11.93 -6.30
N ASN A 572 4.65 -12.95 -6.62
CA ASN A 572 5.32 -13.82 -5.65
C ASN A 572 6.84 -13.55 -5.60
N ASN A 573 7.40 -12.90 -6.65
CA ASN A 573 8.82 -12.54 -6.82
C ASN A 573 9.72 -13.80 -6.85
N ILE A 574 9.41 -14.74 -7.76
CA ILE A 574 10.13 -16.00 -7.94
C ILE A 574 11.37 -15.79 -8.82
N TYR A 575 12.57 -16.06 -8.26
CA TYR A 575 13.85 -15.93 -8.97
C TYR A 575 14.74 -17.18 -8.87
N THR A 576 14.53 -18.02 -7.84
CA THR A 576 15.29 -19.26 -7.62
C THR A 576 14.39 -20.45 -7.33
N LEU A 577 14.77 -21.63 -7.83
CA LEU A 577 14.04 -22.89 -7.63
C LEU A 577 15.02 -24.06 -7.43
N THR A 578 14.96 -24.70 -6.24
CA THR A 578 15.77 -25.87 -5.85
C THR A 578 14.91 -26.85 -5.01
N ASP A 579 14.98 -28.17 -5.28
CA ASP A 579 15.81 -28.85 -6.28
C ASP A 579 15.12 -28.93 -7.66
N LYS A 580 13.80 -28.63 -7.72
CA LYS A 580 13.03 -28.67 -8.96
C LYS A 580 13.10 -27.34 -9.72
N TYR A 581 14.01 -27.27 -10.69
CA TYR A 581 14.24 -26.11 -11.56
C TYR A 581 13.10 -25.92 -12.57
N ASN A 582 12.32 -26.99 -12.83
CA ASN A 582 11.19 -27.00 -13.77
C ASN A 582 9.87 -27.38 -13.09
N LEU A 583 8.74 -26.86 -13.60
CA LEU A 583 7.40 -27.16 -13.10
C LEU A 583 6.58 -27.94 -14.13
N GLU A 584 5.96 -29.05 -13.67
CA GLU A 584 5.18 -29.96 -14.52
C GLU A 584 3.78 -30.26 -13.99
N SER A 585 2.82 -30.48 -14.92
CA SER A 585 1.41 -30.82 -14.66
C SER A 585 0.76 -31.33 -15.95
N LYS A 586 0.05 -32.46 -15.87
CA LYS A 586 -0.62 -33.07 -17.01
C LYS A 586 -2.04 -32.53 -17.21
N SER A 587 -2.66 -31.98 -16.15
CA SER A 587 -4.03 -31.46 -16.18
C SER A 587 -4.17 -29.93 -16.33
N LEU A 588 -3.12 -29.16 -15.98
CA LEU A 588 -3.12 -27.69 -16.02
C LEU A 588 -3.28 -27.10 -17.43
N VAL A 589 -4.23 -26.16 -17.56
CA VAL A 589 -4.57 -25.47 -18.82
C VAL A 589 -4.27 -23.95 -18.74
N GLU A 590 -4.32 -23.36 -17.53
CA GLU A 590 -4.07 -21.93 -17.32
C GLU A 590 -3.04 -21.69 -16.21
N LEU A 591 -2.04 -20.83 -16.50
CA LEU A 591 -0.99 -20.45 -15.55
C LEU A 591 -0.68 -18.96 -15.60
N VAL A 592 -0.82 -18.29 -14.45
CA VAL A 592 -0.57 -16.85 -14.31
C VAL A 592 0.76 -16.67 -13.53
N PHE A 593 1.86 -16.43 -14.25
CA PHE A 593 3.19 -16.25 -13.66
C PHE A 593 3.62 -14.77 -13.71
N SER A 594 2.64 -13.85 -13.62
CA SER A 594 2.89 -12.42 -13.65
C SER A 594 3.47 -11.89 -12.33
N GLY A 595 4.09 -10.71 -12.37
CA GLY A 595 4.69 -10.06 -11.20
C GLY A 595 5.81 -10.83 -10.51
N ASN A 596 6.52 -11.69 -11.26
CA ASN A 596 7.63 -12.50 -10.76
C ASN A 596 8.97 -11.99 -11.33
N ARG A 597 10.03 -12.82 -11.32
CA ARG A 597 11.35 -12.44 -11.84
C ARG A 597 11.91 -13.46 -12.84
N LEU A 598 11.31 -13.52 -14.05
CA LEU A 598 11.75 -14.41 -15.13
C LEU A 598 13.05 -13.96 -15.78
N ASP A 599 13.43 -12.68 -15.55
CA ASP A 599 14.66 -12.06 -16.05
C ASP A 599 15.90 -12.72 -15.44
N ILE A 600 15.87 -13.03 -14.13
CA ILE A 600 16.97 -13.69 -13.41
C ILE A 600 16.98 -15.19 -13.75
N LEU A 601 15.79 -15.81 -13.85
CA LEU A 601 15.57 -17.23 -14.16
C LEU A 601 16.17 -17.66 -15.50
N TRP A 602 15.98 -16.85 -16.57
CA TRP A 602 16.50 -17.15 -17.91
C TRP A 602 17.87 -16.52 -18.17
N ASN A 603 18.51 -15.94 -17.13
CA ASN A 603 19.84 -15.33 -17.20
C ASN A 603 20.88 -16.25 -16.55
N ASP A 604 20.45 -17.47 -16.14
CA ASP A 604 21.27 -18.50 -15.48
C ASP A 604 22.46 -18.92 -16.35
N ASP A 605 23.67 -18.89 -15.75
CA ASP A 605 24.95 -19.21 -16.42
C ASP A 605 25.17 -20.71 -16.67
N ASP A 606 24.22 -21.58 -16.27
CA ASP A 606 24.27 -23.02 -16.48
C ASP A 606 23.05 -23.52 -17.29
N ASN A 607 22.10 -22.60 -17.58
CA ASN A 607 20.85 -22.84 -18.32
C ASN A 607 20.02 -23.97 -17.68
N ARG A 608 19.73 -23.82 -16.38
CA ARG A 608 18.99 -24.78 -15.56
C ARG A 608 17.48 -24.59 -15.59
N TYR A 609 17.01 -23.35 -15.84
CA TYR A 609 15.58 -23.01 -15.91
C TYR A 609 15.13 -22.84 -17.39
N ILE A 610 15.81 -23.55 -18.32
CA ILE A 610 15.54 -23.47 -19.76
C ILE A 610 14.21 -24.16 -20.14
N SER A 611 13.89 -25.30 -19.49
CA SER A 611 12.68 -26.09 -19.75
C SER A 611 11.65 -25.95 -18.61
N ILE A 612 11.60 -24.74 -18.01
CA ILE A 612 10.74 -24.36 -16.89
C ILE A 612 9.23 -24.61 -17.17
N PHE A 613 8.77 -24.49 -18.44
CA PHE A 613 7.36 -24.72 -18.79
C PHE A 613 7.15 -25.94 -19.72
N LYS A 614 8.18 -26.79 -19.89
CA LYS A 614 8.13 -27.99 -20.74
C LYS A 614 7.18 -29.07 -20.23
N GLY A 615 7.06 -29.19 -18.91
CA GLY A 615 6.21 -30.19 -18.26
C GLY A 615 4.72 -29.98 -18.35
N LEU A 616 4.27 -28.75 -18.68
CA LEU A 616 2.86 -28.40 -18.79
C LEU A 616 2.32 -28.76 -20.19
N LYS A 617 2.02 -30.05 -20.41
CA LYS A 617 1.55 -30.63 -21.67
C LYS A 617 0.21 -30.08 -22.18
N ASN A 618 -0.80 -29.93 -21.29
CA ASN A 618 -2.14 -29.45 -21.65
C ASN A 618 -2.34 -27.93 -21.54
N LEU A 619 -1.27 -27.17 -21.20
CA LEU A 619 -1.34 -25.71 -21.02
C LEU A 619 -1.76 -24.95 -22.28
N THR A 620 -2.89 -24.22 -22.18
CA THR A 620 -3.47 -23.41 -23.27
C THR A 620 -3.29 -21.91 -23.03
N ARG A 621 -3.30 -21.46 -21.76
CA ARG A 621 -3.13 -20.05 -21.42
C ARG A 621 -1.94 -19.82 -20.49
N LEU A 622 -1.12 -18.79 -20.80
CA LEU A 622 0.06 -18.44 -20.01
C LEU A 622 0.27 -16.92 -19.94
N ASP A 623 0.35 -16.39 -18.70
CA ASP A 623 0.54 -14.97 -18.43
C ASP A 623 1.92 -14.70 -17.81
N LEU A 624 2.86 -14.22 -18.65
CA LEU A 624 4.24 -13.89 -18.27
C LEU A 624 4.47 -12.37 -18.22
N SER A 625 3.41 -11.60 -17.92
CA SER A 625 3.46 -10.13 -17.83
C SER A 625 4.17 -9.64 -16.56
N LEU A 626 4.68 -8.37 -16.60
CA LEU A 626 5.39 -7.70 -15.50
C LEU A 626 6.53 -8.54 -14.86
N ASN A 627 7.24 -9.33 -15.69
CA ASN A 627 8.34 -10.19 -15.25
C ASN A 627 9.73 -9.58 -15.43
N ARG A 628 9.79 -8.27 -15.81
CA ARG A 628 11.01 -7.49 -16.05
C ARG A 628 11.91 -8.09 -17.16
N LEU A 629 11.30 -8.88 -18.06
CA LEU A 629 11.96 -9.56 -19.17
C LEU A 629 12.51 -8.59 -20.21
N LYS A 630 13.85 -8.56 -20.35
CA LYS A 630 14.56 -7.71 -21.30
C LYS A 630 14.77 -8.44 -22.64
N HIS A 631 15.03 -9.76 -22.57
CA HIS A 631 15.22 -10.64 -23.74
C HIS A 631 14.91 -12.09 -23.38
N ILE A 632 14.19 -12.79 -24.27
CA ILE A 632 13.84 -14.21 -24.06
C ILE A 632 14.78 -15.09 -24.89
N PRO A 633 15.53 -16.02 -24.24
CA PRO A 633 16.43 -16.90 -25.01
C PRO A 633 15.66 -17.84 -25.94
N ASN A 634 16.20 -18.09 -27.15
CA ASN A 634 15.61 -18.93 -28.19
C ASN A 634 15.25 -20.33 -27.69
N GLU A 635 16.15 -20.98 -26.95
CA GLU A 635 15.96 -22.32 -26.37
C GLU A 635 14.89 -22.32 -25.27
N ALA A 636 14.82 -21.25 -24.47
CA ALA A 636 13.84 -21.07 -23.39
C ALA A 636 12.43 -20.84 -23.94
N PHE A 637 12.33 -20.25 -25.15
CA PHE A 637 11.07 -19.99 -25.83
C PHE A 637 10.61 -21.24 -26.60
N LEU A 638 11.56 -22.09 -27.05
CA LEU A 638 11.29 -23.34 -27.75
C LEU A 638 10.70 -24.38 -26.81
N ASN A 639 11.11 -24.35 -25.53
CA ASN A 639 10.66 -25.26 -24.49
C ASN A 639 9.26 -24.93 -23.93
N LEU A 640 8.64 -23.82 -24.43
CA LEU A 640 7.29 -23.41 -24.03
C LEU A 640 6.25 -24.41 -24.59
N PRO A 641 5.10 -24.64 -23.90
CA PRO A 641 4.12 -25.62 -24.41
C PRO A 641 3.58 -25.34 -25.82
N ALA A 642 3.63 -26.36 -26.69
CA ALA A 642 3.14 -26.30 -28.07
C ALA A 642 1.61 -26.24 -28.12
N SER A 643 0.95 -26.70 -27.04
CA SER A 643 -0.50 -26.73 -26.88
C SER A 643 -1.12 -25.34 -26.60
N LEU A 644 -0.27 -24.32 -26.35
CA LEU A 644 -0.68 -22.95 -26.06
C LEU A 644 -1.56 -22.32 -27.12
N THR A 645 -2.57 -21.57 -26.68
CA THR A 645 -3.56 -20.85 -27.52
C THR A 645 -3.53 -19.36 -27.19
N GLU A 646 -3.22 -19.01 -25.92
CA GLU A 646 -3.14 -17.64 -25.44
C GLU A 646 -1.83 -17.44 -24.68
N LEU A 647 -1.07 -16.37 -25.02
CA LEU A 647 0.20 -16.03 -24.39
C LEU A 647 0.29 -14.52 -24.14
N HIS A 648 0.56 -14.14 -22.87
CA HIS A 648 0.64 -12.74 -22.46
C HIS A 648 2.04 -12.36 -21.95
N ILE A 649 2.85 -11.72 -22.81
CA ILE A 649 4.20 -11.26 -22.43
C ILE A 649 4.23 -9.71 -22.43
N ASN A 650 3.16 -9.09 -21.90
CA ASN A 650 2.97 -7.64 -21.83
C ASN A 650 3.63 -6.99 -20.60
N ASP A 651 3.69 -5.64 -20.60
CA ASP A 651 4.23 -4.76 -19.55
C ASP A 651 5.64 -5.16 -19.05
N ASN A 652 6.50 -5.60 -19.98
CA ASN A 652 7.89 -5.99 -19.70
C ASN A 652 8.88 -4.97 -20.31
N MET A 653 10.14 -5.37 -20.51
CA MET A 653 11.19 -4.51 -21.08
C MET A 653 11.85 -5.16 -22.32
N LEU A 654 11.08 -6.01 -23.04
CA LEU A 654 11.51 -6.75 -24.22
C LEU A 654 11.89 -5.84 -25.38
N LYS A 655 13.18 -5.86 -25.76
CA LYS A 655 13.73 -5.07 -26.87
C LYS A 655 13.63 -5.80 -28.21
N PHE A 656 13.70 -7.15 -28.20
CA PHE A 656 13.64 -7.99 -29.40
C PHE A 656 12.76 -9.24 -29.20
N PHE A 657 12.11 -9.70 -30.29
CA PHE A 657 11.24 -10.88 -30.31
C PHE A 657 11.48 -11.71 -31.57
N ASN A 658 11.85 -13.00 -31.39
CA ASN A 658 12.11 -13.92 -32.49
C ASN A 658 10.79 -14.56 -32.94
N TRP A 659 10.25 -14.06 -34.08
CA TRP A 659 8.99 -14.51 -34.67
C TRP A 659 9.08 -15.89 -35.33
N THR A 660 10.32 -16.32 -35.69
CA THR A 660 10.62 -17.61 -36.33
C THR A 660 10.24 -18.80 -35.41
N LEU A 661 10.33 -18.60 -34.08
CA LEU A 661 10.00 -19.61 -33.06
C LEU A 661 8.50 -19.94 -32.95
N LEU A 662 7.62 -19.12 -33.59
CA LEU A 662 6.17 -19.33 -33.60
C LEU A 662 5.75 -20.54 -34.45
N GLN A 663 6.67 -21.10 -35.26
CA GLN A 663 6.47 -22.27 -36.12
C GLN A 663 6.19 -23.54 -35.32
N GLN A 664 6.72 -23.62 -34.08
CA GLN A 664 6.55 -24.77 -33.18
C GLN A 664 5.22 -24.71 -32.41
N PHE A 665 4.46 -23.59 -32.53
CA PHE A 665 3.16 -23.39 -31.88
C PHE A 665 2.02 -23.33 -32.94
N PRO A 666 1.44 -24.49 -33.34
CA PRO A 666 0.37 -24.45 -34.35
C PRO A 666 -1.04 -24.25 -33.80
N ARG A 667 -1.17 -24.09 -32.47
CA ARG A 667 -2.46 -23.90 -31.79
C ARG A 667 -2.67 -22.46 -31.28
N LEU A 668 -1.58 -21.66 -31.23
CA LEU A 668 -1.57 -20.27 -30.74
C LEU A 668 -2.50 -19.33 -31.53
N GLU A 669 -3.50 -18.77 -30.84
CA GLU A 669 -4.51 -17.87 -31.38
C GLU A 669 -4.34 -16.42 -30.90
N LEU A 670 -3.87 -16.24 -29.65
CA LEU A 670 -3.66 -14.93 -29.04
C LEU A 670 -2.22 -14.75 -28.56
N LEU A 671 -1.61 -13.60 -28.90
CA LEU A 671 -0.26 -13.21 -28.51
C LEU A 671 -0.25 -11.75 -28.07
N ASP A 672 0.01 -11.53 -26.76
CA ASP A 672 0.03 -10.21 -26.13
C ASP A 672 1.48 -9.78 -25.88
N LEU A 673 1.86 -8.61 -26.40
CA LEU A 673 3.20 -8.02 -26.29
C LEU A 673 3.11 -6.50 -26.02
N ARG A 674 2.05 -6.07 -25.30
CA ARG A 674 1.78 -4.67 -24.96
C ARG A 674 2.79 -4.08 -23.96
N GLY A 675 2.93 -2.75 -23.99
CA GLY A 675 3.82 -1.98 -23.11
C GLY A 675 5.27 -2.45 -23.03
N ASN A 676 5.86 -2.82 -24.17
CA ASN A 676 7.25 -3.29 -24.25
C ASN A 676 8.16 -2.29 -24.98
N LYS A 677 9.45 -2.62 -25.15
CA LYS A 677 10.45 -1.77 -25.81
C LYS A 677 10.88 -2.32 -27.19
N LEU A 678 9.99 -3.11 -27.85
CA LEU A 678 10.22 -3.71 -29.16
C LEU A 678 10.36 -2.62 -30.23
N LEU A 679 11.37 -2.76 -31.12
CA LEU A 679 11.68 -1.78 -32.16
C LEU A 679 11.08 -2.08 -33.54
N PHE A 680 11.13 -3.35 -33.98
CA PHE A 680 10.64 -3.74 -35.31
C PHE A 680 9.83 -5.06 -35.33
N LEU A 681 9.17 -5.32 -36.47
CA LEU A 681 8.35 -6.50 -36.75
C LEU A 681 8.94 -7.33 -37.90
N THR A 682 8.42 -8.55 -38.13
CA THR A 682 8.88 -9.45 -39.20
C THR A 682 8.13 -9.23 -40.51
N ASP A 683 8.77 -9.58 -41.64
CA ASP A 683 8.21 -9.46 -42.99
C ASP A 683 7.66 -10.79 -43.56
N SER A 684 7.91 -11.91 -42.85
CA SER A 684 7.44 -13.24 -43.26
C SER A 684 6.71 -13.99 -42.13
N LEU A 685 5.69 -13.32 -41.53
CA LEU A 685 4.89 -13.85 -40.43
C LEU A 685 3.99 -15.04 -40.85
N SER A 686 3.60 -15.10 -42.13
CA SER A 686 2.76 -16.17 -42.71
C SER A 686 3.50 -17.52 -42.74
N ASP A 687 4.83 -17.49 -42.92
CA ASP A 687 5.69 -18.68 -42.98
C ASP A 687 5.89 -19.34 -41.61
N PHE A 688 5.72 -18.57 -40.51
CA PHE A 688 5.88 -19.09 -39.15
C PHE A 688 4.54 -19.45 -38.50
N THR A 689 3.59 -18.49 -38.42
CA THR A 689 2.27 -18.72 -37.82
C THR A 689 1.16 -18.70 -38.88
N SER A 690 0.15 -19.57 -38.70
CA SER A 690 -1.01 -19.72 -39.58
C SER A 690 -2.31 -19.94 -38.78
N SER A 691 -2.22 -19.87 -37.44
CA SER A 691 -3.34 -20.04 -36.52
C SER A 691 -3.64 -18.79 -35.68
N LEU A 692 -2.69 -17.82 -35.65
CA LEU A 692 -2.80 -16.56 -34.90
C LEU A 692 -3.96 -15.71 -35.40
N ARG A 693 -4.89 -15.35 -34.48
CA ARG A 693 -6.08 -14.55 -34.76
C ARG A 693 -5.99 -13.17 -34.11
N THR A 694 -5.48 -13.11 -32.86
CA THR A 694 -5.33 -11.89 -32.09
C THR A 694 -3.84 -11.60 -31.82
N LEU A 695 -3.41 -10.35 -32.07
CA LEU A 695 -2.04 -9.89 -31.85
C LEU A 695 -2.04 -8.48 -31.27
N LEU A 696 -1.60 -8.36 -30.00
CA LEU A 696 -1.57 -7.09 -29.26
C LEU A 696 -0.13 -6.57 -29.14
N LEU A 697 0.14 -5.38 -29.74
CA LEU A 697 1.47 -4.75 -29.74
C LEU A 697 1.39 -3.25 -29.36
N SER A 698 0.44 -2.87 -28.48
CA SER A 698 0.26 -1.49 -28.05
C SER A 698 1.37 -0.98 -27.10
N HIS A 699 1.60 0.35 -27.08
CA HIS A 699 2.60 1.04 -26.25
C HIS A 699 4.04 0.51 -26.43
N ASN A 700 4.42 0.25 -27.69
CA ASN A 700 5.75 -0.23 -28.09
C ASN A 700 6.53 0.86 -28.85
N ARG A 701 7.76 0.54 -29.29
CA ARG A 701 8.62 1.47 -30.02
C ARG A 701 8.68 1.15 -31.54
N ILE A 702 7.62 0.52 -32.09
CA ILE A 702 7.52 0.16 -33.51
C ILE A 702 7.31 1.43 -34.34
N SER A 703 8.26 1.76 -35.21
CA SER A 703 8.24 2.94 -36.07
C SER A 703 7.81 2.65 -37.51
N HIS A 704 8.12 1.45 -38.02
CA HIS A 704 7.79 1.05 -39.39
C HIS A 704 7.19 -0.35 -39.48
N LEU A 705 6.14 -0.50 -40.32
CA LEU A 705 5.49 -1.78 -40.59
C LEU A 705 6.15 -2.43 -41.82
N PRO A 706 6.61 -3.71 -41.73
CA PRO A 706 7.28 -4.33 -42.88
C PRO A 706 6.37 -4.56 -44.09
N SER A 707 6.97 -4.63 -45.29
CA SER A 707 6.27 -4.83 -46.56
C SER A 707 5.59 -6.20 -46.63
N GLY A 708 4.28 -6.18 -46.87
CA GLY A 708 3.45 -7.37 -46.97
C GLY A 708 3.20 -8.06 -45.65
N PHE A 709 2.79 -7.30 -44.62
CA PHE A 709 2.49 -7.81 -43.28
C PHE A 709 1.01 -8.18 -43.15
N LEU A 710 0.11 -7.25 -43.55
CA LEU A 710 -1.34 -7.44 -43.51
C LEU A 710 -1.80 -8.44 -44.58
N SER A 711 -1.09 -8.47 -45.72
CA SER A 711 -1.38 -9.37 -46.85
C SER A 711 -0.52 -10.65 -46.78
N GLU A 712 -0.48 -11.29 -45.59
CA GLU A 712 0.27 -12.51 -45.33
C GLU A 712 -0.47 -13.46 -44.38
N VAL A 713 -0.71 -13.02 -43.12
CA VAL A 713 -1.42 -13.80 -42.11
C VAL A 713 -2.94 -13.75 -42.33
N SER A 714 -3.47 -14.81 -42.96
CA SER A 714 -4.89 -14.96 -43.30
C SER A 714 -5.79 -15.17 -42.09
N SER A 715 -5.31 -15.92 -41.08
CA SER A 715 -6.06 -16.22 -39.86
C SER A 715 -6.28 -15.03 -38.93
N LEU A 716 -5.45 -13.97 -39.04
CA LEU A 716 -5.49 -12.75 -38.23
C LEU A 716 -6.81 -11.98 -38.39
N LYS A 717 -7.47 -11.68 -37.25
CA LYS A 717 -8.75 -10.97 -37.18
C LYS A 717 -8.61 -9.64 -36.42
N HIS A 718 -7.87 -9.64 -35.30
CA HIS A 718 -7.62 -8.45 -34.46
C HIS A 718 -6.13 -8.15 -34.35
N LEU A 719 -5.74 -6.90 -34.66
CA LEU A 719 -4.36 -6.43 -34.60
C LEU A 719 -4.29 -5.07 -33.90
N ASP A 720 -3.46 -4.99 -32.84
CA ASP A 720 -3.28 -3.79 -32.03
C ASP A 720 -1.90 -3.17 -32.27
N LEU A 721 -1.88 -1.91 -32.76
CA LEU A 721 -0.66 -1.14 -33.06
C LEU A 721 -0.77 0.29 -32.49
N SER A 722 -1.68 0.49 -31.52
CA SER A 722 -1.95 1.77 -30.87
C SER A 722 -0.82 2.22 -29.92
N SER A 723 -0.68 3.56 -29.76
CA SER A 723 0.31 4.24 -28.89
C SER A 723 1.79 3.86 -29.17
N ASN A 724 2.11 3.59 -30.45
CA ASN A 724 3.46 3.24 -30.90
C ASN A 724 4.21 4.47 -31.42
N LEU A 725 5.24 4.28 -32.27
CA LEU A 725 6.04 5.36 -32.86
C LEU A 725 5.94 5.39 -34.41
N LEU A 726 4.85 4.82 -34.96
CA LEU A 726 4.57 4.77 -36.40
C LEU A 726 4.24 6.14 -36.97
N LYS A 727 4.85 6.49 -38.12
CA LYS A 727 4.66 7.77 -38.81
C LYS A 727 3.80 7.64 -40.06
N THR A 728 4.14 6.69 -40.95
CA THR A 728 3.42 6.44 -42.21
C THR A 728 3.29 4.95 -42.50
N ILE A 729 2.18 4.56 -43.16
CA ILE A 729 1.91 3.18 -43.55
C ILE A 729 1.95 3.06 -45.08
N ASN A 730 2.96 2.35 -45.59
CA ASN A 730 3.21 2.13 -47.02
C ASN A 730 2.17 1.24 -47.70
N LYS A 731 2.07 1.36 -49.04
CA LYS A 731 1.16 0.58 -49.90
C LYS A 731 1.58 -0.89 -49.94
N SER A 732 2.90 -1.16 -49.81
CA SER A 732 3.48 -2.50 -49.81
C SER A 732 3.09 -3.27 -48.54
N ALA A 733 3.02 -2.58 -47.38
CA ALA A 733 2.64 -3.15 -46.10
C ALA A 733 1.15 -3.50 -46.04
N LEU A 734 0.31 -2.71 -46.74
CA LEU A 734 -1.14 -2.90 -46.81
C LEU A 734 -1.49 -4.06 -47.74
N THR A 740 -7.76 -11.03 -47.10
CA THR A 740 -7.59 -10.73 -45.68
C THR A 740 -8.88 -10.99 -44.88
N LYS A 741 -8.74 -11.39 -43.61
CA LYS A 741 -9.87 -11.69 -42.72
C LYS A 741 -9.91 -10.80 -41.46
N LEU A 742 -9.23 -9.63 -41.51
CA LEU A 742 -9.16 -8.67 -40.41
C LEU A 742 -10.50 -7.97 -40.19
N SER A 743 -10.90 -7.82 -38.91
CA SER A 743 -12.16 -7.18 -38.51
C SER A 743 -11.93 -5.93 -37.66
N MET A 744 -10.85 -5.92 -36.84
CA MET A 744 -10.51 -4.80 -35.96
C MET A 744 -9.03 -4.44 -36.04
N LEU A 745 -8.73 -3.12 -36.14
CA LEU A 745 -7.38 -2.59 -36.23
C LEU A 745 -7.26 -1.27 -35.45
N GLU A 746 -6.41 -1.26 -34.40
CA GLU A 746 -6.19 -0.08 -33.54
C GLU A 746 -4.85 0.59 -33.87
N LEU A 747 -4.87 1.92 -34.07
CA LEU A 747 -3.69 2.74 -34.38
C LEU A 747 -3.71 4.12 -33.68
N HIS A 748 -4.61 4.29 -32.69
CA HIS A 748 -4.78 5.52 -31.92
C HIS A 748 -3.60 5.87 -31.01
N GLY A 749 -3.28 7.16 -30.94
CA GLY A 749 -2.17 7.66 -30.12
C GLY A 749 -0.81 7.47 -30.75
N ASN A 750 -0.76 7.43 -32.10
CA ASN A 750 0.46 7.27 -32.88
C ASN A 750 0.89 8.61 -33.51
N PRO A 751 2.21 8.92 -33.58
CA PRO A 751 2.61 10.19 -34.19
C PRO A 751 2.65 10.08 -35.72
N PHE A 752 1.46 10.22 -36.35
CA PHE A 752 1.28 10.12 -37.80
C PHE A 752 1.66 11.40 -38.53
N GLU A 753 2.42 11.26 -39.64
CA GLU A 753 2.83 12.38 -40.50
C GLU A 753 1.74 12.56 -41.57
N CYS A 754 0.85 13.54 -41.35
CA CYS A 754 -0.28 13.80 -42.25
C CYS A 754 0.08 14.77 -43.39
N THR A 755 0.66 14.22 -44.46
CA THR A 755 1.08 14.96 -45.67
C THR A 755 0.51 14.25 -46.93
N CYS A 756 1.38 13.85 -47.87
CA CYS A 756 0.99 13.15 -49.10
C CYS A 756 1.32 11.66 -49.04
N ASP A 757 2.28 11.28 -48.16
CA ASP A 757 2.72 9.89 -47.95
C ASP A 757 1.64 9.06 -47.23
N ILE A 758 0.78 9.74 -46.44
CA ILE A 758 -0.33 9.14 -45.70
C ILE A 758 -1.55 8.81 -46.60
N GLY A 759 -1.55 9.36 -47.82
CA GLY A 759 -2.59 9.19 -48.82
C GLY A 759 -2.84 7.76 -49.26
N ASP A 760 -1.77 6.93 -49.29
CA ASP A 760 -1.85 5.51 -49.66
C ASP A 760 -2.63 4.69 -48.63
N PHE A 761 -2.44 4.99 -47.33
CA PHE A 761 -3.14 4.32 -46.23
C PHE A 761 -4.61 4.75 -46.13
N ARG A 762 -4.91 6.03 -46.44
CA ARG A 762 -6.26 6.60 -46.42
C ARG A 762 -7.16 5.96 -47.47
N ARG A 763 -6.59 5.65 -48.66
CA ARG A 763 -7.29 5.01 -49.78
C ARG A 763 -7.63 3.56 -49.44
N TRP A 764 -6.79 2.89 -48.63
CA TRP A 764 -6.96 1.52 -48.17
C TRP A 764 -8.13 1.42 -47.18
N MET A 765 -8.34 2.49 -46.36
CA MET A 765 -9.42 2.60 -45.39
C MET A 765 -10.79 2.65 -46.07
N ASP A 766 -10.88 3.35 -47.22
CA ASP A 766 -12.09 3.50 -48.01
C ASP A 766 -12.45 2.19 -48.74
N GLU A 767 -11.42 1.50 -49.28
CA GLU A 767 -11.57 0.22 -50.00
C GLU A 767 -11.98 -0.90 -49.03
N HIS A 768 -11.31 -0.99 -47.87
CA HIS A 768 -11.58 -1.99 -46.84
C HIS A 768 -12.41 -1.37 -45.70
N LEU A 769 -13.74 -1.33 -45.89
CA LEU A 769 -14.68 -0.76 -44.93
C LEU A 769 -14.95 -1.69 -43.74
N ASN A 770 -14.98 -3.03 -43.99
CA ASN A 770 -15.24 -4.09 -43.00
C ASN A 770 -14.26 -4.08 -41.83
N VAL A 771 -13.00 -3.67 -42.09
CA VAL A 771 -11.95 -3.57 -41.07
C VAL A 771 -12.25 -2.32 -40.22
N LYS A 772 -12.95 -2.54 -39.10
CA LYS A 772 -13.38 -1.48 -38.18
C LYS A 772 -12.22 -0.93 -37.34
N ILE A 773 -12.01 0.39 -37.42
CA ILE A 773 -10.96 1.09 -36.66
C ILE A 773 -11.62 1.82 -35.49
N PRO A 774 -11.42 1.36 -34.22
CA PRO A 774 -12.05 2.04 -33.08
C PRO A 774 -11.36 3.35 -32.71
N ARG A 775 -12.09 4.24 -31.99
CA ARG A 775 -11.70 5.57 -31.51
C ARG A 775 -10.84 6.34 -32.54
N LEU A 776 -11.48 6.74 -33.66
CA LEU A 776 -10.86 7.47 -34.77
C LEU A 776 -10.40 8.88 -34.40
N VAL A 777 -11.04 9.51 -33.38
CA VAL A 777 -10.72 10.86 -32.89
C VAL A 777 -9.34 10.92 -32.21
N ASP A 778 -8.93 9.80 -31.56
CA ASP A 778 -7.64 9.69 -30.87
C ASP A 778 -6.46 9.53 -31.83
N VAL A 779 -6.74 9.17 -33.10
CA VAL A 779 -5.72 9.02 -34.15
C VAL A 779 -5.41 10.46 -34.65
N ILE A 780 -4.54 11.15 -33.90
CA ILE A 780 -4.16 12.55 -34.14
C ILE A 780 -2.83 12.68 -34.90
N CYS A 781 -2.79 13.59 -35.90
CA CYS A 781 -1.60 13.90 -36.70
C CYS A 781 -0.60 14.68 -35.83
N ALA A 782 0.69 14.30 -35.90
CA ALA A 782 1.75 14.97 -35.14
C ALA A 782 2.36 16.14 -35.93
N SER A 783 2.60 15.94 -37.24
CA SER A 783 3.17 16.94 -38.14
C SER A 783 2.39 17.01 -39.47
N PRO A 784 2.19 18.20 -40.09
CA PRO A 784 2.62 19.55 -39.68
C PRO A 784 1.77 20.19 -38.59
N GLY A 785 2.12 21.43 -38.22
CA GLY A 785 1.44 22.22 -37.19
C GLY A 785 0.00 22.55 -37.50
N ASP A 786 -0.30 22.90 -38.77
CA ASP A 786 -1.64 23.24 -39.24
C ASP A 786 -2.58 22.03 -39.28
N GLN A 787 -2.03 20.82 -39.49
CA GLN A 787 -2.79 19.57 -39.53
C GLN A 787 -2.84 18.87 -38.16
N ARG A 788 -2.05 19.37 -37.18
CA ARG A 788 -1.99 18.83 -35.82
C ARG A 788 -3.29 19.10 -35.06
N GLY A 789 -3.83 18.05 -34.44
CA GLY A 789 -5.08 18.10 -33.69
C GLY A 789 -6.19 17.32 -34.35
N LYS A 790 -6.36 17.49 -35.68
CA LYS A 790 -7.38 16.83 -36.49
C LYS A 790 -7.09 15.35 -36.74
N SER A 791 -8.13 14.55 -36.99
CA SER A 791 -8.04 13.12 -37.26
C SER A 791 -7.50 12.82 -38.67
N ILE A 792 -7.01 11.58 -38.88
CA ILE A 792 -6.46 11.11 -40.16
C ILE A 792 -7.53 10.97 -41.26
N VAL A 793 -8.78 10.67 -40.86
CA VAL A 793 -9.91 10.51 -41.78
C VAL A 793 -10.55 11.87 -42.15
N SER A 794 -10.28 12.92 -41.33
CA SER A 794 -10.78 14.27 -41.51
C SER A 794 -10.04 15.07 -42.60
N LEU A 795 -8.89 14.55 -43.08
CA LEU A 795 -8.04 15.18 -44.12
C LEU A 795 -8.76 15.29 -45.48
N GLU A 796 -8.48 16.38 -46.21
CA GLU A 796 -9.07 16.65 -47.52
C GLU A 796 -8.04 16.43 -48.63
N SER B 11 38.27 23.30 -2.90
CA SER B 11 38.57 21.87 -2.91
C SER B 11 37.63 21.12 -3.88
N TYR B 12 38.23 20.38 -4.83
CA TYR B 12 37.51 19.59 -5.84
C TYR B 12 38.29 18.30 -6.17
N PRO B 13 37.64 17.11 -6.26
CA PRO B 13 36.20 16.84 -6.08
C PRO B 13 35.77 16.59 -4.63
N CYS B 14 36.73 16.31 -3.73
CA CYS B 14 36.47 16.02 -2.31
C CYS B 14 36.18 17.30 -1.52
N ASP B 15 35.21 17.23 -0.60
CA ASP B 15 34.83 18.36 0.25
C ASP B 15 35.60 18.29 1.57
N GLU B 16 36.42 19.34 1.84
CA GLU B 16 37.23 19.42 3.06
C GLU B 16 36.42 19.89 4.27
N LYS B 17 36.57 19.19 5.40
CA LYS B 17 35.87 19.48 6.65
C LYS B 17 36.77 19.26 7.86
N VAL B 23 41.33 17.05 9.98
CA VAL B 23 40.69 17.39 8.71
C VAL B 23 40.35 16.12 7.91
N ILE B 24 39.06 15.98 7.53
CA ILE B 24 38.54 14.83 6.78
C ILE B 24 37.98 15.31 5.43
N ALA B 25 38.45 14.71 4.32
CA ALA B 25 38.00 15.04 2.96
C ALA B 25 37.00 13.99 2.45
N GLU B 26 35.71 14.36 2.44
CA GLU B 26 34.62 13.49 1.99
C GLU B 26 34.58 13.45 0.46
N CYS B 27 34.93 12.29 -0.12
CA CYS B 27 34.96 12.07 -1.57
C CYS B 27 34.02 10.92 -2.02
N SER B 28 32.92 10.72 -1.27
CA SER B 28 31.93 9.67 -1.54
C SER B 28 30.86 10.08 -2.55
N ASN B 29 30.46 9.13 -3.43
CA ASN B 29 29.45 9.27 -4.49
C ASN B 29 29.70 10.49 -5.39
N ARG B 30 30.78 10.43 -6.20
CA ARG B 30 31.18 11.53 -7.08
C ARG B 30 31.51 11.08 -8.51
N ARG B 31 31.20 9.80 -8.87
CA ARG B 31 31.40 9.18 -10.18
C ARG B 31 32.88 9.16 -10.63
N LEU B 32 33.82 9.09 -9.66
CA LEU B 32 35.26 9.08 -9.92
C LEU B 32 35.74 7.75 -10.51
N GLN B 33 36.37 7.82 -11.70
CA GLN B 33 36.90 6.65 -12.42
C GLN B 33 38.31 6.29 -11.94
N GLU B 34 39.04 7.27 -11.35
CA GLU B 34 40.39 7.12 -10.83
C GLU B 34 40.61 7.97 -9.57
N VAL B 35 41.73 7.74 -8.85
CA VAL B 35 42.09 8.47 -7.61
C VAL B 35 42.49 9.92 -7.97
N PRO B 36 41.84 10.95 -7.38
CA PRO B 36 42.21 12.34 -7.73
C PRO B 36 43.53 12.81 -7.09
N GLN B 37 44.36 13.51 -7.89
CA GLN B 37 45.65 14.04 -7.46
C GLN B 37 45.52 15.45 -6.86
N THR B 38 44.33 16.07 -6.97
CA THR B 38 44.01 17.42 -6.46
C THR B 38 43.85 17.47 -4.93
N VAL B 39 43.85 16.31 -4.25
CA VAL B 39 43.71 16.16 -2.80
C VAL B 39 44.95 16.75 -2.10
N GLY B 40 44.72 17.64 -1.13
CA GLY B 40 45.75 18.31 -0.35
C GLY B 40 46.57 17.39 0.54
N LYS B 41 47.84 17.76 0.79
CA LYS B 41 48.79 17.01 1.61
C LYS B 41 48.42 16.98 3.10
N TYR B 42 47.74 18.04 3.59
CA TYR B 42 47.31 18.19 4.98
C TYR B 42 46.21 17.20 5.41
N VAL B 43 45.50 16.59 4.44
CA VAL B 43 44.40 15.62 4.63
C VAL B 43 44.87 14.38 5.40
N THR B 44 44.23 14.10 6.54
CA THR B 44 44.53 12.95 7.43
C THR B 44 43.61 11.76 7.14
N GLU B 45 42.33 12.03 6.80
CA GLU B 45 41.35 10.99 6.50
C GLU B 45 40.70 11.21 5.14
N LEU B 46 40.79 10.20 4.25
CA LEU B 46 40.23 10.24 2.90
C LEU B 46 39.28 9.07 2.68
N ASP B 47 38.02 9.39 2.32
CA ASP B 47 36.95 8.43 2.08
C ASP B 47 36.56 8.43 0.59
N LEU B 48 37.03 7.42 -0.16
CA LEU B 48 36.74 7.27 -1.59
C LEU B 48 35.73 6.13 -1.84
N SER B 49 34.72 6.03 -0.95
CA SER B 49 33.68 5.00 -1.03
C SER B 49 32.63 5.32 -2.10
N ASP B 50 32.00 4.26 -2.65
CA ASP B 50 30.94 4.30 -3.68
C ASP B 50 31.37 5.08 -4.94
N ASN B 51 32.49 4.67 -5.55
CA ASN B 51 33.04 5.28 -6.76
C ASN B 51 33.42 4.22 -7.80
N PHE B 52 33.54 4.62 -9.08
CA PHE B 52 33.87 3.72 -10.19
C PHE B 52 35.39 3.50 -10.40
N ILE B 53 36.19 3.60 -9.31
CA ILE B 53 37.65 3.40 -9.34
C ILE B 53 37.95 1.91 -9.57
N THR B 54 38.86 1.60 -10.50
CA THR B 54 39.23 0.22 -10.87
C THR B 54 40.68 -0.14 -10.55
N HIS B 55 41.62 0.83 -10.63
CA HIS B 55 43.04 0.57 -10.38
C HIS B 55 43.64 1.39 -9.24
N ILE B 56 44.43 0.73 -8.38
CA ILE B 56 45.13 1.33 -7.24
C ILE B 56 46.64 1.05 -7.37
N THR B 57 47.44 2.11 -7.54
CA THR B 57 48.90 2.02 -7.71
C THR B 57 49.66 2.80 -6.62
N ASN B 58 51.01 2.77 -6.65
CA ASN B 58 51.89 3.47 -5.72
C ASN B 58 51.87 4.99 -5.90
N GLU B 59 51.49 5.46 -7.10
CA GLU B 59 51.41 6.88 -7.46
C GLU B 59 50.07 7.53 -7.03
N SER B 60 49.04 6.70 -6.74
CA SER B 60 47.71 7.13 -6.32
C SER B 60 47.70 7.93 -5.02
N PHE B 61 48.54 7.52 -4.04
CA PHE B 61 48.66 8.18 -2.74
C PHE B 61 50.09 8.72 -2.51
N GLN B 62 50.77 9.14 -3.59
CA GLN B 62 52.13 9.68 -3.58
C GLN B 62 52.19 11.05 -2.91
N GLY B 63 53.16 11.21 -2.00
CA GLY B 63 53.39 12.44 -1.25
C GLY B 63 52.28 12.78 -0.26
N LEU B 64 51.68 11.74 0.35
CA LEU B 64 50.59 11.89 1.32
C LEU B 64 50.89 11.12 2.62
N GLN B 65 51.99 11.50 3.29
CA GLN B 65 52.45 10.90 4.55
C GLN B 65 51.54 11.18 5.75
N ASN B 66 50.76 12.29 5.69
CA ASN B 66 49.84 12.71 6.75
C ASN B 66 48.59 11.81 6.89
N LEU B 67 48.27 11.01 5.85
CA LEU B 67 47.11 10.11 5.84
C LEU B 67 47.21 8.97 6.85
N THR B 68 46.14 8.79 7.64
CA THR B 68 46.02 7.74 8.67
C THR B 68 44.90 6.75 8.33
N LYS B 69 43.81 7.24 7.70
CA LYS B 69 42.66 6.42 7.31
C LYS B 69 42.31 6.58 5.83
N ILE B 70 42.20 5.44 5.12
CA ILE B 70 41.84 5.37 3.70
C ILE B 70 40.69 4.37 3.53
N ASN B 71 39.55 4.85 2.99
CA ASN B 71 38.34 4.07 2.75
C ASN B 71 38.14 3.88 1.25
N LEU B 72 38.13 2.63 0.79
CA LEU B 72 37.94 2.28 -0.63
C LEU B 72 36.83 1.23 -0.80
N ASN B 73 35.71 1.43 -0.09
CA ASN B 73 34.55 0.54 -0.13
C ASN B 73 33.72 0.74 -1.40
N HIS B 74 33.19 -0.37 -1.95
CA HIS B 74 32.35 -0.43 -3.15
C HIS B 74 33.02 0.21 -4.38
N ASN B 75 34.14 -0.39 -4.84
CA ASN B 75 34.90 0.08 -6.00
C ASN B 75 35.21 -1.05 -7.01
N PRO B 76 34.55 -1.08 -8.19
CA PRO B 76 33.53 -0.14 -8.68
C PRO B 76 32.11 -0.46 -8.23
N ASN B 77 31.29 0.60 -7.99
CA ASN B 77 29.89 0.59 -7.54
C ASN B 77 29.60 -0.43 -6.44
N GLY B 91 36.94 -6.76 -10.65
CA GLY B 91 36.75 -5.77 -9.59
C GLY B 91 37.87 -4.76 -9.50
N LEU B 92 38.38 -4.53 -8.27
CA LEU B 92 39.47 -3.59 -8.00
C LEU B 92 40.84 -4.27 -8.14
N ASN B 93 41.78 -3.58 -8.82
CA ASN B 93 43.13 -4.07 -9.07
C ASN B 93 44.15 -3.27 -8.24
N ILE B 94 44.83 -3.94 -7.28
CA ILE B 94 45.82 -3.34 -6.41
C ILE B 94 47.21 -3.94 -6.68
N THR B 95 48.19 -3.09 -7.01
CA THR B 95 49.57 -3.49 -7.28
C THR B 95 50.30 -3.81 -5.97
N ASP B 96 51.40 -4.60 -6.05
CA ASP B 96 52.22 -4.99 -4.90
C ASP B 96 52.93 -3.80 -4.25
N GLY B 97 52.63 -3.56 -2.98
CA GLY B 97 53.20 -2.47 -2.21
C GLY B 97 52.68 -1.10 -2.61
N ALA B 98 51.38 -1.02 -2.98
CA ALA B 98 50.72 0.22 -3.40
C ALA B 98 50.52 1.18 -2.23
N PHE B 99 50.28 0.63 -1.02
CA PHE B 99 50.07 1.41 0.21
C PHE B 99 51.32 1.46 1.09
N LEU B 100 52.35 0.65 0.76
CA LEU B 100 53.63 0.52 1.48
C LEU B 100 54.36 1.86 1.74
N ASN B 101 54.22 2.85 0.84
CA ASN B 101 54.81 4.18 0.96
C ASN B 101 54.25 4.99 2.13
N LEU B 102 52.97 4.72 2.50
CA LEU B 102 52.28 5.40 3.59
C LEU B 102 52.78 4.85 4.93
N LYS B 103 53.36 5.72 5.77
CA LYS B 103 53.91 5.35 7.07
C LYS B 103 52.94 5.52 8.24
N ASN B 104 52.06 6.53 8.18
CA ASN B 104 51.09 6.83 9.23
C ASN B 104 49.74 6.10 9.08
N LEU B 105 49.58 5.27 8.02
CA LEU B 105 48.36 4.52 7.74
C LEU B 105 48.05 3.49 8.84
N ARG B 106 46.93 3.72 9.55
CA ARG B 106 46.47 2.88 10.66
C ARG B 106 45.18 2.12 10.33
N GLU B 107 44.25 2.75 9.58
CA GLU B 107 42.99 2.14 9.17
C GLU B 107 42.86 2.07 7.65
N LEU B 108 42.48 0.89 7.14
CA LEU B 108 42.30 0.65 5.70
C LEU B 108 41.04 -0.19 5.46
N LEU B 109 40.03 0.43 4.83
CA LEU B 109 38.76 -0.19 4.53
C LEU B 109 38.66 -0.63 3.07
N LEU B 110 38.75 -1.95 2.83
CA LEU B 110 38.67 -2.55 1.50
C LEU B 110 37.50 -3.54 1.41
N GLU B 111 36.28 -3.01 1.36
CA GLU B 111 35.04 -3.78 1.30
C GLU B 111 34.35 -3.72 -0.06
N ASP B 112 33.70 -4.84 -0.47
CA ASP B 112 32.96 -5.02 -1.73
C ASP B 112 33.77 -4.57 -2.96
N ASN B 113 35.00 -5.08 -3.07
CA ASN B 113 35.92 -4.76 -4.18
C ASN B 113 36.13 -5.95 -5.12
N GLN B 114 35.57 -7.13 -4.78
CA GLN B 114 35.65 -8.39 -5.51
C GLN B 114 37.10 -8.88 -5.69
N LEU B 115 37.93 -8.67 -4.64
CA LEU B 115 39.35 -9.04 -4.61
C LEU B 115 39.52 -10.56 -4.52
N PRO B 116 40.32 -11.20 -5.40
CA PRO B 116 40.49 -12.66 -5.33
C PRO B 116 41.33 -13.16 -4.15
N GLN B 117 42.22 -12.31 -3.62
CA GLN B 117 43.10 -12.63 -2.49
C GLN B 117 43.52 -11.36 -1.73
N ILE B 118 44.16 -11.53 -0.54
CA ILE B 118 44.64 -10.43 0.31
C ILE B 118 45.78 -9.70 -0.43
N PRO B 119 45.73 -8.35 -0.56
CA PRO B 119 46.81 -7.64 -1.29
C PRO B 119 48.17 -7.78 -0.61
N SER B 120 49.19 -8.16 -1.39
CA SER B 120 50.56 -8.36 -0.90
C SER B 120 51.33 -7.04 -0.91
N GLY B 121 51.88 -6.68 0.23
CA GLY B 121 52.64 -5.45 0.41
C GLY B 121 51.90 -4.40 1.23
N LEU B 122 51.13 -4.85 2.23
CA LEU B 122 50.37 -3.98 3.12
C LEU B 122 51.28 -3.37 4.19
N PRO B 123 51.06 -2.10 4.63
CA PRO B 123 51.94 -1.50 5.64
C PRO B 123 51.77 -2.11 7.03
N GLU B 124 52.90 -2.41 7.70
CA GLU B 124 52.95 -3.01 9.03
C GLU B 124 52.39 -2.11 10.14
N SER B 125 52.29 -0.80 9.89
CA SER B 125 51.78 0.22 10.82
C SER B 125 50.25 0.14 11.04
N LEU B 126 49.55 -0.69 10.24
CA LEU B 126 48.09 -0.87 10.32
C LEU B 126 47.62 -1.46 11.64
N THR B 127 46.52 -0.89 12.18
CA THR B 127 45.86 -1.31 13.42
C THR B 127 44.44 -1.81 13.13
N GLU B 128 43.88 -1.42 11.96
CA GLU B 128 42.55 -1.83 11.53
C GLU B 128 42.53 -2.17 10.04
N LEU B 129 42.04 -3.37 9.70
CA LEU B 129 41.94 -3.86 8.33
C LEU B 129 40.64 -4.65 8.15
N SER B 130 39.80 -4.24 7.18
CA SER B 130 38.52 -4.86 6.89
C SER B 130 38.47 -5.30 5.42
N LEU B 131 38.17 -6.58 5.19
CA LEU B 131 38.06 -7.19 3.85
C LEU B 131 36.76 -7.99 3.72
N ILE B 132 35.61 -7.30 3.90
CA ILE B 132 34.27 -7.87 3.82
C ILE B 132 33.69 -7.77 2.39
N GLN B 133 32.81 -8.71 2.01
CA GLN B 133 32.11 -8.81 0.72
C GLN B 133 33.06 -8.95 -0.50
N ASN B 134 34.23 -9.58 -0.29
CA ASN B 134 35.21 -9.83 -1.34
C ASN B 134 35.20 -11.32 -1.73
N ASN B 135 36.04 -11.73 -2.69
CA ASN B 135 36.12 -13.12 -3.15
C ASN B 135 37.40 -13.82 -2.67
N ILE B 136 37.94 -13.37 -1.51
CA ILE B 136 39.17 -13.92 -0.91
C ILE B 136 38.89 -15.33 -0.35
N TYR B 137 39.32 -16.35 -1.09
CA TYR B 137 39.10 -17.75 -0.72
C TYR B 137 40.29 -18.37 0.04
N ASN B 138 41.40 -17.61 0.19
CA ASN B 138 42.61 -18.08 0.88
C ASN B 138 43.20 -17.01 1.81
N ILE B 139 43.41 -17.37 3.10
CA ILE B 139 43.99 -16.48 4.11
C ILE B 139 45.42 -16.97 4.39
N THR B 140 46.39 -16.42 3.63
CA THR B 140 47.82 -16.79 3.69
C THR B 140 48.64 -15.88 4.62
N LYS B 141 49.82 -16.39 5.06
CA LYS B 141 50.76 -15.70 5.93
C LYS B 141 51.48 -14.54 5.22
N GLU B 142 51.54 -14.59 3.88
CA GLU B 142 52.19 -13.57 3.05
C GLU B 142 51.43 -12.22 3.00
N GLY B 143 50.18 -12.22 3.47
CA GLY B 143 49.32 -11.03 3.46
C GLY B 143 48.98 -10.42 4.81
N ILE B 144 48.73 -11.23 5.85
CA ILE B 144 48.31 -10.70 7.16
C ILE B 144 49.32 -10.97 8.31
N SER B 145 50.10 -12.07 8.27
CA SER B 145 51.07 -12.41 9.34
C SER B 145 52.17 -11.38 9.54
N ARG B 146 52.55 -10.63 8.47
CA ARG B 146 53.56 -9.57 8.52
C ARG B 146 53.09 -8.38 9.36
N LEU B 147 51.77 -8.11 9.33
CA LEU B 147 51.13 -7.02 10.07
C LEU B 147 50.88 -7.47 11.51
N ILE B 148 51.80 -7.10 12.43
CA ILE B 148 51.75 -7.46 13.85
C ILE B 148 51.06 -6.39 14.72
N ASN B 149 50.98 -5.15 14.22
CA ASN B 149 50.36 -4.02 14.94
C ASN B 149 48.83 -4.01 14.88
N LEU B 150 48.21 -4.96 14.13
CA LEU B 150 46.76 -5.05 13.97
C LEU B 150 46.02 -5.33 15.28
N LYS B 151 44.95 -4.58 15.51
CA LYS B 151 44.08 -4.68 16.68
C LYS B 151 42.75 -5.30 16.26
N ASN B 152 42.14 -4.78 15.17
CA ASN B 152 40.86 -5.27 14.63
C ASN B 152 41.04 -5.78 13.20
N LEU B 153 40.63 -7.03 12.94
CA LEU B 153 40.71 -7.68 11.64
C LEU B 153 39.34 -8.24 11.27
N TYR B 154 38.80 -7.82 10.12
CA TYR B 154 37.49 -8.23 9.62
C TYR B 154 37.64 -9.00 8.31
N LEU B 155 37.32 -10.30 8.32
CA LEU B 155 37.40 -11.18 7.15
C LEU B 155 36.07 -11.91 6.96
N ALA B 156 34.98 -11.14 6.83
CA ALA B 156 33.62 -11.64 6.66
C ALA B 156 33.16 -11.62 5.20
N TRP B 157 32.08 -12.40 4.90
CA TRP B 157 31.42 -12.53 3.58
C TRP B 157 32.39 -12.77 2.40
N ASN B 158 33.47 -13.55 2.64
CA ASN B 158 34.46 -13.87 1.62
C ASN B 158 34.08 -15.12 0.83
N CYS B 159 34.17 -16.31 1.45
CA CYS B 159 33.76 -17.57 0.83
C CYS B 159 32.41 -17.94 1.46
N TYR B 160 31.33 -17.36 0.90
CA TYR B 160 29.96 -17.54 1.38
C TYR B 160 29.02 -17.82 0.20
N PHE B 161 28.68 -19.12 0.01
CA PHE B 161 27.80 -19.65 -1.05
C PHE B 161 28.29 -19.29 -2.48
N ASN B 162 29.47 -19.82 -2.85
CA ASN B 162 30.10 -19.59 -4.16
C ASN B 162 30.33 -20.92 -4.87
N CYS B 165 34.25 -21.90 -4.59
CA CYS B 165 34.72 -22.10 -3.22
C CYS B 165 33.76 -22.99 -2.43
N GLU B 166 34.33 -24.02 -1.77
CA GLU B 166 33.58 -24.98 -0.95
C GLU B 166 33.89 -24.78 0.55
N LYS B 167 35.17 -24.46 0.86
CA LYS B 167 35.66 -24.22 2.23
C LYS B 167 36.75 -23.13 2.23
N THR B 168 36.69 -22.22 3.22
CA THR B 168 37.66 -21.12 3.39
C THR B 168 38.98 -21.70 3.91
N ASN B 169 40.07 -21.52 3.14
CA ASN B 169 41.40 -22.03 3.48
C ASN B 169 42.12 -21.10 4.48
N ILE B 170 42.38 -21.63 5.68
CA ILE B 170 43.06 -20.91 6.77
C ILE B 170 44.41 -21.58 7.03
N GLU B 171 45.50 -20.78 6.99
CA GLU B 171 46.86 -21.27 7.24
C GLU B 171 47.06 -21.55 8.72
N ASP B 172 47.87 -22.58 9.04
CA ASP B 172 48.17 -22.99 10.42
C ASP B 172 49.02 -21.93 11.13
N GLY B 173 48.41 -21.30 12.13
CA GLY B 173 49.04 -20.24 12.92
C GLY B 173 49.19 -18.93 12.18
N VAL B 174 48.20 -18.60 11.33
CA VAL B 174 48.18 -17.36 10.53
C VAL B 174 47.83 -16.14 11.42
N PHE B 175 47.09 -16.37 12.53
CA PHE B 175 46.70 -15.32 13.47
C PHE B 175 47.59 -15.32 14.73
N GLU B 176 48.46 -16.36 14.86
CA GLU B 176 49.39 -16.55 15.99
C GLU B 176 50.43 -15.44 16.13
N THR B 177 50.92 -14.90 14.99
CA THR B 177 51.91 -13.80 14.96
C THR B 177 51.29 -12.47 15.39
N LEU B 178 49.97 -12.30 15.17
CA LEU B 178 49.20 -11.11 15.53
C LEU B 178 48.93 -11.09 17.04
N THR B 179 49.95 -10.70 17.82
CA THR B 179 49.93 -10.65 19.29
C THR B 179 49.11 -9.48 19.87
N ASN B 180 48.84 -8.43 19.08
CA ASN B 180 48.09 -7.26 19.53
C ASN B 180 46.61 -7.29 19.12
N LEU B 181 46.17 -8.42 18.51
CA LEU B 181 44.80 -8.62 18.03
C LEU B 181 43.78 -8.73 19.17
N GLU B 182 42.85 -7.76 19.23
CA GLU B 182 41.77 -7.68 20.21
C GLU B 182 40.45 -8.15 19.62
N LEU B 183 40.22 -7.87 18.33
CA LEU B 183 39.00 -8.26 17.62
C LEU B 183 39.33 -9.07 16.37
N LEU B 184 38.59 -10.17 16.17
CA LEU B 184 38.72 -11.03 15.01
C LEU B 184 37.35 -11.50 14.55
N SER B 185 37.00 -11.19 13.31
CA SER B 185 35.72 -11.57 12.70
C SER B 185 35.96 -12.49 11.52
N LEU B 186 35.46 -13.72 11.62
CA LEU B 186 35.54 -14.75 10.58
C LEU B 186 34.15 -15.24 10.21
N SER B 187 33.12 -14.45 10.60
CA SER B 187 31.70 -14.71 10.36
C SER B 187 31.35 -14.77 8.87
N PHE B 188 30.30 -15.55 8.53
CA PHE B 188 29.79 -15.76 7.18
C PHE B 188 30.89 -16.26 6.21
N ASN B 189 31.53 -17.36 6.60
CA ASN B 189 32.59 -18.05 5.88
C ASN B 189 32.49 -19.54 6.16
N SER B 190 32.46 -20.36 5.10
CA SER B 190 32.37 -21.82 5.21
C SER B 190 33.68 -22.36 5.81
N LEU B 191 33.73 -22.41 7.16
CA LEU B 191 34.90 -22.85 7.92
C LEU B 191 34.82 -24.30 8.39
N SER B 192 33.60 -24.74 8.81
CA SER B 192 33.26 -26.08 9.33
C SER B 192 33.91 -26.42 10.69
N HIS B 193 35.08 -25.83 10.98
CA HIS B 193 35.85 -26.02 12.22
C HIS B 193 36.39 -24.68 12.73
N VAL B 194 36.60 -24.57 14.06
CA VAL B 194 37.15 -23.38 14.72
C VAL B 194 38.65 -23.26 14.35
N PRO B 195 39.13 -22.09 13.83
CA PRO B 195 40.54 -21.98 13.44
C PRO B 195 41.54 -22.16 14.59
N PRO B 196 42.56 -23.05 14.43
CA PRO B 196 43.52 -23.26 15.52
C PRO B 196 44.59 -22.16 15.63
N LYS B 197 45.32 -22.14 16.78
CA LYS B 197 46.38 -21.21 17.13
C LYS B 197 45.91 -19.74 17.12
N LEU B 198 45.05 -19.40 18.09
CA LEU B 198 44.48 -18.05 18.26
C LEU B 198 45.22 -17.26 19.36
N PRO B 199 45.48 -15.94 19.17
CA PRO B 199 46.20 -15.18 20.20
C PRO B 199 45.42 -14.95 21.49
N SER B 200 46.12 -15.03 22.63
CA SER B 200 45.58 -14.86 23.99
C SER B 200 45.04 -13.45 24.29
N SER B 201 45.46 -12.43 23.50
CA SER B 201 45.03 -11.04 23.64
C SER B 201 43.59 -10.77 23.16
N LEU B 202 42.97 -11.74 22.44
CA LEU B 202 41.61 -11.64 21.90
C LEU B 202 40.55 -11.32 22.94
N ARG B 203 39.81 -10.22 22.71
CA ARG B 203 38.74 -9.72 23.56
C ARG B 203 37.36 -9.98 22.93
N LYS B 204 37.25 -9.89 21.59
CA LYS B 204 36.00 -10.12 20.87
C LYS B 204 36.21 -11.09 19.71
N LEU B 205 35.52 -12.24 19.73
CA LEU B 205 35.61 -13.26 18.68
C LEU B 205 34.23 -13.54 18.09
N PHE B 206 34.07 -13.24 16.79
CA PHE B 206 32.83 -13.44 16.06
C PHE B 206 32.97 -14.62 15.11
N LEU B 207 32.06 -15.61 15.25
CA LEU B 207 32.02 -16.82 14.43
C LEU B 207 30.57 -17.19 14.07
N SER B 208 29.84 -16.21 13.51
CA SER B 208 28.45 -16.38 13.10
C SER B 208 28.34 -17.00 11.70
N ASN B 209 27.37 -17.93 11.50
CA ASN B 209 27.10 -18.64 10.25
C ASN B 209 28.38 -19.17 9.57
N THR B 210 29.25 -19.80 10.38
CA THR B 210 30.55 -20.33 9.95
C THR B 210 30.52 -21.82 9.61
N GLN B 211 29.31 -22.44 9.66
CA GLN B 211 29.04 -23.86 9.39
C GLN B 211 29.77 -24.80 10.38
N ILE B 212 30.15 -24.28 11.56
CA ILE B 212 30.85 -25.03 12.60
C ILE B 212 29.82 -25.79 13.45
N LYS B 213 29.64 -27.08 13.15
CA LYS B 213 28.69 -27.96 13.83
C LYS B 213 29.16 -28.43 15.21
N TYR B 214 30.47 -28.66 15.37
CA TYR B 214 31.06 -29.15 16.61
C TYR B 214 31.98 -28.15 17.31
N ILE B 215 31.78 -27.97 18.64
CA ILE B 215 32.58 -27.08 19.49
C ILE B 215 33.28 -27.91 20.58
N SER B 216 34.63 -27.90 20.57
CA SER B 216 35.44 -28.65 21.54
C SER B 216 36.10 -27.72 22.58
N GLU B 217 36.70 -28.33 23.63
CA GLU B 217 37.37 -27.62 24.72
C GLU B 217 38.67 -26.94 24.27
N GLU B 218 39.36 -27.51 23.26
CA GLU B 218 40.62 -27.00 22.71
C GLU B 218 40.45 -25.77 21.81
N ASP B 219 39.20 -25.48 21.37
CA ASP B 219 38.87 -24.35 20.51
C ASP B 219 39.07 -22.99 21.19
N PHE B 220 38.57 -22.84 22.44
CA PHE B 220 38.69 -21.59 23.20
C PHE B 220 39.44 -21.80 24.53
N LYS B 221 40.53 -22.59 24.49
CA LYS B 221 41.37 -22.92 25.66
C LYS B 221 42.27 -21.75 26.11
N GLY B 222 43.08 -21.24 25.19
CA GLY B 222 44.01 -20.15 25.46
C GLY B 222 43.50 -18.76 25.12
N LEU B 223 42.22 -18.49 25.40
CA LEU B 223 41.56 -17.19 25.15
C LEU B 223 40.93 -16.67 26.46
N ILE B 224 41.76 -16.45 27.47
CA ILE B 224 41.36 -15.97 28.81
C ILE B 224 40.81 -14.53 28.84
N ASN B 225 41.20 -13.71 27.86
CA ASN B 225 40.82 -12.29 27.78
C ASN B 225 39.51 -12.01 27.01
N LEU B 226 38.79 -13.06 26.54
CA LEU B 226 37.53 -12.92 25.80
C LEU B 226 36.36 -12.38 26.63
N THR B 227 35.74 -11.28 26.14
CA THR B 227 34.59 -10.61 26.74
C THR B 227 33.33 -10.90 25.91
N LEU B 228 33.52 -11.24 24.61
CA LEU B 228 32.44 -11.56 23.67
C LEU B 228 32.76 -12.81 22.88
N LEU B 229 31.73 -13.66 22.69
CA LEU B 229 31.80 -14.87 21.88
C LEU B 229 30.50 -15.04 21.11
N ASP B 230 30.60 -14.94 19.78
CA ASP B 230 29.46 -15.06 18.87
C ASP B 230 29.55 -16.40 18.15
N LEU B 231 28.63 -17.32 18.46
CA LEU B 231 28.56 -18.66 17.87
C LEU B 231 27.22 -18.90 17.18
N SER B 232 26.51 -17.80 16.87
CA SER B 232 25.21 -17.79 16.21
C SER B 232 25.23 -18.31 14.75
N GLY B 233 24.07 -18.74 14.25
CA GLY B 233 23.91 -19.21 12.88
C GLY B 233 24.50 -20.56 12.52
N ASN B 234 25.06 -21.30 13.49
CA ASN B 234 25.63 -22.62 13.25
C ASN B 234 24.54 -23.65 13.57
N CYS B 235 24.09 -24.39 12.51
CA CYS B 235 22.94 -25.31 12.49
C CYS B 235 21.72 -24.42 12.79
N PRO B 236 21.32 -23.54 11.83
CA PRO B 236 20.27 -22.56 12.15
C PRO B 236 18.83 -22.96 11.87
N ARG B 237 17.90 -22.24 12.54
CA ARG B 237 16.46 -22.34 12.38
C ARG B 237 16.13 -21.18 11.44
N CYS B 238 15.89 -21.49 10.15
CA CYS B 238 15.65 -20.52 9.08
C CYS B 238 14.41 -19.65 9.31
N PHE B 239 14.56 -18.34 9.03
CA PHE B 239 13.53 -17.32 9.22
C PHE B 239 13.60 -16.24 8.12
N ASN B 240 13.10 -15.03 8.41
CA ASN B 240 13.12 -13.86 7.51
C ASN B 240 14.56 -13.30 7.51
N ALA B 241 15.46 -13.96 6.74
CA ALA B 241 16.88 -13.59 6.66
C ALA B 241 17.35 -13.19 5.25
N PRO B 242 18.17 -12.11 5.11
CA PRO B 242 18.64 -11.73 3.77
C PRO B 242 19.73 -12.64 3.20
N PHE B 243 20.44 -13.38 4.08
CA PHE B 243 21.51 -14.31 3.74
C PHE B 243 21.01 -15.75 3.59
N PRO B 244 21.59 -16.58 2.68
CA PRO B 244 21.11 -17.97 2.51
C PRO B 244 21.25 -18.83 3.76
N CYS B 245 20.13 -19.39 4.22
CA CYS B 245 20.04 -20.26 5.41
C CYS B 245 19.88 -21.71 5.01
N VAL B 246 20.81 -22.57 5.49
CA VAL B 246 20.81 -24.01 5.24
C VAL B 246 20.83 -24.72 6.62
N PRO B 247 19.70 -25.35 7.05
CA PRO B 247 19.71 -26.02 8.36
C PRO B 247 20.45 -27.37 8.32
N CYS B 248 21.00 -27.80 9.48
CA CYS B 248 21.74 -29.05 9.61
C CYS B 248 20.87 -30.29 9.34
N ASP B 249 21.50 -31.37 8.82
CA ASP B 249 20.83 -32.63 8.44
C ASP B 249 19.87 -33.16 9.50
N GLY B 250 18.59 -33.18 9.16
CA GLY B 250 17.50 -33.63 10.02
C GLY B 250 17.15 -32.65 11.12
N GLY B 251 17.44 -31.36 10.88
CA GLY B 251 17.20 -30.27 11.83
C GLY B 251 18.03 -30.37 13.09
N ALA B 252 19.28 -30.86 12.95
CA ALA B 252 20.24 -31.09 14.04
C ALA B 252 20.65 -29.81 14.78
N SER B 253 21.02 -29.98 16.07
CA SER B 253 21.46 -28.91 16.97
C SER B 253 23.00 -28.85 17.05
N ILE B 254 23.54 -27.70 17.49
CA ILE B 254 24.98 -27.49 17.66
C ILE B 254 25.51 -28.34 18.82
N ASN B 255 26.63 -29.04 18.61
CA ASN B 255 27.25 -29.90 19.63
C ASN B 255 28.39 -29.17 20.35
N ILE B 256 28.03 -28.47 21.44
CA ILE B 256 28.97 -27.74 22.28
C ILE B 256 29.33 -28.60 23.50
N ASP B 257 30.64 -28.81 23.71
CA ASP B 257 31.19 -29.60 24.82
C ASP B 257 30.92 -28.92 26.17
N ARG B 258 30.85 -29.72 27.26
CA ARG B 258 30.61 -29.25 28.62
C ARG B 258 31.71 -28.30 29.12
N PHE B 259 32.97 -28.57 28.73
CA PHE B 259 34.15 -27.79 29.11
C PHE B 259 34.67 -26.89 27.96
N ALA B 260 33.78 -26.49 27.03
CA ALA B 260 34.14 -25.62 25.89
C ALA B 260 34.43 -24.19 26.35
N PHE B 261 33.62 -23.69 27.31
CA PHE B 261 33.76 -22.34 27.87
C PHE B 261 34.27 -22.41 29.33
N GLN B 262 35.23 -23.33 29.59
CA GLN B 262 35.80 -23.57 30.92
C GLN B 262 36.69 -22.42 31.44
N ASN B 263 37.44 -21.74 30.55
CA ASN B 263 38.33 -20.65 30.95
C ASN B 263 37.89 -19.26 30.44
N LEU B 264 36.61 -19.12 30.07
CA LEU B 264 36.04 -17.86 29.59
C LEU B 264 35.42 -17.09 30.78
N THR B 265 36.30 -16.66 31.70
CA THR B 265 35.98 -15.96 32.95
C THR B 265 35.57 -14.50 32.74
N GLN B 266 36.19 -13.82 31.76
CA GLN B 266 35.94 -12.40 31.47
C GLN B 266 34.77 -12.14 30.48
N LEU B 267 34.02 -13.20 30.11
CA LEU B 267 32.91 -13.10 29.15
C LEU B 267 31.67 -12.40 29.71
N ARG B 268 31.24 -11.33 29.00
CA ARG B 268 30.06 -10.51 29.30
C ARG B 268 28.97 -10.68 28.25
N TYR B 269 29.37 -10.95 27.00
CA TYR B 269 28.46 -11.12 25.87
C TYR B 269 28.56 -12.53 25.29
N LEU B 270 27.42 -13.21 25.16
CA LEU B 270 27.34 -14.54 24.57
C LEU B 270 26.16 -14.62 23.60
N ASN B 271 26.47 -14.82 22.31
CA ASN B 271 25.47 -14.91 21.25
C ASN B 271 25.34 -16.35 20.74
N LEU B 272 24.25 -17.02 21.15
CA LEU B 272 23.94 -18.40 20.74
C LEU B 272 22.60 -18.46 20.00
N SER B 273 22.34 -17.45 19.15
CA SER B 273 21.11 -17.36 18.35
C SER B 273 21.15 -18.28 17.15
N SER B 274 19.98 -18.76 16.68
CA SER B 274 19.83 -19.67 15.54
C SER B 274 20.86 -20.81 15.56
N THR B 275 20.85 -21.59 16.65
CA THR B 275 21.75 -22.72 16.87
C THR B 275 20.98 -24.04 17.04
N SER B 276 19.63 -23.97 16.84
CA SER B 276 18.67 -25.09 16.95
C SER B 276 18.74 -25.83 18.30
N LEU B 277 19.16 -25.12 19.37
CA LEU B 277 19.30 -25.66 20.73
C LEU B 277 17.96 -26.07 21.34
N ARG B 278 17.93 -27.28 21.93
CA ARG B 278 16.77 -27.85 22.61
C ARG B 278 16.99 -27.84 24.12
N LYS B 279 18.26 -27.90 24.55
CA LYS B 279 18.67 -27.90 25.96
C LYS B 279 19.90 -27.03 26.17
N ILE B 280 19.98 -26.37 27.35
CA ILE B 280 21.11 -25.53 27.74
C ILE B 280 21.83 -26.20 28.91
N ASN B 281 23.10 -26.57 28.70
CA ASN B 281 23.92 -27.19 29.75
C ASN B 281 24.37 -26.08 30.70
N ALA B 282 23.93 -26.16 31.97
CA ALA B 282 24.23 -25.20 33.03
C ALA B 282 25.73 -25.09 33.37
N ALA B 283 26.53 -26.12 32.98
CA ALA B 283 27.98 -26.18 33.17
C ALA B 283 28.73 -25.12 32.34
N TRP B 284 28.10 -24.61 31.26
CA TRP B 284 28.65 -23.59 30.37
C TRP B 284 28.82 -22.25 31.10
N PHE B 285 27.92 -21.95 32.07
CA PHE B 285 27.91 -20.71 32.85
C PHE B 285 28.50 -20.85 34.26
N LYS B 286 29.19 -21.99 34.54
CA LYS B 286 29.83 -22.26 35.83
C LYS B 286 31.01 -21.33 36.09
N ASN B 287 31.75 -20.97 35.03
CA ASN B 287 32.91 -20.08 35.09
C ASN B 287 32.62 -18.69 34.49
N MET B 288 31.33 -18.30 34.42
CA MET B 288 30.91 -16.99 33.88
C MET B 288 30.22 -16.11 34.95
N PRO B 289 30.98 -15.45 35.85
CA PRO B 289 30.32 -14.60 36.86
C PRO B 289 29.98 -13.19 36.39
N HIS B 290 30.56 -12.73 35.26
CA HIS B 290 30.36 -11.39 34.73
C HIS B 290 29.38 -11.27 33.54
N LEU B 291 28.84 -12.40 33.01
CA LEU B 291 27.93 -12.40 31.86
C LEU B 291 26.78 -11.40 32.02
N LYS B 292 26.77 -10.40 31.13
CA LYS B 292 25.84 -9.27 31.11
C LYS B 292 24.74 -9.41 30.03
N VAL B 293 25.08 -9.92 28.83
CA VAL B 293 24.13 -10.07 27.71
C VAL B 293 24.15 -11.50 27.14
N LEU B 294 22.97 -12.15 27.13
CA LEU B 294 22.79 -13.51 26.61
C LEU B 294 21.71 -13.57 25.54
N ASP B 295 22.11 -13.98 24.32
CA ASP B 295 21.24 -14.10 23.15
C ASP B 295 20.95 -15.58 22.86
N LEU B 296 19.68 -15.99 23.02
CA LEU B 296 19.23 -17.36 22.78
C LEU B 296 18.00 -17.42 21.86
N GLU B 297 17.79 -16.35 21.06
CA GLU B 297 16.69 -16.25 20.10
C GLU B 297 16.83 -17.22 18.93
N PHE B 298 15.69 -17.61 18.33
CA PHE B 298 15.59 -18.52 17.18
C PHE B 298 16.15 -19.93 17.47
N ASN B 299 15.73 -20.51 18.60
CA ASN B 299 16.10 -21.85 19.05
C ASN B 299 14.82 -22.64 19.41
N TYR B 300 14.95 -23.87 19.92
CA TYR B 300 13.80 -24.69 20.31
C TYR B 300 13.84 -24.90 21.84
N LEU B 301 13.87 -23.79 22.60
CA LEU B 301 14.02 -23.81 24.05
C LEU B 301 12.73 -23.50 24.85
N VAL B 302 11.55 -23.98 24.41
CA VAL B 302 10.28 -23.79 25.13
C VAL B 302 10.36 -24.53 26.49
N GLY B 303 10.87 -25.77 26.45
CA GLY B 303 11.07 -26.61 27.63
C GLY B 303 12.06 -26.02 28.62
N GLU B 304 13.12 -25.35 28.10
CA GLU B 304 14.15 -24.68 28.91
C GLU B 304 13.61 -23.44 29.62
N ILE B 305 12.65 -22.72 28.99
CA ILE B 305 12.03 -21.53 29.58
C ILE B 305 11.10 -21.97 30.73
N ALA B 306 10.42 -23.13 30.58
CA ALA B 306 9.53 -23.71 31.58
C ALA B 306 10.29 -24.27 32.77
N SER B 307 11.45 -24.90 32.52
CA SER B 307 12.33 -25.50 33.53
C SER B 307 13.79 -25.47 33.05
N GLY B 308 14.52 -24.45 33.48
CA GLY B 308 15.91 -24.24 33.12
C GLY B 308 16.85 -24.06 34.29
N ALA B 309 17.84 -24.97 34.42
CA ALA B 309 18.86 -24.95 35.47
C ALA B 309 19.87 -23.82 35.26
N PHE B 310 20.04 -23.38 33.99
CA PHE B 310 20.97 -22.32 33.58
C PHE B 310 20.64 -20.94 34.19
N LEU B 311 19.35 -20.69 34.48
CA LEU B 311 18.84 -19.43 35.04
C LEU B 311 19.38 -19.11 36.44
N THR B 312 19.79 -20.14 37.21
CA THR B 312 20.37 -19.98 38.56
C THR B 312 21.88 -19.67 38.48
N MET B 313 22.48 -19.85 37.28
CA MET B 313 23.91 -19.63 37.01
C MET B 313 24.18 -18.23 36.43
N LEU B 314 23.13 -17.39 36.29
CA LEU B 314 23.22 -16.04 35.72
C LEU B 314 22.81 -14.95 36.74
N PRO B 315 23.68 -14.58 37.72
CA PRO B 315 23.28 -13.55 38.69
C PRO B 315 23.56 -12.10 38.29
N ARG B 316 24.46 -11.87 37.32
CA ARG B 316 24.86 -10.54 36.87
C ARG B 316 24.32 -10.19 35.46
N LEU B 317 23.42 -11.04 34.91
CA LEU B 317 22.82 -10.87 33.59
C LEU B 317 21.86 -9.68 33.55
N GLU B 318 22.07 -8.77 32.58
CA GLU B 318 21.27 -7.56 32.37
C GLU B 318 20.30 -7.67 31.18
N ILE B 319 20.74 -8.29 30.06
CA ILE B 319 19.90 -8.47 28.88
C ILE B 319 19.79 -9.97 28.53
N LEU B 320 18.54 -10.48 28.50
CA LEU B 320 18.20 -11.86 28.14
C LEU B 320 17.22 -11.84 26.98
N ASP B 321 17.55 -12.57 25.91
CA ASP B 321 16.72 -12.64 24.72
C ASP B 321 16.36 -14.09 24.38
N LEU B 322 15.07 -14.45 24.60
CA LEU B 322 14.53 -15.78 24.33
C LEU B 322 13.44 -15.71 23.24
N SER B 323 13.63 -14.80 22.27
CA SER B 323 12.69 -14.57 21.17
C SER B 323 12.60 -15.71 20.16
N PHE B 324 11.40 -15.89 19.57
CA PHE B 324 11.06 -16.88 18.54
C PHE B 324 11.58 -18.30 18.88
N ASN B 325 11.15 -18.81 20.05
CA ASN B 325 11.50 -20.14 20.54
C ASN B 325 10.35 -21.14 20.42
N TYR B 326 9.18 -20.68 19.93
CA TYR B 326 7.92 -21.41 19.75
C TYR B 326 8.04 -22.80 19.12
N ILE B 327 7.11 -23.70 19.48
CA ILE B 327 6.99 -25.04 18.91
C ILE B 327 6.05 -24.89 17.69
N LYS B 328 6.47 -25.43 16.53
CA LYS B 328 5.72 -25.38 15.27
C LYS B 328 4.35 -26.05 15.42
N GLY B 329 3.29 -25.27 15.12
CA GLY B 329 1.91 -25.73 15.20
C GLY B 329 1.30 -25.70 16.59
N SER B 330 2.05 -25.18 17.58
CA SER B 330 1.60 -25.12 18.97
C SER B 330 1.24 -23.69 19.40
N TYR B 331 -0.03 -23.52 19.82
CA TYR B 331 -0.60 -22.25 20.27
C TYR B 331 -1.11 -22.43 21.71
N PRO B 332 -0.21 -22.48 22.74
CA PRO B 332 -0.67 -22.72 24.12
C PRO B 332 -1.52 -21.60 24.71
N GLN B 333 -2.34 -21.94 25.72
CA GLN B 333 -3.23 -21.01 26.42
C GLN B 333 -2.45 -19.96 27.21
N HIS B 334 -1.35 -20.36 27.86
CA HIS B 334 -0.50 -19.47 28.68
C HIS B 334 0.99 -19.73 28.46
N ILE B 335 1.83 -18.75 28.88
CA ILE B 335 3.29 -18.83 28.80
C ILE B 335 3.82 -19.57 30.05
N ASN B 336 4.72 -20.55 29.85
CA ASN B 336 5.31 -21.31 30.96
C ASN B 336 6.68 -20.74 31.31
N ILE B 337 6.72 -19.89 32.35
CA ILE B 337 7.91 -19.22 32.85
C ILE B 337 8.45 -19.98 34.06
N SER B 338 9.75 -20.32 34.05
CA SER B 338 10.40 -21.04 35.14
C SER B 338 10.49 -20.19 36.39
N ARG B 339 10.48 -20.85 37.57
CA ARG B 339 10.60 -20.22 38.88
C ARG B 339 12.01 -19.63 39.05
N ASN B 340 13.00 -20.24 38.36
CA ASN B 340 14.42 -19.85 38.36
C ASN B 340 14.68 -18.47 37.73
N PHE B 341 13.64 -17.83 37.15
CA PHE B 341 13.73 -16.49 36.54
C PHE B 341 13.91 -15.39 37.60
N SER B 342 13.61 -15.73 38.87
CA SER B 342 13.73 -14.87 40.04
C SER B 342 15.20 -14.68 40.47
N LYS B 343 16.09 -15.57 40.00
CA LYS B 343 17.54 -15.55 40.28
C LYS B 343 18.29 -14.50 39.45
N LEU B 344 17.65 -14.00 38.36
CA LEU B 344 18.20 -12.97 37.46
C LEU B 344 18.01 -11.59 38.11
N LEU B 345 18.76 -11.35 39.19
CA LEU B 345 18.71 -10.14 40.01
C LEU B 345 19.08 -8.85 39.26
N SER B 346 20.12 -8.89 38.40
CA SER B 346 20.62 -7.75 37.65
C SER B 346 19.82 -7.42 36.37
N LEU B 347 18.91 -8.32 35.96
CA LEU B 347 18.09 -8.21 34.74
C LEU B 347 17.43 -6.85 34.56
N ARG B 348 17.70 -6.20 33.42
CA ARG B 348 17.21 -4.88 33.03
C ARG B 348 16.17 -4.98 31.89
N ALA B 349 16.48 -5.79 30.86
CA ALA B 349 15.61 -6.01 29.70
C ALA B 349 15.40 -7.49 29.41
N LEU B 350 14.14 -7.86 29.14
CA LEU B 350 13.76 -9.24 28.82
C LEU B 350 12.94 -9.26 27.53
N HIS B 351 13.47 -9.96 26.51
CA HIS B 351 12.82 -10.10 25.21
C HIS B 351 12.22 -11.49 25.05
N LEU B 352 10.87 -11.56 25.17
CA LEU B 352 10.10 -12.79 25.06
C LEU B 352 9.19 -12.80 23.83
N ARG B 353 9.73 -12.39 22.67
CA ARG B 353 9.01 -12.38 21.39
C ARG B 353 8.85 -13.79 20.85
N GLY B 354 7.91 -13.97 19.93
CA GLY B 354 7.64 -15.23 19.24
C GLY B 354 7.53 -16.50 20.06
N TYR B 355 7.00 -16.43 21.30
CA TYR B 355 6.77 -17.62 22.12
C TYR B 355 5.46 -18.24 21.63
N VAL B 356 4.54 -17.36 21.15
CA VAL B 356 3.21 -17.66 20.60
C VAL B 356 2.30 -18.28 21.68
N PHE B 357 1.50 -17.44 22.35
CA PHE B 357 0.56 -17.86 23.39
C PHE B 357 -0.73 -17.02 23.37
N GLN B 358 -1.84 -17.63 23.84
CA GLN B 358 -3.19 -17.05 23.80
C GLN B 358 -3.50 -16.01 24.89
N GLU B 359 -3.14 -16.29 26.16
CA GLU B 359 -3.45 -15.42 27.30
C GLU B 359 -2.26 -15.26 28.26
N LEU B 360 -2.13 -14.05 28.84
CA LEU B 360 -1.10 -13.72 29.83
C LEU B 360 -1.75 -13.40 31.17
N ARG B 361 -1.56 -14.29 32.17
CA ARG B 361 -2.11 -14.16 33.53
C ARG B 361 -1.10 -13.54 34.50
N GLU B 362 -1.57 -13.06 35.68
CA GLU B 362 -0.72 -12.46 36.73
C GLU B 362 0.26 -13.46 37.33
N ASP B 363 -0.18 -14.72 37.53
CA ASP B 363 0.64 -15.80 38.09
C ASP B 363 1.76 -16.27 37.15
N ASP B 364 1.60 -16.03 35.82
CA ASP B 364 2.58 -16.40 34.80
C ASP B 364 3.87 -15.56 34.88
N PHE B 365 3.75 -14.27 35.28
CA PHE B 365 4.88 -13.35 35.40
C PHE B 365 5.27 -13.06 36.87
N GLN B 366 5.05 -14.06 37.75
CA GLN B 366 5.37 -14.00 39.17
C GLN B 366 6.88 -13.94 39.48
N PRO B 367 7.79 -14.73 38.83
CA PRO B 367 9.22 -14.63 39.19
C PRO B 367 9.91 -13.32 38.81
N LEU B 368 9.35 -12.59 37.84
CA LEU B 368 9.88 -11.31 37.33
C LEU B 368 9.50 -10.08 38.17
N MET B 369 8.39 -10.18 38.93
CA MET B 369 7.85 -9.11 39.77
C MET B 369 8.77 -8.64 40.91
N GLN B 370 9.70 -9.50 41.36
CA GLN B 370 10.64 -9.20 42.44
C GLN B 370 11.98 -8.60 41.96
N LEU B 371 12.26 -8.62 40.64
CA LEU B 371 13.49 -8.08 40.06
C LEU B 371 13.48 -6.54 40.09
N PRO B 372 14.48 -5.90 40.76
CA PRO B 372 14.45 -4.43 40.88
C PRO B 372 14.89 -3.61 39.67
N ASN B 373 15.80 -4.15 38.83
CA ASN B 373 16.34 -3.45 37.66
C ASN B 373 15.53 -3.61 36.37
N LEU B 374 14.58 -4.56 36.33
CA LEU B 374 13.76 -4.84 35.15
C LEU B 374 12.88 -3.65 34.74
N SER B 375 13.26 -3.00 33.63
CA SER B 375 12.59 -1.83 33.08
C SER B 375 11.95 -2.07 31.72
N THR B 376 12.42 -3.11 31.00
CA THR B 376 11.95 -3.44 29.66
C THR B 376 11.40 -4.87 29.55
N ILE B 377 10.16 -5.00 29.07
CA ILE B 377 9.48 -6.28 28.81
C ILE B 377 8.98 -6.28 27.36
N ASN B 378 9.57 -7.16 26.54
CA ASN B 378 9.25 -7.27 25.11
C ASN B 378 8.40 -8.50 24.83
N LEU B 379 7.08 -8.30 24.64
CA LEU B 379 6.12 -9.38 24.33
C LEU B 379 5.55 -9.27 22.91
N GLY B 380 6.33 -8.68 22.00
CA GLY B 380 5.95 -8.49 20.60
C GLY B 380 5.85 -9.78 19.80
N ILE B 381 4.91 -9.84 18.82
CA ILE B 381 4.67 -11.00 17.94
C ILE B 381 4.44 -12.28 18.78
N ASN B 382 3.41 -12.27 19.62
CA ASN B 382 3.09 -13.42 20.48
C ASN B 382 1.63 -13.84 20.29
N PHE B 383 0.87 -13.02 19.53
CA PHE B 383 -0.54 -13.22 19.19
C PHE B 383 -1.43 -13.38 20.43
N ILE B 384 -1.13 -12.64 21.51
CA ILE B 384 -1.88 -12.70 22.76
C ILE B 384 -3.25 -12.05 22.59
N LYS B 385 -4.31 -12.83 22.81
CA LYS B 385 -5.71 -12.41 22.70
C LYS B 385 -6.19 -11.63 23.92
N GLN B 386 -5.69 -11.99 25.13
CA GLN B 386 -6.09 -11.36 26.38
C GLN B 386 -4.91 -11.23 27.36
N ILE B 387 -4.80 -10.05 28.01
CA ILE B 387 -3.76 -9.75 29.00
C ILE B 387 -4.40 -9.19 30.29
N ASP B 388 -4.03 -9.76 31.46
CA ASP B 388 -4.48 -9.25 32.77
C ASP B 388 -3.50 -8.11 33.14
N PHE B 389 -3.81 -6.91 32.58
CA PHE B 389 -3.05 -5.65 32.72
C PHE B 389 -2.73 -5.24 34.16
N LYS B 390 -3.34 -5.94 35.14
CA LYS B 390 -3.17 -5.84 36.59
C LYS B 390 -1.74 -6.26 36.98
N LEU B 391 -1.12 -7.19 36.24
CA LEU B 391 0.21 -7.71 36.53
C LEU B 391 1.35 -6.68 36.40
N PHE B 392 1.18 -5.70 35.50
CA PHE B 392 2.19 -4.68 35.22
C PHE B 392 2.44 -3.68 36.37
N GLN B 393 1.44 -3.43 37.23
CA GLN B 393 1.62 -2.52 38.38
C GLN B 393 2.37 -3.18 39.55
N ASN B 394 2.49 -4.53 39.53
CA ASN B 394 3.20 -5.32 40.55
C ASN B 394 4.72 -5.24 40.39
N PHE B 395 5.20 -4.74 39.22
CA PHE B 395 6.62 -4.59 38.92
C PHE B 395 7.25 -3.39 39.63
N SER B 396 8.52 -3.55 40.04
CA SER B 396 9.34 -2.57 40.76
C SER B 396 9.63 -1.29 39.97
N ASN B 397 10.24 -1.39 38.77
CA ASN B 397 10.60 -0.22 37.96
C ASN B 397 10.36 -0.39 36.45
N LEU B 398 9.11 -0.66 36.03
CA LEU B 398 8.79 -0.82 34.60
C LEU B 398 8.78 0.53 33.88
N GLU B 399 9.55 0.62 32.78
CA GLU B 399 9.68 1.84 31.97
C GLU B 399 9.17 1.64 30.54
N ILE B 400 9.36 0.43 29.98
CA ILE B 400 8.94 0.05 28.62
C ILE B 400 8.13 -1.25 28.67
N ILE B 401 6.89 -1.21 28.13
CA ILE B 401 5.99 -2.35 28.03
C ILE B 401 5.58 -2.45 26.55
N TYR B 402 6.27 -3.30 25.80
CA TYR B 402 6.07 -3.50 24.35
C TYR B 402 5.16 -4.71 24.07
N LEU B 403 3.89 -4.44 23.73
CA LEU B 403 2.89 -5.47 23.43
C LEU B 403 2.41 -5.37 21.97
N SER B 404 3.25 -4.83 21.08
CA SER B 404 2.95 -4.66 19.67
C SER B 404 2.86 -5.98 18.89
N GLU B 405 2.11 -5.97 17.77
CA GLU B 405 1.86 -7.12 16.88
C GLU B 405 1.25 -8.32 17.62
N ASN B 406 0.24 -8.04 18.48
CA ASN B 406 -0.52 -9.03 19.25
C ASN B 406 -2.01 -8.97 18.84
N ARG B 407 -2.89 -9.71 19.53
CA ARG B 407 -4.32 -9.77 19.20
C ARG B 407 -5.23 -9.23 20.33
N ILE B 408 -4.83 -8.14 21.00
CA ILE B 408 -5.61 -7.52 22.09
C ILE B 408 -6.82 -6.78 21.51
N SER B 409 -8.04 -7.23 21.86
CA SER B 409 -9.31 -6.68 21.39
C SER B 409 -9.94 -5.70 22.43
N PRO B 410 -11.03 -4.94 22.09
CA PRO B 410 -11.61 -4.02 23.09
C PRO B 410 -12.14 -4.69 24.36
N LEU B 411 -11.81 -4.10 25.51
CA LEU B 411 -12.19 -4.58 26.84
C LEU B 411 -13.52 -3.96 27.28
N VAL B 412 -14.53 -4.80 27.51
CA VAL B 412 -15.89 -4.41 27.92
C VAL B 412 -16.30 -5.03 29.27
N PHE B 439 21.05 -4.24 2.50
CA PHE B 439 21.43 -4.59 3.87
C PHE B 439 22.92 -4.35 4.13
N ASP B 440 23.29 -4.19 5.41
CA ASP B 440 24.68 -3.96 5.85
C ASP B 440 25.24 -5.11 6.70
N PRO B 441 26.52 -5.51 6.49
CA PRO B 441 27.08 -6.61 7.30
C PRO B 441 27.55 -6.18 8.70
N HIS B 442 27.57 -4.85 8.97
CA HIS B 442 27.99 -4.27 10.24
C HIS B 442 26.81 -4.04 11.21
N SER B 443 25.83 -4.97 11.19
CA SER B 443 24.64 -4.90 12.04
C SER B 443 24.25 -6.25 12.64
N ASN B 444 23.54 -6.20 13.78
CA ASN B 444 23.05 -7.38 14.50
C ASN B 444 21.88 -7.96 13.70
N PHE B 445 22.01 -9.21 13.23
CA PHE B 445 21.02 -9.89 12.40
C PHE B 445 19.93 -10.65 13.19
N TYR B 446 20.15 -10.91 14.50
CA TYR B 446 19.20 -11.65 15.33
C TYR B 446 18.55 -10.81 16.46
N HIS B 447 19.06 -9.57 16.69
CA HIS B 447 18.57 -8.63 17.69
C HIS B 447 18.34 -7.27 17.02
N PHE B 448 17.15 -6.64 17.26
CA PHE B 448 16.87 -5.30 16.73
C PHE B 448 17.56 -4.32 17.67
N THR B 449 18.66 -3.66 17.21
CA THR B 449 19.42 -2.70 18.04
C THR B 449 18.64 -1.41 18.26
N ARG B 450 17.77 -1.05 17.31
CA ARG B 450 16.90 0.14 17.37
C ARG B 450 15.95 0.09 18.59
N PRO B 451 15.58 1.24 19.20
CA PRO B 451 14.71 1.18 20.40
C PRO B 451 13.29 0.74 20.07
N LEU B 452 12.66 -0.01 21.00
CA LEU B 452 11.29 -0.53 20.91
C LEU B 452 10.27 0.61 20.81
N ILE B 453 10.48 1.67 21.60
CA ILE B 453 9.65 2.88 21.62
C ILE B 453 10.58 4.04 21.18
N LYS B 454 10.03 5.04 20.46
CA LYS B 454 10.79 6.22 20.04
C LYS B 454 11.35 6.94 21.28
N PRO B 455 12.63 7.39 21.28
CA PRO B 455 13.19 8.05 22.49
C PRO B 455 12.40 9.26 22.98
N GLN B 456 11.80 10.03 22.06
CA GLN B 456 10.98 11.22 22.34
C GLN B 456 9.73 10.87 23.17
N CYS B 457 9.19 9.65 22.99
CA CYS B 457 8.03 9.12 23.69
C CYS B 457 8.44 8.63 25.08
N ALA B 458 9.45 7.74 25.15
CA ALA B 458 10.00 7.12 26.36
C ALA B 458 10.60 8.11 27.37
N ALA B 459 10.99 9.32 26.90
CA ALA B 459 11.57 10.39 27.72
C ALA B 459 10.60 10.95 28.77
N TYR B 460 9.28 10.91 28.47
CA TYR B 460 8.23 11.40 29.35
C TYR B 460 7.98 10.50 30.57
N GLY B 461 8.18 9.19 30.41
CA GLY B 461 7.98 8.21 31.48
C GLY B 461 7.65 6.82 31.02
N LYS B 462 6.74 6.15 31.75
CA LYS B 462 6.27 4.78 31.50
C LYS B 462 5.61 4.65 30.12
N ALA B 463 6.25 3.88 29.22
CA ALA B 463 5.80 3.66 27.85
C ALA B 463 5.07 2.33 27.64
N LEU B 464 3.86 2.40 27.06
CA LEU B 464 3.03 1.24 26.75
C LEU B 464 2.75 1.21 25.25
N ASP B 465 3.12 0.11 24.59
CA ASP B 465 2.94 -0.06 23.15
C ASP B 465 1.88 -1.11 22.82
N LEU B 466 0.71 -0.65 22.35
CA LEU B 466 -0.43 -1.51 21.95
C LEU B 466 -0.70 -1.38 20.45
N SER B 467 0.33 -0.99 19.67
CA SER B 467 0.22 -0.83 18.22
C SER B 467 0.09 -2.18 17.52
N LEU B 468 -0.59 -2.21 16.35
CA LEU B 468 -0.83 -3.39 15.53
C LEU B 468 -1.54 -4.52 16.32
N ASN B 469 -2.62 -4.14 17.02
CA ASN B 469 -3.48 -5.04 17.81
C ASN B 469 -4.91 -5.03 17.24
N SER B 470 -5.89 -5.64 17.94
CA SER B 470 -7.28 -5.72 17.47
C SER B 470 -8.24 -4.71 18.16
N ILE B 471 -7.68 -3.59 18.69
CA ILE B 471 -8.46 -2.55 19.36
C ILE B 471 -9.16 -1.71 18.27
N PHE B 472 -10.33 -2.19 17.79
CA PHE B 472 -11.11 -1.53 16.74
C PHE B 472 -11.96 -0.35 17.27
N PHE B 473 -11.99 -0.19 18.61
CA PHE B 473 -12.62 0.90 19.37
C PHE B 473 -12.08 0.83 20.80
N ILE B 474 -11.96 1.99 21.48
CA ILE B 474 -11.47 2.02 22.85
C ILE B 474 -12.61 1.70 23.82
N GLY B 475 -12.54 0.51 24.42
CA GLY B 475 -13.54 0.03 25.37
C GLY B 475 -13.52 0.75 26.71
N PRO B 476 -14.59 0.63 27.53
CA PRO B 476 -14.60 1.32 28.84
C PRO B 476 -13.59 0.81 29.87
N ASN B 477 -13.17 -0.47 29.75
CA ASN B 477 -12.23 -1.11 30.67
C ASN B 477 -10.85 -1.36 30.03
N GLN B 478 -10.59 -0.71 28.88
CA GLN B 478 -9.36 -0.81 28.07
C GLN B 478 -8.07 -0.53 28.85
N PHE B 479 -8.09 0.48 29.74
CA PHE B 479 -6.91 0.87 30.51
C PHE B 479 -7.10 0.72 32.03
N GLU B 480 -8.01 -0.18 32.43
CA GLU B 480 -8.32 -0.48 33.83
C GLU B 480 -7.13 -1.21 34.50
N ASN B 481 -6.80 -0.80 35.74
CA ASN B 481 -5.70 -1.34 36.58
C ASN B 481 -4.32 -1.26 35.89
N LEU B 482 -4.07 -0.14 35.18
CA LEU B 482 -2.84 0.14 34.43
C LEU B 482 -1.89 1.04 35.24
N PRO B 483 -0.55 0.95 35.05
CA PRO B 483 0.36 1.87 35.77
C PRO B 483 0.29 3.30 35.24
N ASP B 484 0.96 4.26 35.91
CA ASP B 484 0.97 5.66 35.49
C ASP B 484 1.76 5.84 34.19
N ILE B 485 1.07 5.62 33.06
CA ILE B 485 1.58 5.67 31.69
C ILE B 485 1.70 7.11 31.18
N ALA B 486 2.88 7.48 30.64
CA ALA B 486 3.17 8.81 30.08
C ALA B 486 3.26 8.76 28.56
N CYS B 487 3.65 7.59 28.00
CA CYS B 487 3.79 7.35 26.56
C CYS B 487 2.89 6.17 26.17
N LEU B 488 1.96 6.39 25.22
CA LEU B 488 1.05 5.36 24.76
C LEU B 488 1.00 5.29 23.23
N ASN B 489 1.16 4.08 22.67
CA ASN B 489 1.08 3.85 21.24
C ASN B 489 -0.09 2.95 20.89
N LEU B 490 -1.04 3.47 20.09
CA LEU B 490 -2.21 2.75 19.62
C LEU B 490 -2.26 2.74 18.07
N SER B 491 -1.06 2.76 17.44
CA SER B 491 -0.89 2.78 15.99
C SER B 491 -1.40 1.52 15.29
N ALA B 492 -1.82 1.67 14.01
CA ALA B 492 -2.33 0.61 13.12
C ALA B 492 -3.21 -0.44 13.82
N ASN B 493 -4.25 0.05 14.52
CA ASN B 493 -5.22 -0.77 15.24
C ASN B 493 -6.57 -0.82 14.50
N SER B 494 -6.70 0.00 13.43
CA SER B 494 -7.91 0.20 12.62
C SER B 494 -9.03 0.79 13.47
N ASN B 495 -8.67 1.53 14.55
CA ASN B 495 -9.56 2.15 15.53
C ASN B 495 -10.49 3.19 14.91
N ALA B 496 -11.82 2.98 15.02
CA ALA B 496 -12.84 3.88 14.47
C ALA B 496 -13.72 4.55 15.56
N GLN B 497 -13.18 4.65 16.78
CA GLN B 497 -13.83 5.25 17.96
C GLN B 497 -14.16 6.73 17.76
N VAL B 498 -15.39 7.12 18.16
CA VAL B 498 -15.85 8.50 18.16
C VAL B 498 -15.44 9.01 19.55
N LEU B 499 -14.27 9.68 19.63
CA LEU B 499 -13.70 10.18 20.88
C LEU B 499 -14.58 11.22 21.57
N SER B 500 -15.01 10.91 22.80
CA SER B 500 -15.87 11.76 23.62
C SER B 500 -15.12 12.44 24.76
N GLY B 501 -14.15 11.73 25.33
CA GLY B 501 -13.33 12.23 26.44
C GLY B 501 -13.50 11.48 27.75
N THR B 502 -13.62 10.14 27.66
CA THR B 502 -13.79 9.22 28.78
C THR B 502 -12.87 8.02 28.59
N GLU B 503 -12.49 7.77 27.32
CA GLU B 503 -11.65 6.69 26.81
C GLU B 503 -10.29 6.55 27.51
N PHE B 504 -9.65 7.68 27.86
CA PHE B 504 -8.32 7.74 28.47
C PHE B 504 -8.32 8.25 29.93
N SER B 505 -9.46 8.13 30.64
CA SER B 505 -9.62 8.59 32.03
C SER B 505 -8.80 7.79 33.05
N ALA B 506 -8.54 6.49 32.78
CA ALA B 506 -7.78 5.61 33.66
C ALA B 506 -6.28 5.92 33.65
N ILE B 507 -5.78 6.47 32.52
CA ILE B 507 -4.39 6.90 32.33
C ILE B 507 -4.39 8.37 31.84
N PRO B 508 -4.66 9.36 32.72
CA PRO B 508 -4.74 10.75 32.24
C PRO B 508 -3.43 11.54 32.25
N HIS B 509 -2.31 10.88 32.51
CA HIS B 509 -1.00 11.53 32.56
C HIS B 509 -0.15 11.27 31.29
N VAL B 510 -0.81 10.85 30.20
CA VAL B 510 -0.20 10.58 28.89
C VAL B 510 0.22 11.92 28.27
N LYS B 511 1.54 12.13 28.13
CA LYS B 511 2.14 13.35 27.58
C LYS B 511 2.45 13.18 26.09
N TYR B 512 2.73 11.95 25.64
CA TYR B 512 3.01 11.63 24.26
C TYR B 512 2.03 10.51 23.83
N LEU B 513 1.14 10.80 22.88
CA LEU B 513 0.15 9.85 22.37
C LEU B 513 0.25 9.68 20.87
N ASP B 514 0.43 8.43 20.42
CA ASP B 514 0.56 8.04 19.02
C ASP B 514 -0.71 7.28 18.58
N LEU B 515 -1.54 7.94 17.75
CA LEU B 515 -2.80 7.36 17.24
C LEU B 515 -2.76 7.16 15.71
N THR B 516 -1.54 7.10 15.13
CA THR B 516 -1.28 6.95 13.69
C THR B 516 -1.87 5.70 13.06
N ASN B 517 -2.22 5.79 11.76
CA ASN B 517 -2.78 4.70 10.93
C ASN B 517 -4.06 4.09 11.51
N ASN B 518 -5.06 4.95 11.78
CA ASN B 518 -6.35 4.50 12.29
C ASN B 518 -7.52 5.09 11.46
N ARG B 519 -8.75 5.07 12.01
CA ARG B 519 -9.98 5.54 11.37
C ARG B 519 -10.80 6.39 12.38
N LEU B 520 -10.11 6.93 13.40
CA LEU B 520 -10.70 7.69 14.50
C LEU B 520 -11.53 8.92 14.09
N ASP B 521 -12.54 9.24 14.93
CA ASP B 521 -13.47 10.37 14.80
C ASP B 521 -13.30 11.25 16.04
N PHE B 522 -12.94 12.54 15.85
CA PHE B 522 -12.73 13.48 16.96
C PHE B 522 -13.42 14.82 16.69
N ASP B 523 -14.75 14.78 16.54
CA ASP B 523 -15.58 15.95 16.26
C ASP B 523 -16.09 16.57 17.55
N ASN B 524 -16.03 15.80 18.64
CA ASN B 524 -16.44 16.27 19.95
C ASN B 524 -15.41 17.29 20.46
N ALA B 525 -15.91 18.35 21.13
CA ALA B 525 -15.11 19.42 21.70
C ALA B 525 -14.31 18.93 22.92
N SER B 526 -14.80 17.85 23.56
CA SER B 526 -14.19 17.23 24.73
C SER B 526 -13.34 15.99 24.39
N ALA B 527 -13.07 15.74 23.08
CA ALA B 527 -12.26 14.61 22.60
C ALA B 527 -10.79 14.78 23.01
N LEU B 528 -10.22 13.74 23.65
CA LEU B 528 -8.83 13.68 24.15
C LEU B 528 -8.52 14.71 25.27
N THR B 529 -9.50 15.54 25.66
CA THR B 529 -9.36 16.59 26.69
C THR B 529 -9.15 16.03 28.11
N GLU B 530 -9.50 14.75 28.36
CA GLU B 530 -9.28 14.10 29.66
C GLU B 530 -7.77 13.95 29.96
N LEU B 531 -6.95 14.11 28.91
CA LEU B 531 -5.49 14.08 28.95
C LEU B 531 -5.00 15.54 29.00
N SER B 532 -5.14 16.17 30.18
CA SER B 532 -4.78 17.56 30.42
C SER B 532 -3.28 17.86 30.29
N ASP B 533 -2.42 16.87 30.60
CA ASP B 533 -0.96 17.01 30.55
C ASP B 533 -0.34 16.75 29.17
N LEU B 534 -1.15 16.24 28.21
CA LEU B 534 -0.73 15.90 26.84
C LEU B 534 0.06 17.01 26.14
N GLU B 535 1.29 16.67 25.71
CA GLU B 535 2.26 17.54 25.04
C GLU B 535 2.44 17.21 23.55
N VAL B 536 2.52 15.91 23.20
CA VAL B 536 2.71 15.45 21.82
C VAL B 536 1.54 14.55 21.37
N LEU B 537 0.90 14.90 20.24
CA LEU B 537 -0.23 14.15 19.67
C LEU B 537 0.00 13.86 18.18
N ASP B 538 0.09 12.56 17.84
CA ASP B 538 0.31 12.11 16.46
C ASP B 538 -0.97 11.47 15.89
N LEU B 539 -1.65 12.21 15.00
CA LEU B 539 -2.89 11.77 14.36
C LEU B 539 -2.70 11.48 12.85
N SER B 540 -1.46 11.13 12.45
CA SER B 540 -1.08 10.83 11.07
C SER B 540 -1.81 9.62 10.50
N TYR B 541 -2.15 9.66 9.20
CA TYR B 541 -2.81 8.59 8.43
C TYR B 541 -4.19 8.17 9.00
N ASN B 542 -5.01 9.19 9.34
CA ASN B 542 -6.38 9.02 9.84
CA ASN B 542 -6.38 9.00 9.83
C ASN B 542 -7.34 9.64 8.80
N SER B 543 -6.97 9.47 7.51
CA SER B 543 -7.66 10.00 6.33
C SER B 543 -9.13 9.61 6.19
N HIS B 544 -9.47 8.30 6.38
CA HIS B 544 -10.82 7.75 6.21
C HIS B 544 -11.98 8.69 6.62
N TYR B 545 -11.92 9.26 7.84
CA TYR B 545 -12.96 10.16 8.32
C TYR B 545 -13.06 11.46 7.52
N PHE B 546 -11.94 12.20 7.38
CA PHE B 546 -11.92 13.46 6.63
C PHE B 546 -12.09 13.27 5.12
N ARG B 547 -11.74 12.07 4.60
CA ARG B 547 -11.83 11.72 3.19
C ARG B 547 -13.26 11.47 2.72
N ILE B 548 -14.10 10.80 3.55
CA ILE B 548 -15.50 10.50 3.18
C ILE B 548 -16.30 11.81 3.07
N ALA B 549 -16.97 11.99 1.93
CA ALA B 549 -17.72 13.20 1.60
C ALA B 549 -19.00 13.39 2.41
N GLY B 550 -18.96 14.40 3.28
CA GLY B 550 -20.07 14.83 4.11
C GLY B 550 -20.34 14.11 5.41
N VAL B 551 -19.85 14.70 6.52
CA VAL B 551 -20.06 14.26 7.91
C VAL B 551 -20.06 15.51 8.81
N THR B 552 -18.99 15.76 9.58
CA THR B 552 -18.93 16.95 10.45
C THR B 552 -17.57 17.66 10.37
N HIS B 553 -16.48 16.93 10.71
CA HIS B 553 -15.07 17.36 10.72
C HIS B 553 -14.85 18.60 11.60
N HIS B 554 -14.65 18.38 12.91
CA HIS B 554 -14.38 19.43 13.90
C HIS B 554 -13.03 19.17 14.55
N LEU B 555 -12.36 20.23 15.01
CA LEU B 555 -11.07 20.17 15.70
C LEU B 555 -11.05 21.23 16.83
N GLU B 556 -12.18 21.34 17.58
CA GLU B 556 -12.41 22.27 18.68
C GLU B 556 -11.68 21.87 19.98
N PHE B 557 -11.23 20.59 20.07
CA PHE B 557 -10.57 20.05 21.25
C PHE B 557 -9.13 20.54 21.50
N ILE B 558 -8.44 21.04 20.46
CA ILE B 558 -7.05 21.51 20.51
C ILE B 558 -6.86 22.67 21.52
N GLN B 559 -7.75 23.69 21.48
CA GLN B 559 -7.71 24.86 22.38
C GLN B 559 -7.79 24.50 23.87
N ASN B 560 -8.39 23.34 24.18
CA ASN B 560 -8.58 22.85 25.54
C ASN B 560 -7.27 22.55 26.27
N PHE B 561 -6.29 21.97 25.55
CA PHE B 561 -4.99 21.58 26.07
C PHE B 561 -4.17 22.78 26.54
N THR B 562 -3.71 22.71 27.80
CA THR B 562 -2.95 23.76 28.48
C THR B 562 -1.42 23.62 28.31
N ASN B 563 -0.94 22.47 27.78
CA ASN B 563 0.50 22.24 27.61
C ASN B 563 0.88 21.48 26.32
N LEU B 564 -0.05 21.35 25.34
CA LEU B 564 0.22 20.67 24.06
C LEU B 564 1.21 21.49 23.23
N LYS B 565 2.37 20.88 22.91
CA LYS B 565 3.44 21.53 22.16
C LYS B 565 3.57 21.05 20.71
N VAL B 566 3.45 19.73 20.47
CA VAL B 566 3.60 19.13 19.13
C VAL B 566 2.32 18.40 18.67
N LEU B 567 1.83 18.72 17.47
CA LEU B 567 0.66 18.09 16.86
C LEU B 567 0.92 17.73 15.40
N ASN B 568 0.62 16.47 15.02
CA ASN B 568 0.79 15.98 13.65
C ASN B 568 -0.54 15.53 13.06
N LEU B 569 -1.03 16.28 12.06
CA LEU B 569 -2.28 16.03 11.34
C LEU B 569 -1.98 15.62 9.88
N SER B 570 -0.80 15.01 9.64
CA SER B 570 -0.37 14.59 8.29
C SER B 570 -1.17 13.45 7.70
N HIS B 571 -1.41 13.53 6.37
CA HIS B 571 -2.09 12.53 5.54
C HIS B 571 -3.52 12.20 6.03
N ASN B 572 -4.25 13.25 6.45
CA ASN B 572 -5.63 13.16 6.95
C ASN B 572 -6.64 13.62 5.90
N ASN B 573 -6.17 14.38 4.86
CA ASN B 573 -6.96 14.93 3.75
C ASN B 573 -8.08 15.89 4.21
N ILE B 574 -7.77 16.80 5.17
CA ILE B 574 -8.74 17.77 5.70
C ILE B 574 -9.08 18.83 4.64
N TYR B 575 -10.36 18.85 4.19
CA TYR B 575 -10.82 19.77 3.15
C TYR B 575 -12.07 20.60 3.53
N THR B 576 -12.84 20.15 4.54
CA THR B 576 -14.04 20.85 5.01
C THR B 576 -14.12 20.77 6.55
N LEU B 577 -13.62 21.82 7.21
CA LEU B 577 -13.56 21.94 8.67
C LEU B 577 -14.74 22.78 9.20
N THR B 578 -15.90 22.14 9.40
CA THR B 578 -17.11 22.83 9.88
C THR B 578 -17.51 22.37 11.30
N ASP B 579 -17.88 23.27 12.26
CA ASP B 579 -18.00 24.74 12.21
C ASP B 579 -18.13 25.25 13.66
N LYS B 580 -17.08 25.81 14.35
CA LYS B 580 -15.67 26.19 14.09
C LYS B 580 -14.99 25.78 12.78
N TYR B 581 -14.38 26.78 12.11
CA TYR B 581 -13.65 26.68 10.84
C TYR B 581 -12.13 26.81 11.01
N ASN B 582 -11.67 27.46 12.12
CA ASN B 582 -10.26 27.71 12.40
C ASN B 582 -9.66 26.85 13.53
N LEU B 583 -8.30 26.75 13.56
CA LEU B 583 -7.53 26.00 14.56
C LEU B 583 -6.92 26.97 15.57
N GLU B 584 -7.21 26.76 16.86
CA GLU B 584 -6.72 27.64 17.93
C GLU B 584 -6.07 26.86 19.08
N SER B 585 -4.93 27.39 19.61
CA SER B 585 -4.13 26.84 20.72
C SER B 585 -3.13 27.89 21.20
N LYS B 586 -3.13 28.18 22.52
CA LYS B 586 -2.23 29.16 23.13
C LYS B 586 -0.88 28.56 23.55
N SER B 587 -0.74 27.22 23.49
CA SER B 587 0.47 26.50 23.90
C SER B 587 1.28 25.84 22.79
N LEU B 588 0.62 25.45 21.67
CA LEU B 588 1.25 24.75 20.54
C LEU B 588 2.39 25.52 19.87
N VAL B 589 3.52 24.82 19.64
CA VAL B 589 4.73 25.37 19.00
C VAL B 589 5.02 24.70 17.63
N GLU B 590 4.60 23.44 17.45
CA GLU B 590 4.81 22.69 16.20
C GLU B 590 3.52 22.08 15.67
N LEU B 591 3.26 22.28 14.36
CA LEU B 591 2.09 21.73 13.68
C LEU B 591 2.44 21.19 12.29
N VAL B 592 2.14 19.90 12.07
CA VAL B 592 2.40 19.21 10.81
C VAL B 592 1.05 18.99 10.10
N PHE B 593 0.74 19.88 9.15
CA PHE B 593 -0.51 19.83 8.38
C PHE B 593 -0.24 19.37 6.94
N SER B 594 0.72 18.43 6.78
CA SER B 594 1.09 17.87 5.48
C SER B 594 0.12 16.79 5.01
N GLY B 595 0.13 16.49 3.72
CA GLY B 595 -0.73 15.49 3.08
C GLY B 595 -2.22 15.72 3.22
N ASN B 596 -2.61 17.01 3.35
CA ASN B 596 -4.01 17.44 3.50
C ASN B 596 -4.48 18.21 2.25
N ARG B 597 -5.67 18.84 2.32
CA ARG B 597 -6.22 19.56 1.18
C ARG B 597 -6.46 21.06 1.47
N LEU B 598 -5.35 21.83 1.59
CA LEU B 598 -5.41 23.27 1.84
C LEU B 598 -5.85 24.06 0.60
N ASP B 599 -5.78 23.42 -0.59
CA ASP B 599 -6.20 23.98 -1.88
C ASP B 599 -7.71 24.26 -1.90
N ILE B 600 -8.52 23.35 -1.35
CA ILE B 600 -9.99 23.48 -1.28
C ILE B 600 -10.37 24.47 -0.17
N LEU B 601 -9.65 24.41 0.98
CA LEU B 601 -9.87 25.25 2.17
C LEU B 601 -9.71 26.75 1.88
N TRP B 602 -8.65 27.14 1.14
CA TRP B 602 -8.40 28.54 0.80
C TRP B 602 -9.03 28.97 -0.54
N ASN B 603 -9.87 28.09 -1.13
CA ASN B 603 -10.61 28.35 -2.38
C ASN B 603 -12.08 28.66 -2.07
N ASP B 604 -12.44 28.75 -0.77
CA ASP B 604 -13.79 29.01 -0.27
C ASP B 604 -14.35 30.35 -0.78
N ASP B 605 -15.56 30.30 -1.36
CA ASP B 605 -16.26 31.44 -1.95
C ASP B 605 -16.83 32.46 -0.93
N ASP B 606 -16.66 32.19 0.37
CA ASP B 606 -17.11 33.06 1.46
C ASP B 606 -15.94 33.48 2.37
N ASN B 607 -14.73 32.93 2.11
CA ASN B 607 -13.47 33.17 2.84
C ASN B 607 -13.63 32.88 4.35
N ARG B 608 -14.10 31.67 4.66
CA ARG B 608 -14.36 31.19 6.02
C ARG B 608 -13.14 30.56 6.70
N TYR B 609 -12.20 30.00 5.92
CA TYR B 609 -10.98 29.37 6.42
C TYR B 609 -9.76 30.30 6.23
N ILE B 610 -9.99 31.63 6.21
CA ILE B 610 -8.96 32.64 5.99
C ILE B 610 -8.00 32.78 7.22
N SER B 611 -8.55 32.67 8.45
CA SER B 611 -7.80 32.80 9.69
C SER B 611 -7.61 31.45 10.39
N ILE B 612 -7.46 30.38 9.58
CA ILE B 612 -7.28 28.97 9.97
C ILE B 612 -6.11 28.75 10.96
N PHE B 613 -5.03 29.55 10.87
CA PHE B 613 -3.88 29.42 11.76
C PHE B 613 -3.64 30.66 12.66
N LYS B 614 -4.63 31.58 12.73
CA LYS B 614 -4.56 32.80 13.54
C LYS B 614 -4.54 32.54 15.06
N GLY B 615 -5.20 31.47 15.49
CA GLY B 615 -5.30 31.08 16.90
C GLY B 615 -4.05 30.50 17.53
N LEU B 616 -3.08 30.06 16.72
CA LEU B 616 -1.83 29.48 17.21
C LEU B 616 -0.79 30.58 17.50
N LYS B 617 -0.96 31.25 18.66
CA LYS B 617 -0.11 32.37 19.11
C LYS B 617 1.37 32.00 19.32
N ASN B 618 1.67 30.86 19.95
CA ASN B 618 3.04 30.41 20.25
C ASN B 618 3.69 29.53 19.16
N LEU B 619 2.99 29.31 18.03
CA LEU B 619 3.48 28.46 16.94
C LEU B 619 4.78 28.94 16.29
N THR B 620 5.83 28.11 16.35
CA THR B 620 7.16 28.38 15.80
C THR B 620 7.46 27.55 14.55
N ARG B 621 6.91 26.32 14.46
CA ARG B 621 7.11 25.45 13.30
C ARG B 621 5.79 25.04 12.65
N LEU B 622 5.73 25.11 11.31
CA LEU B 622 4.54 24.75 10.53
C LEU B 622 4.91 24.05 9.22
N ASP B 623 4.34 22.85 9.01
CA ASP B 623 4.57 22.03 7.82
C ASP B 623 3.30 21.93 6.97
N LEU B 624 3.24 22.71 5.88
CA LEU B 624 2.12 22.78 4.93
C LEU B 624 2.49 22.10 3.58
N SER B 625 3.38 21.10 3.63
CA SER B 625 3.84 20.35 2.45
C SER B 625 2.78 19.37 1.91
N LEU B 626 2.89 19.00 0.62
CA LEU B 626 1.99 18.05 -0.09
C LEU B 626 0.48 18.36 0.08
N ASN B 627 0.12 19.66 0.15
CA ASN B 627 -1.25 20.13 0.32
C ASN B 627 -1.97 20.50 -0.99
N ARG B 628 -1.31 20.21 -2.14
CA ARG B 628 -1.81 20.49 -3.51
C ARG B 628 -2.07 21.99 -3.75
N LEU B 629 -1.40 22.86 -2.98
CA LEU B 629 -1.53 24.32 -3.04
C LEU B 629 -1.00 24.88 -4.35
N LYS B 630 -1.90 25.48 -5.14
CA LYS B 630 -1.59 26.11 -6.43
C LYS B 630 -1.25 27.59 -6.25
N HIS B 631 -1.97 28.26 -5.33
CA HIS B 631 -1.79 29.68 -4.98
C HIS B 631 -2.29 29.96 -3.56
N ILE B 632 -1.52 30.74 -2.78
CA ILE B 632 -1.89 31.10 -1.41
C ILE B 632 -2.46 32.53 -1.40
N PRO B 633 -3.72 32.72 -0.93
CA PRO B 633 -4.28 34.09 -0.89
C PRO B 633 -3.52 34.98 0.09
N ASN B 634 -3.35 36.28 -0.27
CA ASN B 634 -2.64 37.29 0.51
C ASN B 634 -3.14 37.40 1.94
N GLU B 635 -4.48 37.46 2.13
CA GLU B 635 -5.14 37.56 3.43
C GLU B 635 -4.96 36.28 4.26
N ALA B 636 -4.97 35.10 3.61
CA ALA B 636 -4.78 33.79 4.25
C ALA B 636 -3.34 33.60 4.73
N PHE B 637 -2.37 34.25 4.05
CA PHE B 637 -0.95 34.22 4.40
C PHE B 637 -0.64 35.24 5.49
N LEU B 638 -1.41 36.36 5.54
CA LEU B 638 -1.27 37.41 6.55
C LEU B 638 -1.74 36.92 7.92
N ASN B 639 -2.76 36.04 7.94
CA ASN B 639 -3.34 35.46 9.15
C ASN B 639 -2.49 34.34 9.77
N LEU B 640 -1.35 33.99 9.13
CA LEU B 640 -0.41 32.98 9.63
C LEU B 640 0.31 33.51 10.90
N PRO B 641 0.70 32.65 11.86
CA PRO B 641 1.35 33.15 13.09
C PRO B 641 2.63 33.95 12.87
N ALA B 642 2.71 35.15 13.48
CA ALA B 642 3.87 36.04 13.41
C ALA B 642 5.07 35.48 14.20
N SER B 643 4.78 34.59 15.17
CA SER B 643 5.76 33.93 16.03
C SER B 643 6.57 32.83 15.33
N LEU B 644 6.17 32.46 14.09
CA LEU B 644 6.82 31.43 13.27
C LEU B 644 8.30 31.68 13.04
N THR B 645 9.09 30.59 13.09
CA THR B 645 10.54 30.56 12.89
C THR B 645 10.89 29.60 11.74
N GLU B 646 10.08 28.53 11.56
CA GLU B 646 10.25 27.52 10.51
C GLU B 646 8.92 27.32 9.78
N LEU B 647 8.95 27.37 8.43
CA LEU B 647 7.77 27.18 7.59
C LEU B 647 8.11 26.31 6.38
N HIS B 648 7.35 25.22 6.19
CA HIS B 648 7.57 24.25 5.11
C HIS B 648 6.38 24.18 4.13
N ILE B 649 6.49 24.86 2.98
CA ILE B 649 5.45 24.84 1.95
C ILE B 649 5.99 24.13 0.68
N ASN B 650 6.72 23.02 0.91
CA ASN B 650 7.35 22.20 -0.14
C ASN B 650 6.41 21.15 -0.76
N ASP B 651 6.87 20.53 -1.88
CA ASP B 651 6.19 19.48 -2.65
C ASP B 651 4.72 19.80 -3.02
N ASN B 652 4.43 21.07 -3.35
CA ASN B 652 3.11 21.54 -3.74
C ASN B 652 3.09 21.91 -5.24
N MET B 653 2.11 22.73 -5.68
CA MET B 653 1.97 23.16 -7.07
C MET B 653 1.93 24.69 -7.18
N LEU B 654 2.60 25.39 -6.22
CA LEU B 654 2.67 26.86 -6.13
C LEU B 654 3.37 27.50 -7.33
N LYS B 655 2.61 28.29 -8.10
CA LYS B 655 3.11 28.99 -9.28
C LYS B 655 3.67 30.37 -8.94
N PHE B 656 3.11 31.03 -7.90
CA PHE B 656 3.53 32.37 -7.45
C PHE B 656 3.61 32.47 -5.92
N PHE B 657 4.54 33.33 -5.42
CA PHE B 657 4.76 33.57 -3.99
C PHE B 657 4.97 35.05 -3.72
N ASN B 658 4.11 35.66 -2.86
CA ASN B 658 4.20 37.07 -2.50
C ASN B 658 5.21 37.24 -1.36
N TRP B 659 6.43 37.72 -1.70
CA TRP B 659 7.53 37.93 -0.77
C TRP B 659 7.32 39.15 0.15
N THR B 660 6.45 40.09 -0.27
CA THR B 660 6.11 41.33 0.45
C THR B 660 5.45 41.01 1.81
N LEU B 661 4.72 39.88 1.90
CA LEU B 661 4.01 39.43 3.11
C LEU B 661 4.95 38.95 4.23
N LEU B 662 6.26 38.75 3.93
CA LEU B 662 7.27 38.32 4.90
C LEU B 662 7.62 39.41 5.92
N GLN B 663 7.18 40.67 5.68
CA GLN B 663 7.39 41.83 6.55
C GLN B 663 6.68 41.69 7.90
N GLN B 664 5.57 40.91 7.93
CA GLN B 664 4.78 40.65 9.14
C GLN B 664 5.33 39.46 9.97
N PHE B 665 6.43 38.83 9.49
CA PHE B 665 7.09 37.71 10.17
C PHE B 665 8.54 38.10 10.55
N PRO B 666 8.75 38.78 11.71
CA PRO B 666 10.12 39.18 12.08
C PRO B 666 10.94 38.14 12.84
N ARG B 667 10.37 36.93 13.07
CA ARG B 667 11.05 35.84 13.77
C ARG B 667 11.44 34.68 12.84
N LEU B 668 10.85 34.64 11.62
CA LEU B 668 11.08 33.60 10.61
C LEU B 668 12.55 33.45 10.21
N GLU B 669 13.11 32.26 10.46
CA GLU B 669 14.51 31.90 10.18
C GLU B 669 14.63 30.90 9.03
N LEU B 670 13.65 29.98 8.90
CA LEU B 670 13.63 28.95 7.85
C LEU B 670 12.36 29.03 7.01
N LEU B 671 12.52 28.98 5.67
CA LEU B 671 11.44 28.98 4.70
C LEU B 671 11.72 27.94 3.62
N ASP B 672 10.88 26.89 3.57
CA ASP B 672 10.99 25.77 2.64
C ASP B 672 9.93 25.90 1.54
N LEU B 673 10.38 25.91 0.27
CA LEU B 673 9.53 26.03 -0.92
C LEU B 673 10.00 25.06 -2.03
N ARG B 674 10.54 23.90 -1.63
CA ARG B 674 11.07 22.85 -2.51
C ARG B 674 9.98 22.16 -3.35
N GLY B 675 10.37 21.60 -4.50
CA GLY B 675 9.50 20.87 -5.42
C GLY B 675 8.21 21.55 -5.84
N ASN B 676 8.27 22.86 -6.11
CA ASN B 676 7.11 23.67 -6.53
C ASN B 676 7.22 24.10 -8.01
N LYS B 677 6.22 24.87 -8.49
CA LYS B 677 6.16 25.36 -9.87
C LYS B 677 6.42 26.88 -9.97
N LEU B 678 7.15 27.45 -8.99
CA LEU B 678 7.51 28.88 -8.91
C LEU B 678 8.39 29.27 -10.10
N LEU B 679 8.08 30.41 -10.75
CA LEU B 679 8.80 30.88 -11.93
C LEU B 679 9.90 31.91 -11.66
N PHE B 680 9.65 32.89 -10.76
CA PHE B 680 10.61 33.96 -10.47
C PHE B 680 10.74 34.30 -8.97
N LEU B 681 11.77 35.10 -8.63
CA LEU B 681 12.11 35.57 -7.29
C LEU B 681 12.01 37.10 -7.20
N THR B 682 12.08 37.67 -5.97
CA THR B 682 12.00 39.12 -5.77
C THR B 682 13.38 39.79 -5.79
N ASP B 683 13.40 41.09 -6.12
CA ASP B 683 14.61 41.91 -6.19
C ASP B 683 14.85 42.78 -4.95
N SER B 684 13.86 42.85 -4.03
CA SER B 684 13.95 43.64 -2.80
C SER B 684 13.58 42.82 -1.53
N LEU B 685 14.25 41.66 -1.37
CA LEU B 685 14.05 40.72 -0.26
C LEU B 685 14.50 41.30 1.10
N SER B 686 15.49 42.22 1.10
CA SER B 686 16.02 42.86 2.31
C SER B 686 14.98 43.77 2.97
N ASP B 687 14.13 44.42 2.14
CA ASP B 687 13.09 45.34 2.59
C ASP B 687 11.94 44.63 3.32
N PHE B 688 11.74 43.32 3.05
CA PHE B 688 10.67 42.53 3.67
C PHE B 688 11.17 41.69 4.84
N THR B 689 12.19 40.83 4.62
CA THR B 689 12.75 39.97 5.67
C THR B 689 14.18 40.39 6.04
N SER B 690 14.50 40.29 7.35
CA SER B 690 15.80 40.63 7.92
C SER B 690 16.25 39.62 8.99
N SER B 691 15.46 38.54 9.18
CA SER B 691 15.70 37.47 10.15
C SER B 691 15.92 36.10 9.49
N LEU B 692 15.55 35.96 8.21
CA LEU B 692 15.67 34.71 7.44
C LEU B 692 17.12 34.29 7.23
N ARG B 693 17.47 33.08 7.70
CA ARG B 693 18.80 32.49 7.60
C ARG B 693 18.84 31.35 6.59
N THR B 694 17.79 30.50 6.59
CA THR B 694 17.69 29.34 5.68
C THR B 694 16.54 29.54 4.69
N LEU B 695 16.82 29.32 3.39
CA LEU B 695 15.84 29.43 2.31
C LEU B 695 16.04 28.29 1.30
N LEU B 696 15.05 27.39 1.23
CA LEU B 696 15.07 26.21 0.35
C LEU B 696 14.13 26.39 -0.85
N LEU B 697 14.69 26.41 -2.07
CA LEU B 697 13.95 26.60 -3.32
C LEU B 697 14.34 25.57 -4.40
N SER B 698 14.69 24.33 -3.98
CA SER B 698 15.09 23.26 -4.89
C SER B 698 13.92 22.67 -5.70
N HIS B 699 14.21 22.10 -6.89
CA HIS B 699 13.27 21.47 -7.83
C HIS B 699 12.11 22.41 -8.26
N ASN B 700 12.43 23.68 -8.53
CA ASN B 700 11.49 24.71 -8.97
C ASN B 700 11.74 25.09 -10.44
N ARG B 701 10.95 26.05 -10.97
CA ARG B 701 11.07 26.51 -12.36
C ARG B 701 11.75 27.90 -12.47
N ILE B 702 12.62 28.24 -11.48
CA ILE B 702 13.36 29.51 -11.45
C ILE B 702 14.45 29.49 -12.52
N SER B 703 14.34 30.39 -13.52
CA SER B 703 15.28 30.49 -14.64
C SER B 703 16.30 31.62 -14.47
N HIS B 704 15.92 32.72 -13.81
CA HIS B 704 16.78 33.88 -13.59
C HIS B 704 16.76 34.39 -12.16
N LEU B 705 17.94 34.77 -11.64
CA LEU B 705 18.12 35.35 -10.30
C LEU B 705 18.07 36.87 -10.42
N PRO B 706 17.21 37.58 -9.64
CA PRO B 706 17.14 39.04 -9.76
C PRO B 706 18.40 39.78 -9.32
N SER B 707 18.60 40.99 -9.88
CA SER B 707 19.76 41.84 -9.60
C SER B 707 19.81 42.30 -8.13
N GLY B 708 20.92 41.99 -7.46
CA GLY B 708 21.16 42.33 -6.07
C GLY B 708 20.35 41.51 -5.09
N PHE B 709 20.36 40.18 -5.25
CA PHE B 709 19.64 39.24 -4.38
C PHE B 709 20.54 38.76 -3.23
N LEU B 710 21.76 38.30 -3.57
CA LEU B 710 22.75 37.81 -2.59
C LEU B 710 23.33 38.98 -1.77
N SER B 711 23.43 40.18 -2.39
CA SER B 711 23.94 41.39 -1.76
C SER B 711 22.80 42.26 -1.19
N GLU B 712 21.89 41.61 -0.43
CA GLU B 712 20.74 42.27 0.19
C GLU B 712 20.45 41.70 1.59
N VAL B 713 20.29 40.37 1.72
CA VAL B 713 20.00 39.73 3.00
C VAL B 713 21.30 39.45 3.77
N SER B 714 21.44 40.07 4.96
CA SER B 714 22.61 39.94 5.82
C SER B 714 22.48 38.76 6.80
N SER B 715 21.23 38.33 7.10
CA SER B 715 20.95 37.23 8.01
C SER B 715 21.03 35.85 7.35
N LEU B 716 20.89 35.79 6.00
CA LEU B 716 20.92 34.56 5.22
C LEU B 716 22.28 33.85 5.27
N LYS B 717 22.25 32.57 5.62
CA LYS B 717 23.42 31.70 5.76
C LYS B 717 23.38 30.52 4.78
N HIS B 718 22.20 29.89 4.61
CA HIS B 718 21.98 28.76 3.71
C HIS B 718 20.92 29.08 2.66
N LEU B 719 21.26 28.88 1.37
CA LEU B 719 20.38 29.12 0.23
C LEU B 719 20.42 27.94 -0.74
N ASP B 720 19.24 27.36 -1.03
CA ASP B 720 19.10 26.22 -1.94
C ASP B 720 18.44 26.62 -3.25
N LEU B 721 19.16 26.43 -4.37
CA LEU B 721 18.70 26.75 -5.74
C LEU B 721 18.99 25.58 -6.69
N SER B 722 19.19 24.37 -6.14
CA SER B 722 19.49 23.14 -6.88
C SER B 722 18.30 22.58 -7.66
N SER B 723 18.57 21.87 -8.78
CA SER B 723 17.61 21.21 -9.68
C SER B 723 16.54 22.17 -10.26
N ASN B 724 16.92 23.44 -10.50
CA ASN B 724 16.04 24.47 -11.08
C ASN B 724 16.22 24.56 -12.60
N LEU B 725 15.87 25.73 -13.20
CA LEU B 725 15.99 25.98 -14.64
C LEU B 725 16.95 27.16 -14.94
N LEU B 726 17.86 27.45 -14.00
CA LEU B 726 18.86 28.53 -14.12
C LEU B 726 19.92 28.21 -15.16
N LYS B 727 20.23 29.19 -16.03
CA LYS B 727 21.23 29.04 -17.10
C LYS B 727 22.53 29.79 -16.79
N THR B 728 22.43 31.08 -16.42
CA THR B 728 23.57 31.95 -16.08
C THR B 728 23.29 32.84 -14.88
N ILE B 729 24.33 33.15 -14.09
CA ILE B 729 24.24 34.01 -12.92
C ILE B 729 25.03 35.31 -13.18
N ASN B 730 24.30 36.43 -13.29
CA ASN B 730 24.83 37.77 -13.56
C ASN B 730 25.67 38.34 -12.42
N LYS B 731 26.53 39.33 -12.76
CA LYS B 731 27.40 40.03 -11.81
C LYS B 731 26.58 40.93 -10.86
N SER B 732 25.43 41.44 -11.36
CA SER B 732 24.50 42.29 -10.61
C SER B 732 23.81 41.50 -9.49
N ALA B 733 23.46 40.23 -9.76
CA ALA B 733 22.80 39.33 -8.81
C ALA B 733 23.76 38.89 -7.69
N LEU B 734 25.06 38.77 -8.01
CA LEU B 734 26.11 38.38 -7.06
C LEU B 734 26.47 39.53 -6.14
N THR B 740 28.21 40.04 3.07
CA THR B 740 27.39 38.82 3.05
C THR B 740 27.83 37.84 4.16
N LYS B 741 26.86 37.06 4.68
CA LYS B 741 27.09 36.07 5.74
C LYS B 741 26.72 34.63 5.33
N LEU B 742 26.68 34.37 4.01
CA LEU B 742 26.36 33.05 3.45
C LEU B 742 27.49 32.05 3.68
N SER B 743 27.13 30.82 4.06
CA SER B 743 28.07 29.72 4.34
C SER B 743 27.88 28.53 3.39
N MET B 744 26.64 28.27 2.96
CA MET B 744 26.31 27.16 2.07
C MET B 744 25.37 27.60 0.93
N LEU B 745 25.69 27.17 -0.29
CA LEU B 745 24.92 27.48 -1.51
C LEU B 745 24.88 26.28 -2.46
N GLU B 746 23.68 25.75 -2.72
CA GLU B 746 23.45 24.59 -3.59
C GLU B 746 22.89 25.01 -4.95
N LEU B 747 23.51 24.53 -6.05
CA LEU B 747 23.12 24.83 -7.43
C LEU B 747 23.24 23.60 -8.37
N HIS B 748 23.41 22.40 -7.78
CA HIS B 748 23.55 21.13 -8.51
C HIS B 748 22.29 20.69 -9.25
N GLY B 749 22.48 20.13 -10.44
CA GLY B 749 21.40 19.65 -11.29
C GLY B 749 20.68 20.75 -12.04
N ASN B 750 21.37 21.86 -12.33
CA ASN B 750 20.85 23.02 -13.05
C ASN B 750 21.36 23.03 -14.50
N PRO B 751 20.55 23.43 -15.50
CA PRO B 751 21.05 23.46 -16.88
C PRO B 751 21.85 24.74 -17.15
N PHE B 752 23.12 24.74 -16.73
CA PHE B 752 24.05 25.88 -16.86
C PHE B 752 24.64 25.99 -18.26
N GLU B 753 24.65 27.22 -18.82
CA GLU B 753 25.22 27.52 -20.12
C GLU B 753 26.70 27.88 -19.90
N CYS B 754 27.60 26.92 -20.13
CA CYS B 754 29.04 27.09 -19.91
C CYS B 754 29.77 27.66 -21.14
N THR B 755 29.72 29.01 -21.26
CA THR B 755 30.36 29.78 -22.34
C THR B 755 31.23 30.90 -21.75
N CYS B 756 30.95 32.17 -22.11
CA CYS B 756 31.67 33.35 -21.62
C CYS B 756 30.84 34.13 -20.59
N ASP B 757 29.51 33.97 -20.63
CA ASP B 757 28.56 34.61 -19.72
C ASP B 757 28.66 34.04 -18.30
N ILE B 758 29.11 32.78 -18.18
CA ILE B 758 29.29 32.05 -16.91
C ILE B 758 30.58 32.48 -16.17
N GLY B 759 31.47 33.19 -16.88
CA GLY B 759 32.75 33.69 -16.38
C GLY B 759 32.65 34.63 -15.18
N ASP B 760 31.57 35.44 -15.12
CA ASP B 760 31.31 36.39 -14.03
C ASP B 760 31.02 35.66 -12.71
N PHE B 761 30.26 34.54 -12.77
CA PHE B 761 29.90 33.73 -11.60
C PHE B 761 31.10 32.90 -11.10
N ARG B 762 31.96 32.42 -12.03
CA ARG B 762 33.15 31.63 -11.72
C ARG B 762 34.19 32.44 -10.94
N ARG B 763 34.32 33.75 -11.27
CA ARG B 763 35.24 34.68 -10.60
C ARG B 763 34.77 34.98 -9.18
N TRP B 764 33.45 34.97 -8.95
CA TRP B 764 32.81 35.20 -7.65
C TRP B 764 33.09 34.02 -6.70
N MET B 765 33.18 32.79 -7.25
CA MET B 765 33.46 31.55 -6.52
C MET B 765 34.88 31.57 -5.95
N ASP B 766 35.85 32.12 -6.71
CA ASP B 766 37.25 32.23 -6.32
C ASP B 766 37.46 33.31 -5.25
N GLU B 767 36.74 34.46 -5.38
CA GLU B 767 36.79 35.58 -4.45
C GLU B 767 36.14 35.21 -3.10
N HIS B 768 34.95 34.56 -3.16
CA HIS B 768 34.21 34.13 -1.98
C HIS B 768 34.40 32.63 -1.75
N LEU B 769 35.52 32.26 -1.10
CA LEU B 769 35.89 30.87 -0.79
C LEU B 769 35.08 30.30 0.38
N ASN B 770 34.76 31.13 1.39
CA ASN B 770 34.00 30.76 2.60
C ASN B 770 32.63 30.16 2.30
N VAL B 771 31.98 30.61 1.21
CA VAL B 771 30.67 30.14 0.77
C VAL B 771 30.88 28.76 0.12
N LYS B 772 30.70 27.71 0.94
CA LYS B 772 30.88 26.31 0.53
C LYS B 772 29.76 25.81 -0.37
N ILE B 773 30.13 25.30 -1.55
CA ILE B 773 29.18 24.75 -2.53
C ILE B 773 29.28 23.21 -2.49
N PRO B 774 28.24 22.51 -1.96
CA PRO B 774 28.32 21.04 -1.90
C PRO B 774 28.08 20.38 -3.25
N ARG B 775 28.55 19.11 -3.39
CA ARG B 775 28.47 18.23 -4.58
C ARG B 775 28.69 19.01 -5.90
N LEU B 776 29.94 19.47 -6.10
CA LEU B 776 30.36 20.24 -7.28
C LEU B 776 30.34 19.44 -8.58
N VAL B 777 30.47 18.10 -8.49
CA VAL B 777 30.46 17.18 -9.64
C VAL B 777 29.08 17.12 -10.32
N ASP B 778 28.00 17.28 -9.52
CA ASP B 778 26.61 17.24 -10.00
C ASP B 778 26.21 18.52 -10.75
N VAL B 779 27.00 19.61 -10.58
CA VAL B 779 26.78 20.90 -11.26
C VAL B 779 27.35 20.73 -12.69
N ILE B 780 26.55 20.11 -13.57
CA ILE B 780 26.91 19.77 -14.95
C ILE B 780 26.39 20.81 -15.96
N CYS B 781 27.25 21.19 -16.94
CA CYS B 781 26.94 22.13 -18.02
C CYS B 781 25.99 21.44 -19.00
N ALA B 782 24.94 22.14 -19.46
CA ALA B 782 23.97 21.61 -20.41
C ALA B 782 24.38 21.89 -21.86
N SER B 783 24.87 23.13 -22.13
CA SER B 783 25.31 23.59 -23.45
C SER B 783 26.66 24.33 -23.35
N PRO B 784 27.60 24.17 -24.32
CA PRO B 784 27.54 23.37 -25.56
C PRO B 784 27.80 21.87 -25.36
N GLY B 785 27.78 21.11 -26.45
CA GLY B 785 28.00 19.67 -26.47
C GLY B 785 29.37 19.22 -26.01
N ASP B 786 30.43 19.97 -26.40
CA ASP B 786 31.81 19.69 -26.02
C ASP B 786 32.09 19.94 -24.54
N GLN B 787 31.36 20.90 -23.92
CA GLN B 787 31.49 21.24 -22.50
C GLN B 787 30.50 20.47 -21.61
N ARG B 788 29.55 19.74 -22.23
CA ARG B 788 28.54 18.93 -21.55
C ARG B 788 29.17 17.72 -20.87
N GLY B 789 28.84 17.52 -19.59
CA GLY B 789 29.37 16.44 -18.78
C GLY B 789 30.29 16.91 -17.67
N LYS B 790 31.20 17.84 -18.00
CA LYS B 790 32.18 18.42 -17.07
C LYS B 790 31.55 19.44 -16.11
N SER B 791 32.19 19.63 -14.94
CA SER B 791 31.76 20.56 -13.90
C SER B 791 32.02 22.02 -14.28
N ILE B 792 31.33 22.96 -13.61
CA ILE B 792 31.45 24.41 -13.84
C ILE B 792 32.82 24.96 -13.37
N VAL B 793 33.42 24.33 -12.34
CA VAL B 793 34.71 24.74 -11.77
C VAL B 793 35.90 24.14 -12.59
N SER B 794 35.61 23.08 -13.39
CA SER B 794 36.60 22.39 -14.23
C SER B 794 36.94 23.14 -15.53
N LEU B 795 36.16 24.20 -15.87
CA LEU B 795 36.35 25.03 -17.07
C LEU B 795 37.67 25.80 -17.07
N GLU B 796 38.28 25.96 -18.25
CA GLU B 796 39.55 26.66 -18.43
C GLU B 796 39.33 28.03 -19.08
#